data_2M5R
#
_entry.id   2M5R
#
loop_
_entity.id
_entity.type
_entity.pdbx_description
1 polymer 'Acyl carrier protein'
2 non-polymer "4'-PHOSPHOPANTETHEINE"
#
_entity_poly.entity_id   1
_entity_poly.type   'polypeptide(L)'
_entity_poly.pdbx_seq_one_letter_code
;MNDVLTRVLEVVKNFEKVDASKVTPESHFVKDLGLNSLDVVEVVFAIEQEFILDIPDHDAEKIQSIPDAVEYIAQNPMAK
;
_entity_poly.pdbx_strand_id   A
#
loop_
_chem_comp.id
_chem_comp.type
_chem_comp.name
_chem_comp.formula
PNS non-polymer 4'-PHOSPHOPANTETHEINE 'C11 H23 N2 O7 P S'
#
# COMPACT_ATOMS: atom_id res chain seq x y z
N MET A 1 -9.59 9.43 2.46
CA MET A 1 -8.60 10.12 1.60
C MET A 1 -8.41 9.37 0.29
N ASN A 2 -9.02 9.87 -0.78
CA ASN A 2 -8.91 9.25 -2.09
C ASN A 2 -7.53 9.47 -2.69
N ASP A 3 -6.91 10.60 -2.35
CA ASP A 3 -5.60 10.93 -2.87
C ASP A 3 -4.60 9.80 -2.65
N VAL A 4 -4.71 9.15 -1.50
CA VAL A 4 -3.82 8.05 -1.15
C VAL A 4 -4.10 6.81 -1.99
N LEU A 5 -5.39 6.46 -2.12
CA LEU A 5 -5.79 5.28 -2.88
C LEU A 5 -5.52 5.45 -4.38
N THR A 6 -5.67 6.68 -4.85
CA THR A 6 -5.46 6.97 -6.26
C THR A 6 -4.03 6.73 -6.70
N ARG A 7 -3.10 7.41 -6.03
CA ARG A 7 -1.69 7.29 -6.34
C ARG A 7 -1.11 6.00 -5.78
N VAL A 8 -1.51 5.66 -4.57
CA VAL A 8 -1.04 4.45 -3.92
C VAL A 8 -1.52 3.20 -4.65
N LEU A 9 -2.82 3.14 -4.91
CA LEU A 9 -3.41 2.01 -5.61
C LEU A 9 -2.87 1.89 -7.03
N GLU A 10 -2.81 3.03 -7.73
CA GLU A 10 -2.30 3.06 -9.09
C GLU A 10 -0.83 2.69 -9.13
N VAL A 11 -0.12 3.08 -8.08
CA VAL A 11 1.31 2.82 -7.98
C VAL A 11 1.61 1.34 -8.02
N VAL A 12 0.97 0.59 -7.13
CA VAL A 12 1.16 -0.85 -7.05
C VAL A 12 0.54 -1.55 -8.26
N LYS A 13 -0.68 -1.16 -8.61
CA LYS A 13 -1.37 -1.74 -9.75
C LYS A 13 -0.52 -1.65 -11.01
N ASN A 14 0.07 -0.48 -11.24
CA ASN A 14 0.90 -0.27 -12.41
C ASN A 14 2.36 -0.64 -12.13
N PHE A 15 2.65 -1.03 -10.89
CA PHE A 15 4.00 -1.40 -10.52
C PHE A 15 4.27 -2.87 -10.82
N GLU A 16 3.24 -3.58 -11.30
CA GLU A 16 3.37 -5.00 -11.62
C GLU A 16 3.10 -5.85 -10.39
N LYS A 17 2.27 -5.34 -9.49
CA LYS A 17 1.95 -6.06 -8.27
C LYS A 17 0.67 -6.88 -8.44
N VAL A 18 -0.35 -6.27 -9.01
CA VAL A 18 -1.62 -6.94 -9.24
C VAL A 18 -2.66 -5.99 -9.82
N ASP A 19 -3.48 -6.51 -10.72
CA ASP A 19 -4.52 -5.71 -11.36
C ASP A 19 -5.58 -5.28 -10.35
N ALA A 20 -5.93 -4.00 -10.38
CA ALA A 20 -6.93 -3.47 -9.46
C ALA A 20 -8.28 -4.17 -9.65
N SER A 21 -8.50 -4.70 -10.85
CA SER A 21 -9.73 -5.39 -11.17
C SER A 21 -9.85 -6.69 -10.38
N LYS A 22 -8.71 -7.22 -9.96
CA LYS A 22 -8.67 -8.46 -9.20
C LYS A 22 -8.62 -8.18 -7.70
N VAL A 23 -8.29 -6.95 -7.34
CA VAL A 23 -8.20 -6.55 -5.95
C VAL A 23 -9.59 -6.41 -5.32
N THR A 24 -9.81 -7.13 -4.23
CA THR A 24 -11.08 -7.09 -3.53
C THR A 24 -10.92 -6.46 -2.14
N PRO A 25 -12.03 -6.03 -1.54
CA PRO A 25 -12.02 -5.40 -0.21
C PRO A 25 -11.37 -6.31 0.84
N GLU A 26 -11.58 -7.62 0.69
CA GLU A 26 -11.02 -8.59 1.62
C GLU A 26 -9.82 -9.30 0.99
N SER A 27 -9.39 -8.82 -0.17
CA SER A 27 -8.25 -9.41 -0.87
C SER A 27 -6.99 -9.35 -0.02
N HIS A 28 -6.28 -10.47 0.07
CA HIS A 28 -5.06 -10.54 0.84
C HIS A 28 -3.85 -10.19 -0.02
N PHE A 29 -2.83 -9.62 0.61
CA PHE A 29 -1.62 -9.23 -0.09
C PHE A 29 -0.76 -10.45 -0.44
N VAL A 30 0.53 -10.34 -0.19
CA VAL A 30 1.45 -11.43 -0.47
C VAL A 30 0.76 -12.77 -0.49
N LYS A 31 -0.17 -12.94 0.44
CA LYS A 31 -0.93 -14.19 0.56
C LYS A 31 -1.87 -14.38 -0.62
N ASP A 32 -2.65 -13.35 -0.93
CA ASP A 32 -3.59 -13.41 -2.03
C ASP A 32 -2.94 -12.97 -3.33
N LEU A 33 -1.66 -12.62 -3.26
CA LEU A 33 -0.91 -12.19 -4.44
C LEU A 33 -0.22 -10.85 -4.18
N GLY A 34 0.51 -10.76 -3.06
CA GLY A 34 1.19 -9.54 -2.71
C GLY A 34 2.30 -9.20 -3.68
N LEU A 35 2.92 -8.04 -3.48
CA LEU A 35 4.01 -7.58 -4.33
C LEU A 35 5.36 -8.06 -3.80
N ASN A 36 6.34 -8.15 -4.70
CA ASN A 36 7.68 -8.59 -4.33
C ASN A 36 8.20 -7.80 -3.14
N SER A 37 9.14 -8.41 -2.40
CA SER A 37 9.72 -7.77 -1.23
C SER A 37 10.39 -6.46 -1.61
N LEU A 38 11.33 -6.55 -2.54
CA LEU A 38 12.05 -5.37 -2.99
C LEU A 38 11.10 -4.38 -3.68
N ASP A 39 9.94 -4.89 -4.06
CA ASP A 39 8.93 -4.06 -4.71
C ASP A 39 8.11 -3.32 -3.66
N VAL A 40 7.96 -3.96 -2.51
CA VAL A 40 7.22 -3.37 -1.40
C VAL A 40 8.01 -2.23 -0.79
N VAL A 41 9.33 -2.43 -0.67
CA VAL A 41 10.21 -1.42 -0.11
C VAL A 41 10.19 -0.16 -0.97
N GLU A 42 10.41 -0.34 -2.26
CA GLU A 42 10.41 0.79 -3.19
C GLU A 42 9.08 1.52 -3.14
N VAL A 43 8.00 0.75 -3.12
CA VAL A 43 6.66 1.32 -3.05
C VAL A 43 6.46 2.12 -1.77
N VAL A 44 6.88 1.54 -0.66
CA VAL A 44 6.76 2.20 0.63
C VAL A 44 7.47 3.54 0.60
N PHE A 45 8.56 3.60 -0.17
CA PHE A 45 9.34 4.82 -0.30
C PHE A 45 8.57 5.82 -1.15
N ALA A 46 7.67 5.30 -1.98
CA ALA A 46 6.85 6.14 -2.84
C ALA A 46 5.77 6.85 -2.04
N ILE A 47 4.90 6.04 -1.44
CA ILE A 47 3.82 6.56 -0.63
C ILE A 47 4.36 7.47 0.47
N GLU A 48 5.44 7.03 1.11
CA GLU A 48 6.06 7.81 2.17
C GLU A 48 6.40 9.20 1.66
N GLN A 49 6.81 9.26 0.41
CA GLN A 49 7.16 10.53 -0.22
C GLN A 49 5.96 11.47 -0.19
N GLU A 50 4.79 10.94 -0.53
CA GLU A 50 3.57 11.72 -0.53
C GLU A 50 2.67 11.34 0.64
N PHE A 51 3.30 11.00 1.77
CA PHE A 51 2.57 10.61 2.96
C PHE A 51 3.18 11.23 4.21
N ILE A 52 4.34 11.87 4.06
CA ILE A 52 5.02 12.50 5.20
C ILE A 52 5.15 11.53 6.37
N LEU A 53 5.45 10.28 6.06
CA LEU A 53 5.63 9.26 7.08
C LEU A 53 6.07 7.94 6.46
N ASP A 54 7.06 7.30 7.08
CA ASP A 54 7.58 6.04 6.59
C ASP A 54 6.69 4.87 6.99
N ILE A 55 6.55 3.90 6.10
CA ILE A 55 5.72 2.73 6.36
C ILE A 55 6.56 1.45 6.42
N PRO A 56 7.90 1.56 6.32
CA PRO A 56 8.78 0.40 6.37
C PRO A 56 8.89 -0.21 7.77
N ASP A 57 9.95 -0.96 8.00
CA ASP A 57 10.17 -1.60 9.30
C ASP A 57 9.01 -2.53 9.66
N HIS A 58 9.11 -3.17 10.81
CA HIS A 58 8.07 -4.08 11.26
C HIS A 58 6.69 -3.51 10.98
N ASP A 59 6.61 -2.20 10.83
CA ASP A 59 5.35 -1.53 10.54
C ASP A 59 4.75 -2.02 9.23
N ALA A 60 5.59 -2.09 8.20
CA ALA A 60 5.16 -2.54 6.89
C ALA A 60 5.09 -4.06 6.81
N GLU A 61 5.85 -4.72 7.68
CA GLU A 61 5.89 -6.18 7.72
C GLU A 61 4.64 -6.73 8.38
N LYS A 62 4.15 -6.02 9.39
CA LYS A 62 2.96 -6.44 10.12
C LYS A 62 1.70 -6.25 9.28
N ILE A 63 1.89 -5.90 8.01
CA ILE A 63 0.78 -5.69 7.10
C ILE A 63 0.66 -6.83 6.10
N GLN A 64 -0.51 -7.48 6.10
CA GLN A 64 -0.77 -8.58 5.20
C GLN A 64 -1.92 -8.26 4.25
N SER A 65 -2.88 -7.49 4.74
CA SER A 65 -4.03 -7.10 3.93
C SER A 65 -3.75 -5.83 3.15
N ILE A 66 -4.27 -5.78 1.92
CA ILE A 66 -4.08 -4.62 1.06
C ILE A 66 -4.84 -3.41 1.59
N PRO A 67 -6.11 -3.61 1.96
CA PRO A 67 -6.95 -2.52 2.49
C PRO A 67 -6.45 -2.00 3.83
N ASP A 68 -6.08 -2.92 4.71
CA ASP A 68 -5.58 -2.56 6.03
C ASP A 68 -4.32 -1.70 5.92
N ALA A 69 -3.60 -1.88 4.81
CA ALA A 69 -2.38 -1.14 4.57
C ALA A 69 -2.68 0.33 4.29
N VAL A 70 -3.39 0.56 3.21
CA VAL A 70 -3.76 1.92 2.80
C VAL A 70 -4.70 2.54 3.81
N GLU A 71 -5.29 1.72 4.67
CA GLU A 71 -6.21 2.19 5.68
C GLU A 71 -5.49 3.00 6.77
N TYR A 72 -4.45 2.39 7.35
CA TYR A 72 -3.68 3.06 8.39
C TYR A 72 -2.99 4.30 7.86
N ILE A 73 -2.32 4.16 6.73
CA ILE A 73 -1.61 5.28 6.11
C ILE A 73 -2.58 6.37 5.67
N ALA A 74 -3.70 5.94 5.10
CA ALA A 74 -4.72 6.86 4.62
C ALA A 74 -5.17 7.80 5.74
N GLN A 75 -5.28 7.25 6.94
CA GLN A 75 -5.70 8.02 8.09
C GLN A 75 -4.55 8.83 8.65
N ASN A 76 -3.33 8.44 8.30
CA ASN A 76 -2.14 9.13 8.76
C ASN A 76 -2.16 10.60 8.33
N PRO A 77 -2.23 10.85 7.01
CA PRO A 77 -2.26 12.21 6.47
C PRO A 77 -3.66 12.81 6.50
N MET A 78 -4.67 11.94 6.48
CA MET A 78 -6.06 12.39 6.50
C MET A 78 -6.41 13.01 7.85
N ALA A 79 -5.61 12.72 8.87
CA ALA A 79 -5.85 13.25 10.20
C ALA A 79 -5.02 12.51 11.25
N LYS A 80 -3.71 12.62 11.15
CA LYS A 80 -2.81 11.95 12.09
C LYS A 80 -3.47 11.79 13.46
P24 PNS B . 10.43 -10.43 1.20
O25 PNS B . 9.95 -10.60 2.73
O26 PNS B . 9.44 -11.21 0.21
O27 PNS B . 11.93 -11.02 1.04
C28 PNS B . 12.01 -11.78 -0.16
C29 PNS B . 13.17 -11.28 -1.00
C30 PNS B . 12.76 -11.26 -2.46
C31 PNS B . 13.55 -9.88 -0.57
C32 PNS B . 14.36 -12.21 -0.82
O33 PNS B . 14.08 -13.58 -1.08
C34 PNS B . 15.75 -11.68 -1.05
O35 PNS B . 16.64 -11.86 -0.22
N36 PNS B . 15.69 -10.61 -1.84
C37 PNS B . 15.66 -10.68 -3.29
C38 PNS B . 14.93 -11.92 -3.79
C39 PNS B . 15.72 -12.68 -4.83
O40 PNS B . 15.53 -12.50 -6.03
N41 PNS B . 16.91 -13.00 -4.33
C42 PNS B . 18.17 -12.87 -5.06
C43 PNS B . 18.43 -11.43 -5.49
S44 PNS B . 19.42 -10.57 -4.25
H282 PNS B . 11.10 -11.67 -0.73
H281 PNS B . 12.17 -12.81 0.07
H303 PNS B . 11.73 -10.98 -2.54
H302 PNS B . 12.90 -12.24 -2.89
H301 PNS B . 13.37 -10.54 -2.99
H313 PNS B . 12.76 -9.48 0.06
H312 PNS B . 13.67 -9.26 -1.43
H311 PNS B . 14.47 -9.93 0.00
H32 PNS B . 14.38 -12.24 0.25
H33 PNS B . 13.12 -13.72 -1.09
H36 PNS B . 15.69 -9.73 -1.42
H372 PNS B . 16.68 -10.70 -3.67
H371 PNS B . 15.16 -9.80 -3.67
H382 PNS B . 14.75 -12.56 -2.95
H381 PNS B . 14.00 -11.62 -4.23
H41 PNS B . 16.96 -13.36 -3.41
H422 PNS B . 18.98 -13.20 -4.44
H421 PNS B . 18.12 -13.49 -5.94
H431 PNS B . 18.97 -11.42 -6.42
H432 PNS B . 17.49 -10.91 -5.59
H44 PNS B . 19.16 -9.64 -4.25
N MET A 1 -7.13 10.15 2.71
CA MET A 1 -7.60 8.75 2.74
C MET A 1 -7.55 8.11 1.35
N ASN A 2 -8.24 8.74 0.40
CA ASN A 2 -8.28 8.24 -0.97
C ASN A 2 -6.93 8.46 -1.67
N ASP A 3 -6.26 9.53 -1.28
CA ASP A 3 -4.97 9.87 -1.88
C ASP A 3 -4.01 8.69 -1.86
N VAL A 4 -4.08 7.91 -0.78
CA VAL A 4 -3.21 6.75 -0.63
C VAL A 4 -3.61 5.62 -1.57
N LEU A 5 -4.89 5.31 -1.63
CA LEU A 5 -5.38 4.24 -2.48
C LEU A 5 -5.22 4.57 -3.96
N THR A 6 -5.50 5.81 -4.31
CA THR A 6 -5.41 6.27 -5.69
C THR A 6 -4.00 6.13 -6.26
N ARG A 7 -3.04 6.77 -5.59
CA ARG A 7 -1.65 6.74 -6.03
C ARG A 7 -0.98 5.43 -5.66
N VAL A 8 -1.16 5.03 -4.41
CA VAL A 8 -0.57 3.80 -3.90
C VAL A 8 -1.09 2.58 -4.65
N LEU A 9 -2.41 2.48 -4.76
CA LEU A 9 -3.04 1.35 -5.45
C LEU A 9 -2.69 1.36 -6.94
N GLU A 10 -2.75 2.55 -7.54
CA GLU A 10 -2.46 2.69 -8.96
C GLU A 10 -1.00 2.37 -9.24
N VAL A 11 -0.15 2.70 -8.29
CA VAL A 11 1.28 2.46 -8.42
C VAL A 11 1.61 0.98 -8.45
N VAL A 12 1.16 0.27 -7.42
CA VAL A 12 1.40 -1.16 -7.32
C VAL A 12 0.80 -1.91 -8.49
N LYS A 13 -0.43 -1.56 -8.84
CA LYS A 13 -1.13 -2.21 -9.94
C LYS A 13 -0.36 -2.04 -11.25
N ASN A 14 0.15 -0.82 -11.47
CA ASN A 14 0.89 -0.52 -12.68
C ASN A 14 2.34 -0.96 -12.56
N PHE A 15 2.71 -1.46 -11.38
CA PHE A 15 4.06 -1.91 -11.14
C PHE A 15 4.25 -3.35 -11.61
N GLU A 16 3.13 -4.02 -11.87
CA GLU A 16 3.16 -5.41 -12.32
C GLU A 16 3.01 -6.38 -11.15
N LYS A 17 2.78 -5.82 -9.97
CA LYS A 17 2.62 -6.62 -8.76
C LYS A 17 1.25 -7.28 -8.71
N VAL A 18 0.25 -6.59 -9.24
CA VAL A 18 -1.12 -7.12 -9.25
C VAL A 18 -2.05 -6.25 -10.10
N ASP A 19 -2.98 -6.91 -10.79
CA ASP A 19 -3.93 -6.21 -11.63
C ASP A 19 -5.02 -5.56 -10.80
N ALA A 20 -5.24 -4.26 -11.01
CA ALA A 20 -6.26 -3.53 -10.27
C ALA A 20 -7.62 -4.17 -10.44
N SER A 21 -7.86 -4.75 -11.61
CA SER A 21 -9.13 -5.38 -11.90
C SER A 21 -9.32 -6.66 -11.07
N LYS A 22 -8.20 -7.23 -10.63
CA LYS A 22 -8.24 -8.44 -9.82
C LYS A 22 -8.21 -8.11 -8.33
N VAL A 23 -7.84 -6.87 -8.02
CA VAL A 23 -7.78 -6.44 -6.63
C VAL A 23 -9.17 -6.15 -6.07
N THR A 24 -9.48 -6.81 -4.95
CA THR A 24 -10.78 -6.63 -4.30
C THR A 24 -10.60 -5.97 -2.94
N PRO A 25 -11.70 -5.51 -2.34
CA PRO A 25 -11.66 -4.87 -1.01
C PRO A 25 -11.11 -5.79 0.06
N GLU A 26 -11.42 -7.07 -0.06
CA GLU A 26 -10.95 -8.06 0.90
C GLU A 26 -9.81 -8.89 0.31
N SER A 27 -9.27 -8.42 -0.81
CA SER A 27 -8.18 -9.12 -1.47
C SER A 27 -6.90 -9.07 -0.66
N HIS A 28 -6.22 -10.20 -0.56
CA HIS A 28 -4.98 -10.30 0.19
C HIS A 28 -3.81 -9.75 -0.61
N PHE A 29 -2.86 -9.12 0.08
CA PHE A 29 -1.69 -8.55 -0.58
C PHE A 29 -0.78 -9.63 -1.15
N VAL A 30 0.53 -9.44 -1.01
CA VAL A 30 1.50 -10.39 -1.51
C VAL A 30 0.99 -11.82 -1.40
N LYS A 31 0.21 -12.07 -0.36
CA LYS A 31 -0.36 -13.40 -0.13
C LYS A 31 -1.30 -13.79 -1.26
N ASP A 32 -2.22 -12.90 -1.59
CA ASP A 32 -3.18 -13.14 -2.65
C ASP A 32 -2.62 -12.76 -4.01
N LEU A 33 -1.32 -12.48 -4.04
CA LEU A 33 -0.63 -12.08 -5.27
C LEU A 33 -0.29 -10.60 -5.23
N GLY A 34 0.18 -10.14 -4.07
CA GLY A 34 0.55 -8.75 -3.91
C GLY A 34 2.01 -8.49 -4.24
N LEU A 35 2.45 -7.27 -3.95
CA LEU A 35 3.83 -6.88 -4.21
C LEU A 35 4.79 -7.59 -3.25
N ASN A 36 6.00 -7.89 -3.74
CA ASN A 36 7.01 -8.55 -2.94
C ASN A 36 7.66 -7.57 -1.97
N SER A 37 8.74 -8.01 -1.33
CA SER A 37 9.46 -7.16 -0.39
C SER A 37 10.09 -5.96 -1.09
N LEU A 38 10.96 -6.25 -2.04
CA LEU A 38 11.64 -5.21 -2.81
C LEU A 38 10.66 -4.23 -3.41
N ASP A 39 9.53 -4.74 -3.86
CA ASP A 39 8.50 -3.90 -4.48
C ASP A 39 7.80 -3.05 -3.41
N VAL A 40 7.14 -3.73 -2.49
CA VAL A 40 6.43 -3.05 -1.42
C VAL A 40 7.27 -1.92 -0.84
N VAL A 41 8.59 -2.11 -0.88
CA VAL A 41 9.52 -1.11 -0.36
C VAL A 41 9.50 0.14 -1.23
N GLU A 42 9.66 -0.05 -2.54
CA GLU A 42 9.64 1.07 -3.47
C GLU A 42 8.33 1.84 -3.38
N VAL A 43 7.24 1.10 -3.32
CA VAL A 43 5.92 1.70 -3.22
C VAL A 43 5.77 2.48 -1.93
N VAL A 44 6.11 1.83 -0.82
CA VAL A 44 6.04 2.45 0.49
C VAL A 44 6.91 3.71 0.51
N PHE A 45 7.94 3.72 -0.32
CA PHE A 45 8.84 4.87 -0.40
C PHE A 45 8.20 5.97 -1.24
N ALA A 46 7.24 5.59 -2.08
CA ALA A 46 6.54 6.54 -2.93
C ALA A 46 5.68 7.47 -2.10
N ILE A 47 4.84 6.88 -1.26
CA ILE A 47 3.95 7.64 -0.40
C ILE A 47 4.76 8.44 0.63
N GLU A 48 5.88 7.86 1.07
CA GLU A 48 6.73 8.52 2.05
C GLU A 48 7.13 9.90 1.56
N GLN A 49 7.34 10.02 0.27
CA GLN A 49 7.72 11.28 -0.33
C GLN A 49 6.50 12.19 -0.51
N GLU A 50 5.35 11.58 -0.75
CA GLU A 50 4.12 12.34 -0.93
C GLU A 50 3.19 12.23 0.29
N PHE A 51 3.79 12.16 1.47
CA PHE A 51 3.02 12.06 2.71
C PHE A 51 3.80 12.56 3.93
N ILE A 52 5.13 12.61 3.84
CA ILE A 52 5.95 13.06 4.95
C ILE A 52 5.85 12.11 6.14
N LEU A 53 5.80 10.82 5.84
CA LEU A 53 5.70 9.79 6.86
C LEU A 53 6.19 8.45 6.32
N ASP A 54 6.89 7.70 7.16
CA ASP A 54 7.41 6.40 6.75
C ASP A 54 6.32 5.33 6.80
N ILE A 55 6.36 4.42 5.84
CA ILE A 55 5.38 3.34 5.76
C ILE A 55 6.01 1.98 6.04
N PRO A 56 7.26 1.77 5.55
CA PRO A 56 7.97 0.50 5.74
C PRO A 56 7.98 0.06 7.20
N ASP A 57 9.05 -0.64 7.60
CA ASP A 57 9.20 -1.12 8.96
C ASP A 57 8.13 -2.16 9.28
N HIS A 58 7.97 -2.47 10.56
CA HIS A 58 6.98 -3.44 11.00
C HIS A 58 5.57 -3.00 10.61
N ASP A 59 5.44 -1.73 10.24
CA ASP A 59 4.15 -1.18 9.85
C ASP A 59 3.69 -1.76 8.51
N ALA A 60 4.61 -1.81 7.55
CA ALA A 60 4.30 -2.34 6.22
C ALA A 60 4.43 -3.86 6.19
N GLU A 61 5.28 -4.39 7.05
CA GLU A 61 5.50 -5.83 7.13
C GLU A 61 4.37 -6.52 7.89
N LYS A 62 3.86 -5.84 8.92
CA LYS A 62 2.78 -6.38 9.73
C LYS A 62 1.44 -6.21 9.04
N ILE A 63 1.48 -5.68 7.82
CA ILE A 63 0.26 -5.46 7.05
C ILE A 63 0.15 -6.46 5.91
N GLN A 64 -0.96 -7.20 5.88
CA GLN A 64 -1.18 -8.20 4.85
C GLN A 64 -2.42 -7.86 4.02
N SER A 65 -3.47 -7.40 4.68
CA SER A 65 -4.71 -7.04 4.00
C SER A 65 -4.59 -5.66 3.35
N ILE A 66 -5.44 -5.43 2.35
CA ILE A 66 -5.42 -4.15 1.65
C ILE A 66 -5.86 -3.01 2.57
N PRO A 67 -6.88 -3.26 3.39
CA PRO A 67 -7.39 -2.25 4.33
C PRO A 67 -6.33 -1.76 5.30
N ASP A 68 -5.94 -2.61 6.24
CA ASP A 68 -4.93 -2.25 7.22
C ASP A 68 -3.75 -1.54 6.57
N ALA A 69 -3.57 -1.80 5.28
CA ALA A 69 -2.47 -1.20 4.53
C ALA A 69 -2.69 0.28 4.23
N VAL A 70 -3.31 0.54 3.09
CA VAL A 70 -3.57 1.92 2.65
C VAL A 70 -4.55 2.64 3.58
N GLU A 71 -5.24 1.87 4.40
CA GLU A 71 -6.20 2.44 5.34
C GLU A 71 -5.51 3.04 6.55
N TYR A 72 -4.51 2.32 7.08
CA TYR A 72 -3.78 2.80 8.24
C TYR A 72 -2.99 4.06 7.93
N ILE A 73 -2.25 4.04 6.83
CA ILE A 73 -1.46 5.20 6.44
C ILE A 73 -2.37 6.36 6.02
N ALA A 74 -3.54 6.02 5.51
CA ALA A 74 -4.51 7.02 5.06
C ALA A 74 -4.94 7.92 6.22
N GLN A 75 -5.12 7.31 7.38
CA GLN A 75 -5.53 8.04 8.56
C GLN A 75 -4.35 8.76 9.19
N ASN A 76 -3.16 8.23 8.94
CA ASN A 76 -1.94 8.81 9.47
C ASN A 76 -1.87 10.29 9.13
N PRO A 77 -1.82 10.63 7.83
CA PRO A 77 -1.76 12.01 7.38
C PRO A 77 -3.14 12.66 7.30
N MET A 78 -4.17 11.83 7.28
CA MET A 78 -5.54 12.32 7.20
C MET A 78 -5.96 13.04 8.49
N ALA A 79 -5.24 12.79 9.57
CA ALA A 79 -5.54 13.41 10.85
C ALA A 79 -4.40 13.24 11.84
N LYS A 80 -3.18 13.17 11.33
CA LYS A 80 -2.00 13.01 12.16
C LYS A 80 -2.30 13.38 13.61
P24 PNS B . 11.74 -10.12 0.54
O25 PNS B . 12.92 -9.06 0.80
O26 PNS B . 11.44 -10.93 1.90
O27 PNS B . 12.21 -11.15 -0.61
C28 PNS B . 13.63 -11.22 -0.64
C29 PNS B . 14.14 -10.52 -1.89
C30 PNS B . 13.47 -11.10 -3.10
C31 PNS B . 13.84 -9.05 -1.79
C32 PNS B . 15.65 -10.73 -1.99
O33 PNS B . 16.04 -12.06 -2.31
C34 PNS B . 16.53 -9.58 -2.40
O35 PNS B . 17.63 -9.41 -1.88
N36 PNS B . 16.26 -9.23 -3.66
C37 PNS B . 15.97 -10.20 -4.72
C38 PNS B . 17.23 -10.91 -5.19
C39 PNS B . 18.42 -9.97 -5.29
O40 PNS B . 18.92 -9.69 -6.38
N41 PNS B . 19.13 -10.04 -4.16
C42 PNS B . 20.09 -11.11 -3.88
C43 PNS B . 19.94 -12.29 -4.84
S44 PNS B . 21.22 -12.25 -6.10
H282 PNS B . 13.94 -12.26 -0.67
H281 PNS B . 14.04 -10.74 0.23
H303 PNS B . 13.46 -10.36 -3.89
H302 PNS B . 12.46 -11.38 -2.85
H301 PNS B . 14.01 -11.97 -3.43
H313 PNS B . 12.81 -8.87 -2.05
H312 PNS B . 14.49 -8.51 -2.48
H311 PNS B . 14.03 -8.71 -0.79
H32 PNS B . 15.89 -10.73 -0.94
H33 PNS B . 16.19 -12.13 -3.26
H36 PNS B . 16.24 -8.29 -3.90
H372 PNS B . 15.53 -9.68 -5.54
H371 PNS B . 15.28 -10.94 -4.33
H382 PNS B . 17.47 -11.70 -4.50
H381 PNS B . 17.04 -11.32 -6.17
H41 PNS B . 19.02 -9.34 -3.49
H422 PNS B . 21.09 -10.72 -3.97
H421 PNS B . 19.92 -11.46 -2.87
H431 PNS B . 20.01 -13.21 -4.29
H432 PNS B . 18.97 -12.22 -5.32
H44 PNS B . 22.00 -12.67 -5.75
N MET A 1 -7.35 9.34 2.68
CA MET A 1 -8.64 9.52 1.95
C MET A 1 -8.53 9.02 0.51
N ASN A 2 -9.30 9.64 -0.38
CA ASN A 2 -9.29 9.27 -1.78
C ASN A 2 -7.94 9.59 -2.42
N ASP A 3 -7.30 10.64 -1.94
CA ASP A 3 -6.01 11.06 -2.46
C ASP A 3 -4.96 9.96 -2.29
N VAL A 4 -4.97 9.34 -1.12
CA VAL A 4 -4.01 8.27 -0.83
C VAL A 4 -4.31 7.01 -1.63
N LEU A 5 -5.57 6.62 -1.67
CA LEU A 5 -5.98 5.43 -2.41
C LEU A 5 -5.81 5.63 -3.90
N THR A 6 -6.03 6.85 -4.35
CA THR A 6 -5.92 7.18 -5.76
C THR A 6 -4.52 6.89 -6.29
N ARG A 7 -3.53 7.51 -5.68
CA ARG A 7 -2.14 7.34 -6.09
C ARG A 7 -1.58 6.01 -5.60
N VAL A 8 -1.85 5.69 -4.34
CA VAL A 8 -1.37 4.44 -3.75
C VAL A 8 -1.93 3.22 -4.48
N LEU A 9 -3.24 3.20 -4.67
CA LEU A 9 -3.88 2.08 -5.36
C LEU A 9 -3.32 1.92 -6.76
N GLU A 10 -3.18 3.03 -7.48
CA GLU A 10 -2.64 3.01 -8.84
C GLU A 10 -1.18 2.56 -8.83
N VAL A 11 -0.49 2.93 -7.77
CA VAL A 11 0.92 2.58 -7.61
C VAL A 11 1.14 1.07 -7.62
N VAL A 12 0.44 0.38 -6.74
CA VAL A 12 0.55 -1.07 -6.64
C VAL A 12 0.01 -1.76 -7.89
N LYS A 13 -1.17 -1.33 -8.33
CA LYS A 13 -1.80 -1.92 -9.50
C LYS A 13 -0.84 -1.87 -10.70
N ASN A 14 -0.27 -0.70 -10.94
CA ASN A 14 0.66 -0.52 -12.04
C ASN A 14 2.06 -0.96 -11.65
N PHE A 15 2.22 -1.37 -10.40
CA PHE A 15 3.52 -1.81 -9.90
C PHE A 15 4.04 -2.98 -10.72
N GLU A 16 3.42 -4.13 -10.57
CA GLU A 16 3.82 -5.33 -11.29
C GLU A 16 3.10 -6.57 -10.78
N LYS A 17 2.66 -6.52 -9.52
CA LYS A 17 1.96 -7.64 -8.92
C LYS A 17 0.73 -8.04 -9.74
N VAL A 18 -0.09 -7.06 -10.09
CA VAL A 18 -1.29 -7.32 -10.87
C VAL A 18 -2.13 -6.06 -11.04
N ASP A 19 -3.18 -6.15 -11.85
CA ASP A 19 -4.06 -5.02 -12.10
C ASP A 19 -4.88 -4.70 -10.86
N ALA A 20 -5.16 -3.41 -10.66
CA ALA A 20 -5.94 -2.97 -9.51
C ALA A 20 -7.37 -3.50 -9.56
N SER A 21 -7.78 -3.94 -10.75
CA SER A 21 -9.13 -4.46 -10.94
C SER A 21 -9.32 -5.76 -10.18
N LYS A 22 -8.21 -6.41 -9.84
CA LYS A 22 -8.25 -7.67 -9.11
C LYS A 22 -8.26 -7.43 -7.60
N VAL A 23 -7.89 -6.21 -7.20
CA VAL A 23 -7.85 -5.86 -5.79
C VAL A 23 -9.25 -5.83 -5.18
N THR A 24 -9.42 -6.60 -4.11
CA THR A 24 -10.70 -6.68 -3.43
C THR A 24 -10.59 -6.08 -2.02
N PRO A 25 -11.74 -5.66 -1.45
CA PRO A 25 -11.77 -5.08 -0.11
C PRO A 25 -11.16 -6.01 0.94
N GLU A 26 -11.36 -7.31 0.75
CA GLU A 26 -10.83 -8.30 1.68
C GLU A 26 -9.61 -9.00 1.09
N SER A 27 -9.22 -8.57 -0.11
CA SER A 27 -8.07 -9.15 -0.80
C SER A 27 -6.79 -9.00 0.03
N HIS A 28 -6.06 -10.09 0.18
CA HIS A 28 -4.83 -10.08 0.95
C HIS A 28 -3.67 -9.51 0.12
N PHE A 29 -2.72 -8.86 0.80
CA PHE A 29 -1.58 -8.27 0.12
C PHE A 29 -0.68 -9.35 -0.47
N VAL A 30 0.63 -9.20 -0.25
CA VAL A 30 1.59 -10.16 -0.77
C VAL A 30 1.04 -11.58 -0.73
N LYS A 31 0.19 -11.83 0.25
CA LYS A 31 -0.42 -13.14 0.41
C LYS A 31 -1.36 -13.46 -0.75
N ASP A 32 -2.15 -12.47 -1.16
CA ASP A 32 -3.08 -12.65 -2.25
C ASP A 32 -2.42 -12.35 -3.59
N LEU A 33 -1.10 -12.22 -3.57
CA LEU A 33 -0.33 -11.93 -4.78
C LEU A 33 0.14 -10.49 -4.80
N GLY A 34 0.54 -9.99 -3.63
CA GLY A 34 1.02 -8.62 -3.53
C GLY A 34 2.45 -8.47 -3.99
N LEU A 35 2.97 -7.25 -3.92
CA LEU A 35 4.34 -6.97 -4.32
C LEU A 35 5.34 -7.68 -3.42
N ASN A 36 6.49 -8.04 -3.99
CA ASN A 36 7.53 -8.73 -3.22
C ASN A 36 8.13 -7.80 -2.18
N SER A 37 9.13 -8.30 -1.45
CA SER A 37 9.78 -7.53 -0.41
C SER A 37 10.50 -6.32 -1.00
N LEU A 38 11.03 -6.50 -2.20
CA LEU A 38 11.75 -5.42 -2.89
C LEU A 38 10.78 -4.41 -3.48
N ASP A 39 9.61 -4.88 -3.87
CA ASP A 39 8.58 -4.02 -4.44
C ASP A 39 7.90 -3.20 -3.36
N VAL A 40 7.64 -3.84 -2.23
CA VAL A 40 6.98 -3.18 -1.12
C VAL A 40 7.89 -2.09 -0.53
N VAL A 41 9.17 -2.39 -0.44
CA VAL A 41 10.14 -1.44 0.10
C VAL A 41 10.16 -0.16 -0.73
N GLU A 42 10.32 -0.30 -2.04
CA GLU A 42 10.34 0.85 -2.94
C GLU A 42 9.04 1.63 -2.83
N VAL A 43 7.94 0.92 -2.87
CA VAL A 43 6.62 1.53 -2.79
C VAL A 43 6.48 2.32 -1.50
N VAL A 44 6.96 1.74 -0.41
CA VAL A 44 6.89 2.38 0.89
C VAL A 44 7.59 3.73 0.87
N PHE A 45 8.66 3.81 0.09
CA PHE A 45 9.42 5.05 -0.04
C PHE A 45 8.65 6.05 -0.88
N ALA A 46 7.75 5.54 -1.72
CA ALA A 46 6.94 6.39 -2.58
C ALA A 46 5.93 7.18 -1.78
N ILE A 47 4.88 6.50 -1.35
CA ILE A 47 3.82 7.13 -0.57
C ILE A 47 4.41 7.92 0.59
N GLU A 48 5.37 7.33 1.29
CA GLU A 48 6.01 7.99 2.41
C GLU A 48 6.60 9.31 1.97
N GLN A 49 7.16 9.32 0.77
CA GLN A 49 7.75 10.52 0.20
C GLN A 49 6.74 11.66 0.19
N GLU A 50 5.53 11.37 -0.29
CA GLU A 50 4.48 12.36 -0.34
C GLU A 50 3.42 12.10 0.71
N PHE A 51 3.85 11.59 1.87
CA PHE A 51 2.95 11.30 2.97
C PHE A 51 3.59 11.60 4.32
N ILE A 52 4.82 12.11 4.29
CA ILE A 52 5.54 12.45 5.51
C ILE A 52 5.53 11.30 6.51
N LEU A 53 5.79 10.09 6.02
CA LEU A 53 5.82 8.90 6.88
C LEU A 53 6.23 7.67 6.07
N ASP A 54 7.13 6.88 6.65
CA ASP A 54 7.61 5.68 5.99
C ASP A 54 6.64 4.52 6.18
N ILE A 55 6.48 3.70 5.15
CA ILE A 55 5.58 2.56 5.20
C ILE A 55 6.34 1.25 5.43
N PRO A 56 7.69 1.26 5.30
CA PRO A 56 8.51 0.07 5.49
C PRO A 56 8.66 -0.30 6.97
N ASP A 57 9.69 -1.08 7.27
CA ASP A 57 9.95 -1.50 8.64
C ASP A 57 8.84 -2.41 9.15
N HIS A 58 8.71 -2.49 10.47
CA HIS A 58 7.68 -3.32 11.09
C HIS A 58 6.28 -2.86 10.68
N ASP A 59 6.17 -1.58 10.31
CA ASP A 59 4.89 -1.02 9.89
C ASP A 59 4.38 -1.70 8.63
N ALA A 60 5.26 -1.89 7.66
CA ALA A 60 4.90 -2.53 6.41
C ALA A 60 4.85 -4.05 6.56
N GLU A 61 5.59 -4.56 7.52
CA GLU A 61 5.64 -6.00 7.78
C GLU A 61 4.38 -6.46 8.51
N LYS A 62 3.83 -5.60 9.36
CA LYS A 62 2.64 -5.92 10.12
C LYS A 62 1.40 -5.90 9.22
N ILE A 63 1.63 -5.85 7.91
CA ILE A 63 0.53 -5.84 6.96
C ILE A 63 0.41 -7.18 6.23
N GLN A 64 -0.75 -7.80 6.34
CA GLN A 64 -1.00 -9.08 5.71
C GLN A 64 -2.13 -8.98 4.69
N SER A 65 -2.89 -7.89 4.76
CA SER A 65 -4.00 -7.68 3.84
C SER A 65 -3.96 -6.27 3.25
N ILE A 66 -4.62 -6.10 2.11
CA ILE A 66 -4.65 -4.82 1.42
C ILE A 66 -5.33 -3.76 2.27
N PRO A 67 -6.39 -4.14 3.01
CA PRO A 67 -7.14 -3.23 3.86
C PRO A 67 -6.23 -2.43 4.80
N ASP A 68 -5.67 -3.11 5.79
CA ASP A 68 -4.78 -2.46 6.74
C ASP A 68 -3.65 -1.71 6.03
N ALA A 69 -3.42 -2.08 4.77
CA ALA A 69 -2.38 -1.44 3.98
C ALA A 69 -2.70 0.02 3.71
N VAL A 70 -3.46 0.27 2.65
CA VAL A 70 -3.84 1.62 2.27
C VAL A 70 -4.75 2.26 3.32
N GLU A 71 -5.30 1.43 4.20
CA GLU A 71 -6.19 1.92 5.25
C GLU A 71 -5.42 2.71 6.30
N TYR A 72 -4.36 2.11 6.83
CA TYR A 72 -3.55 2.77 7.85
C TYR A 72 -2.84 3.99 7.29
N ILE A 73 -2.20 3.79 6.14
CA ILE A 73 -1.47 4.87 5.49
C ILE A 73 -2.41 5.98 5.05
N ALA A 74 -3.52 5.59 4.45
CA ALA A 74 -4.52 6.53 3.97
C ALA A 74 -4.98 7.46 5.09
N GLN A 75 -5.12 6.90 6.28
CA GLN A 75 -5.54 7.66 7.45
C GLN A 75 -4.38 8.46 8.02
N ASN A 76 -3.16 8.08 7.64
CA ASN A 76 -1.96 8.76 8.12
C ASN A 76 -1.96 10.22 7.68
N PRO A 77 -2.05 10.46 6.37
CA PRO A 77 -2.07 11.81 5.82
C PRO A 77 -3.42 12.50 6.00
N MET A 78 -4.48 11.72 5.92
CA MET A 78 -5.84 12.26 6.08
C MET A 78 -6.10 12.63 7.53
N ALA A 79 -5.29 12.08 8.43
CA ALA A 79 -5.42 12.35 9.85
C ALA A 79 -4.55 13.53 10.27
N LYS A 80 -3.44 13.70 9.56
CA LYS A 80 -2.51 14.80 9.84
C LYS A 80 -2.99 15.63 11.03
P24 PNS B . 11.06 -10.67 1.30
O25 PNS B . 11.53 -10.76 2.84
O26 PNS B . 10.25 -12.00 0.91
O27 PNS B . 12.34 -10.51 0.35
C28 PNS B . 13.31 -9.70 0.99
C29 PNS B . 14.10 -8.92 -0.06
C30 PNS B . 13.67 -9.35 -1.43
C31 PNS B . 13.83 -7.44 0.11
C32 PNS B . 15.59 -9.19 0.12
O33 PNS B . 15.88 -10.43 0.77
C34 PNS B . 16.57 -8.62 -0.86
O35 PNS B . 17.52 -7.94 -0.47
N36 PNS B . 15.97 -8.42 -2.03
C37 PNS B . 15.80 -9.47 -3.03
C38 PNS B . 16.64 -9.22 -4.27
C39 PNS B . 18.04 -8.74 -3.93
O40 PNS B . 18.82 -8.39 -4.82
N41 PNS B . 18.44 -9.30 -2.80
C42 PNS B . 19.75 -9.07 -2.21
C43 PNS B . 19.80 -9.50 -0.75
S44 PNS B . 19.04 -11.12 -0.52
H282 PNS B . 14.00 -10.30 1.56
H281 PNS B . 12.82 -8.99 1.65
H303 PNS B . 12.61 -9.57 -1.43
H302 PNS B . 14.21 -10.24 -1.72
H301 PNS B . 13.86 -8.56 -2.13
H313 PNS B . 12.78 -7.28 0.19
H312 PNS B . 14.23 -6.91 -0.74
H311 PNS B . 14.32 -7.09 1.01
H32 PNS B . 15.78 -8.52 0.94
H33 PNS B . 15.74 -10.32 1.72
H36 PNS B . 15.62 -7.54 -2.23
H372 PNS B . 14.76 -9.52 -3.33
H371 PNS B . 16.09 -10.42 -2.60
H382 PNS B . 16.71 -10.14 -4.83
H381 PNS B . 16.15 -8.47 -4.87
H41 PNS B . 17.83 -9.90 -2.33
H422 PNS B . 20.49 -9.64 -2.76
H421 PNS B . 19.99 -8.02 -2.27
H431 PNS B . 20.83 -9.55 -0.43
H432 PNS B . 19.27 -8.78 -0.14
H44 PNS B . 18.92 -11.26 0.42
N MET A 1 -7.35 13.39 0.63
CA MET A 1 -8.15 12.17 0.90
C MET A 1 -8.07 11.20 -0.27
N ASN A 2 -8.92 11.42 -1.27
CA ASN A 2 -8.96 10.57 -2.45
C ASN A 2 -7.61 10.58 -3.17
N ASP A 3 -6.92 11.70 -3.09
CA ASP A 3 -5.62 11.85 -3.73
C ASP A 3 -4.64 10.77 -3.29
N VAL A 4 -4.78 10.31 -2.05
CA VAL A 4 -3.88 9.30 -1.50
C VAL A 4 -4.12 7.92 -2.12
N LEU A 5 -5.35 7.43 -2.03
CA LEU A 5 -5.69 6.12 -2.58
C LEU A 5 -5.64 6.12 -4.10
N THR A 6 -6.01 7.25 -4.69
CA THR A 6 -6.02 7.38 -6.16
C THR A 6 -4.61 7.23 -6.73
N ARG A 7 -3.69 8.01 -6.20
CA ARG A 7 -2.31 8.00 -6.66
C ARG A 7 -1.57 6.79 -6.12
N VAL A 8 -1.68 6.57 -4.81
CA VAL A 8 -1.03 5.46 -4.16
C VAL A 8 -1.51 4.13 -4.72
N LEU A 9 -2.82 3.96 -4.78
CA LEU A 9 -3.41 2.73 -5.30
C LEU A 9 -2.93 2.45 -6.72
N GLU A 10 -2.92 3.49 -7.55
CA GLU A 10 -2.49 3.36 -8.93
C GLU A 10 -1.02 2.96 -9.02
N VAL A 11 -0.23 3.44 -8.06
CA VAL A 11 1.20 3.14 -8.03
C VAL A 11 1.45 1.65 -7.84
N VAL A 12 0.72 1.06 -6.91
CA VAL A 12 0.87 -0.36 -6.61
C VAL A 12 0.32 -1.21 -7.75
N LYS A 13 -0.89 -0.90 -8.19
CA LYS A 13 -1.54 -1.64 -9.27
C LYS A 13 -0.71 -1.58 -10.55
N ASN A 14 -0.29 -0.37 -10.93
CA ASN A 14 0.49 -0.19 -12.14
C ASN A 14 1.97 -0.45 -11.88
N PHE A 15 2.31 -0.72 -10.62
CA PHE A 15 3.69 -0.99 -10.24
C PHE A 15 4.18 -2.29 -10.84
N GLU A 16 3.29 -3.27 -10.92
CA GLU A 16 3.62 -4.58 -11.49
C GLU A 16 3.39 -5.69 -10.47
N LYS A 17 3.14 -5.32 -9.22
CA LYS A 17 2.92 -6.30 -8.16
C LYS A 17 1.64 -7.09 -8.42
N VAL A 18 0.63 -6.42 -8.96
CA VAL A 18 -0.64 -7.07 -9.25
C VAL A 18 -1.67 -6.07 -9.77
N ASP A 19 -2.48 -6.50 -10.72
CA ASP A 19 -3.51 -5.65 -11.31
C ASP A 19 -4.67 -5.45 -10.33
N ALA A 20 -5.28 -4.27 -10.39
CA ALA A 20 -6.40 -3.96 -9.52
C ALA A 20 -7.57 -4.90 -9.77
N SER A 21 -7.56 -5.55 -10.92
CA SER A 21 -8.62 -6.49 -11.29
C SER A 21 -8.62 -7.70 -10.37
N LYS A 22 -7.51 -7.91 -9.67
CA LYS A 22 -7.38 -9.03 -8.75
C LYS A 22 -7.52 -8.58 -7.31
N VAL A 23 -7.40 -7.28 -7.07
CA VAL A 23 -7.51 -6.72 -5.73
C VAL A 23 -8.96 -6.51 -5.34
N THR A 24 -9.35 -7.10 -4.21
CA THR A 24 -10.70 -6.98 -3.71
C THR A 24 -10.74 -6.20 -2.41
N PRO A 25 -11.92 -5.68 -2.04
CA PRO A 25 -12.09 -4.90 -0.80
C PRO A 25 -11.65 -5.69 0.43
N GLU A 26 -11.88 -6.99 0.40
CA GLU A 26 -11.50 -7.86 1.51
C GLU A 26 -10.25 -8.67 1.17
N SER A 27 -9.80 -8.54 -0.07
CA SER A 27 -8.61 -9.26 -0.52
C SER A 27 -7.39 -8.88 0.31
N HIS A 28 -6.66 -9.90 0.76
CA HIS A 28 -5.46 -9.68 1.57
C HIS A 28 -4.27 -9.31 0.69
N PHE A 29 -3.37 -8.50 1.24
CA PHE A 29 -2.19 -8.07 0.50
C PHE A 29 -1.24 -9.24 0.23
N VAL A 30 -0.43 -9.56 1.23
CA VAL A 30 0.53 -10.65 1.12
C VAL A 30 -0.14 -11.97 0.79
N LYS A 31 -1.36 -12.13 1.27
CA LYS A 31 -2.13 -13.34 1.04
C LYS A 31 -2.69 -13.37 -0.38
N ASP A 32 -2.77 -12.21 -1.01
CA ASP A 32 -3.30 -12.11 -2.38
C ASP A 32 -2.19 -12.34 -3.40
N LEU A 33 -0.98 -12.59 -2.93
CA LEU A 33 0.15 -12.82 -3.81
C LEU A 33 1.43 -12.22 -3.24
N GLY A 34 1.29 -11.46 -2.16
CA GLY A 34 2.44 -10.83 -1.53
C GLY A 34 3.56 -10.53 -2.52
N LEU A 35 3.71 -9.26 -2.85
CA LEU A 35 4.75 -8.83 -3.79
C LEU A 35 6.13 -9.08 -3.21
N ASN A 36 7.12 -9.21 -4.09
CA ASN A 36 8.49 -9.44 -3.66
C ASN A 36 8.97 -8.32 -2.74
N SER A 37 10.20 -8.45 -2.25
CA SER A 37 10.77 -7.46 -1.34
C SER A 37 10.92 -6.11 -2.03
N LEU A 38 11.56 -6.12 -3.19
CA LEU A 38 11.79 -4.91 -3.96
C LEU A 38 10.47 -4.20 -4.27
N ASP A 39 9.36 -4.89 -4.03
CA ASP A 39 8.04 -4.33 -4.29
C ASP A 39 7.61 -3.43 -3.13
N VAL A 40 6.83 -4.00 -2.22
CA VAL A 40 6.36 -3.25 -1.06
C VAL A 40 7.39 -2.23 -0.61
N VAL A 41 8.66 -2.59 -0.73
CA VAL A 41 9.75 -1.70 -0.33
C VAL A 41 9.79 -0.45 -1.20
N GLU A 42 9.90 -0.64 -2.51
CA GLU A 42 9.94 0.48 -3.45
C GLU A 42 8.71 1.36 -3.29
N VAL A 43 7.56 0.72 -3.08
CA VAL A 43 6.31 1.44 -2.91
C VAL A 43 6.29 2.23 -1.61
N VAL A 44 6.79 1.62 -0.56
CA VAL A 44 6.83 2.28 0.74
C VAL A 44 7.61 3.58 0.66
N PHE A 45 8.58 3.62 -0.25
CA PHE A 45 9.39 4.80 -0.45
C PHE A 45 8.62 5.83 -1.26
N ALA A 46 7.75 5.34 -2.14
CA ALA A 46 6.94 6.21 -2.98
C ALA A 46 5.86 6.91 -2.17
N ILE A 47 4.81 6.17 -1.86
CA ILE A 47 3.69 6.71 -1.10
C ILE A 47 4.19 7.51 0.10
N GLU A 48 5.13 6.94 0.84
CA GLU A 48 5.69 7.62 2.00
C GLU A 48 6.22 8.99 1.62
N GLN A 49 6.79 9.05 0.42
CA GLN A 49 7.35 10.31 -0.08
C GLN A 49 6.28 11.39 -0.11
N GLU A 50 5.12 11.07 -0.69
CA GLU A 50 4.02 12.01 -0.76
C GLU A 50 2.92 11.63 0.23
N PHE A 51 3.32 11.10 1.37
CA PHE A 51 2.38 10.69 2.40
C PHE A 51 2.75 11.27 3.75
N ILE A 52 4.00 11.75 3.88
CA ILE A 52 4.47 12.33 5.12
C ILE A 52 4.53 11.29 6.23
N LEU A 53 4.98 10.08 5.87
CA LEU A 53 5.08 9.00 6.82
C LEU A 53 5.94 7.86 6.26
N ASP A 54 6.33 6.93 7.12
CA ASP A 54 7.16 5.80 6.70
C ASP A 54 6.45 4.48 6.98
N ILE A 55 6.63 3.53 6.08
CA ILE A 55 6.02 2.21 6.22
C ILE A 55 7.08 1.11 6.25
N PRO A 56 8.32 1.45 6.64
CA PRO A 56 9.42 0.49 6.70
C PRO A 56 9.34 -0.40 7.93
N ASP A 57 10.40 -1.16 8.17
CA ASP A 57 10.46 -2.06 9.31
C ASP A 57 9.11 -2.76 9.53
N HIS A 58 8.83 -3.10 10.78
CA HIS A 58 7.59 -3.78 11.14
C HIS A 58 6.38 -2.96 10.67
N ASP A 59 6.63 -1.73 10.25
CA ASP A 59 5.57 -0.86 9.78
C ASP A 59 4.90 -1.43 8.53
N ALA A 60 5.71 -1.91 7.60
CA ALA A 60 5.20 -2.49 6.36
C ALA A 60 4.92 -3.97 6.53
N GLU A 61 5.66 -4.60 7.44
CA GLU A 61 5.50 -6.03 7.70
C GLU A 61 4.22 -6.31 8.48
N LYS A 62 3.77 -5.31 9.24
CA LYS A 62 2.56 -5.45 10.04
C LYS A 62 1.31 -5.41 9.16
N ILE A 63 1.53 -5.47 7.85
CA ILE A 63 0.42 -5.44 6.90
C ILE A 63 0.21 -6.81 6.25
N GLN A 64 -0.99 -7.35 6.41
CA GLN A 64 -1.33 -8.64 5.86
C GLN A 64 -2.46 -8.52 4.84
N SER A 65 -3.46 -7.72 5.17
CA SER A 65 -4.60 -7.52 4.29
C SER A 65 -4.53 -6.15 3.61
N ILE A 66 -5.16 -6.05 2.44
CA ILE A 66 -5.16 -4.79 1.69
C ILE A 66 -5.87 -3.70 2.47
N PRO A 67 -6.95 -4.06 3.19
CA PRO A 67 -7.72 -3.10 3.98
C PRO A 67 -6.84 -2.29 4.93
N ASP A 68 -6.32 -2.95 5.97
CA ASP A 68 -5.46 -2.30 6.94
C ASP A 68 -4.30 -1.60 6.25
N ALA A 69 -4.02 -2.02 5.02
CA ALA A 69 -2.93 -1.44 4.25
C ALA A 69 -3.19 0.03 3.95
N VAL A 70 -3.90 0.28 2.86
CA VAL A 70 -4.22 1.65 2.46
C VAL A 70 -5.13 2.32 3.46
N GLU A 71 -5.75 1.52 4.33
CA GLU A 71 -6.65 2.05 5.34
C GLU A 71 -5.89 2.85 6.40
N TYR A 72 -4.86 2.22 6.98
CA TYR A 72 -4.05 2.88 8.00
C TYR A 72 -3.32 4.09 7.43
N ILE A 73 -2.66 3.87 6.31
CA ILE A 73 -1.90 4.93 5.64
C ILE A 73 -2.83 6.04 5.16
N ALA A 74 -4.03 5.67 4.78
CA ALA A 74 -5.02 6.64 4.31
C ALA A 74 -5.41 7.60 5.42
N GLN A 75 -5.75 7.02 6.56
CA GLN A 75 -6.15 7.81 7.72
C GLN A 75 -4.94 8.39 8.43
N ASN A 76 -4.31 7.56 9.25
CA ASN A 76 -3.13 8.00 9.99
C ASN A 76 -2.43 9.13 9.24
N PRO A 77 -1.78 8.81 8.11
CA PRO A 77 -1.09 9.82 7.29
C PRO A 77 -2.02 10.96 6.86
N MET A 78 -3.28 10.63 6.59
CA MET A 78 -4.25 11.63 6.17
C MET A 78 -4.30 12.79 7.16
N ALA A 79 -3.80 12.54 8.37
CA ALA A 79 -3.79 13.56 9.40
C ALA A 79 -2.45 13.58 10.15
N LYS A 80 -1.48 12.86 9.60
CA LYS A 80 -0.16 12.79 10.23
C LYS A 80 -0.22 13.18 11.70
P24 PNS B . 13.03 -10.17 -0.27
O25 PNS B . 14.47 -9.51 -0.52
O26 PNS B . 13.13 -11.21 0.97
O27 PNS B . 12.54 -10.95 -1.59
C28 PNS B . 13.49 -10.73 -2.64
C29 PNS B . 12.80 -10.89 -3.98
C30 PNS B . 11.47 -11.56 -3.79
C31 PNS B . 12.60 -9.54 -4.60
C32 PNS B . 13.67 -11.75 -4.89
O33 PNS B . 12.97 -12.33 -5.99
C34 PNS B . 15.13 -11.44 -5.02
O35 PNS B . 15.98 -12.13 -4.45
N36 PNS B . 15.29 -10.14 -5.26
C37 PNS B . 16.32 -9.33 -4.61
C38 PNS B . 17.65 -9.36 -5.35
C39 PNS B . 18.81 -9.66 -4.43
O40 PNS B . 19.65 -8.80 -4.18
N41 PNS B . 18.47 -10.60 -3.55
C42 PNS B . 18.83 -12.01 -3.70
C43 PNS B . 18.29 -12.62 -4.98
S44 PNS B . 19.60 -13.40 -5.94
H282 PNS B . 14.29 -11.45 -2.57
H281 PNS B . 13.89 -9.73 -2.56
H303 PNS B . 11.12 -11.96 -4.72
H302 PNS B . 10.76 -10.84 -3.42
H301 PNS B . 11.56 -12.36 -3.07
H313 PNS B . 12.15 -9.65 -5.58
H312 PNS B . 13.56 -9.03 -4.69
H311 PNS B . 11.95 -8.95 -3.97
H32 PNS B . 13.75 -12.62 -4.26
H33 PNS B . 12.19 -11.81 -6.18
H36 PNS B . 14.71 -9.70 -5.91
H372 PNS B . 16.47 -9.68 -3.60
H371 PNS B . 15.97 -8.30 -4.57
H382 PNS B . 17.60 -10.14 -6.10
H381 PNS B . 17.80 -8.41 -5.82
H41 PNS B . 17.93 -10.35 -2.77
H422 PNS B . 19.91 -12.08 -3.70
H421 PNS B . 18.44 -12.55 -2.86
H431 PNS B . 17.55 -13.37 -4.73
H432 PNS B . 17.84 -11.84 -5.58
H44 PNS B . 20.44 -13.18 -5.52
N MET A 1 -7.63 11.52 1.78
CA MET A 1 -7.18 12.28 0.58
C MET A 1 -7.18 11.40 -0.66
N ASN A 2 -7.84 11.86 -1.72
CA ASN A 2 -7.91 11.12 -2.97
C ASN A 2 -6.52 10.91 -3.56
N ASP A 3 -5.64 11.86 -3.32
CA ASP A 3 -4.27 11.77 -3.84
C ASP A 3 -3.57 10.50 -3.37
N VAL A 4 -3.95 10.03 -2.18
CA VAL A 4 -3.36 8.83 -1.61
C VAL A 4 -3.81 7.57 -2.35
N LEU A 5 -5.11 7.36 -2.45
CA LEU A 5 -5.65 6.18 -3.12
C LEU A 5 -5.39 6.24 -4.62
N THR A 6 -5.48 7.43 -5.19
CA THR A 6 -5.29 7.62 -6.63
C THR A 6 -3.88 7.25 -7.07
N ARG A 7 -2.90 7.91 -6.47
CA ARG A 7 -1.50 7.67 -6.81
C ARG A 7 -0.98 6.38 -6.17
N VAL A 8 -1.35 6.17 -4.92
CA VAL A 8 -0.92 5.00 -4.19
C VAL A 8 -1.49 3.72 -4.78
N LEU A 9 -2.80 3.69 -5.01
CA LEU A 9 -3.44 2.51 -5.59
C LEU A 9 -2.90 2.22 -6.98
N GLU A 10 -2.78 3.27 -7.79
CA GLU A 10 -2.27 3.15 -9.15
C GLU A 10 -0.82 2.71 -9.15
N VAL A 11 -0.08 3.16 -8.14
CA VAL A 11 1.33 2.84 -8.03
C VAL A 11 1.56 1.34 -7.95
N VAL A 12 0.81 0.68 -7.07
CA VAL A 12 0.94 -0.77 -6.90
C VAL A 12 0.40 -1.52 -8.11
N LYS A 13 -0.82 -1.20 -8.51
CA LYS A 13 -1.46 -1.86 -9.65
C LYS A 13 -0.57 -1.76 -10.88
N ASN A 14 -0.09 -0.55 -11.17
CA ASN A 14 0.76 -0.32 -12.32
C ASN A 14 2.20 -0.64 -12.02
N PHE A 15 2.47 -1.00 -10.78
CA PHE A 15 3.83 -1.27 -10.41
C PHE A 15 4.29 -2.61 -10.97
N GLU A 16 3.33 -3.48 -11.29
CA GLU A 16 3.63 -4.80 -11.83
C GLU A 16 3.33 -5.89 -10.81
N LYS A 17 2.87 -5.48 -9.63
CA LYS A 17 2.55 -6.42 -8.57
C LYS A 17 1.44 -7.39 -9.02
N VAL A 18 0.36 -6.84 -9.57
CA VAL A 18 -0.75 -7.64 -10.03
C VAL A 18 -1.90 -6.76 -10.52
N ASP A 19 -2.79 -7.35 -11.31
CA ASP A 19 -3.93 -6.62 -11.85
C ASP A 19 -4.88 -6.19 -10.73
N ALA A 20 -5.19 -4.89 -10.70
CA ALA A 20 -6.09 -4.35 -9.67
C ALA A 20 -7.44 -5.05 -9.71
N SER A 21 -7.75 -5.71 -10.82
CA SER A 21 -9.01 -6.42 -10.97
C SER A 21 -9.08 -7.61 -10.02
N LYS A 22 -7.91 -8.08 -9.59
CA LYS A 22 -7.85 -9.21 -8.68
C LYS A 22 -7.90 -8.75 -7.23
N VAL A 23 -7.67 -7.47 -7.00
CA VAL A 23 -7.68 -6.90 -5.67
C VAL A 23 -9.10 -6.51 -5.24
N THR A 24 -9.54 -7.04 -4.11
CA THR A 24 -10.86 -6.74 -3.59
C THR A 24 -10.77 -5.93 -2.30
N PRO A 25 -11.91 -5.40 -1.83
CA PRO A 25 -11.95 -4.60 -0.61
C PRO A 25 -11.44 -5.36 0.61
N GLU A 26 -11.71 -6.66 0.64
CA GLU A 26 -11.27 -7.50 1.73
C GLU A 26 -10.07 -8.36 1.32
N SER A 27 -9.50 -8.04 0.17
CA SER A 27 -8.36 -8.78 -0.35
C SER A 27 -7.13 -8.58 0.54
N HIS A 28 -6.47 -9.69 0.88
CA HIS A 28 -5.29 -9.66 1.73
C HIS A 28 -4.06 -9.27 0.92
N PHE A 29 -3.11 -8.59 1.57
CA PHE A 29 -1.90 -8.17 0.89
C PHE A 29 -1.03 -9.36 0.50
N VAL A 30 -0.23 -9.82 1.46
CA VAL A 30 0.66 -10.95 1.23
C VAL A 30 -0.13 -12.25 1.05
N LYS A 31 -1.26 -12.34 1.72
CA LYS A 31 -2.09 -13.52 1.65
C LYS A 31 -2.79 -13.64 0.30
N ASP A 32 -2.89 -12.53 -0.43
CA ASP A 32 -3.55 -12.51 -1.72
C ASP A 32 -2.55 -12.72 -2.86
N LEU A 33 -1.27 -12.87 -2.53
CA LEU A 33 -0.25 -13.08 -3.55
C LEU A 33 1.13 -12.66 -3.05
N GLY A 34 1.18 -11.88 -1.98
CA GLY A 34 2.45 -11.43 -1.45
C GLY A 34 3.28 -10.68 -2.48
N LEU A 35 3.29 -9.36 -2.37
CA LEU A 35 4.05 -8.52 -3.29
C LEU A 35 5.56 -8.75 -3.14
N ASN A 36 6.30 -8.46 -4.20
CA ASN A 36 7.75 -8.64 -4.18
C ASN A 36 8.39 -7.71 -3.15
N SER A 37 9.36 -8.23 -2.40
CA SER A 37 10.05 -7.43 -1.39
C SER A 37 10.59 -6.15 -2.00
N LEU A 38 11.11 -6.27 -3.21
CA LEU A 38 11.66 -5.12 -3.92
C LEU A 38 10.54 -4.23 -4.42
N ASP A 39 9.38 -4.83 -4.66
CA ASP A 39 8.22 -4.09 -5.13
C ASP A 39 7.58 -3.31 -3.98
N VAL A 40 7.60 -3.91 -2.80
CA VAL A 40 7.02 -3.29 -1.62
C VAL A 40 7.89 -2.13 -1.14
N VAL A 41 9.20 -2.23 -1.36
CA VAL A 41 10.12 -1.19 -0.95
C VAL A 41 9.92 0.07 -1.79
N GLU A 42 9.82 -0.11 -3.11
CA GLU A 42 9.61 1.00 -4.01
C GLU A 42 8.29 1.67 -3.73
N VAL A 43 7.26 0.85 -3.53
CA VAL A 43 5.93 1.35 -3.23
C VAL A 43 5.92 2.12 -1.92
N VAL A 44 6.40 1.46 -0.87
CA VAL A 44 6.46 2.06 0.45
C VAL A 44 7.30 3.33 0.39
N PHE A 45 8.23 3.34 -0.56
CA PHE A 45 9.09 4.49 -0.77
C PHE A 45 8.32 5.59 -1.48
N ALA A 46 7.34 5.17 -2.28
CA ALA A 46 6.51 6.11 -3.01
C ALA A 46 5.58 6.85 -2.08
N ILE A 47 4.79 6.09 -1.35
CA ILE A 47 3.84 6.66 -0.39
C ILE A 47 4.58 7.48 0.65
N GLU A 48 5.76 7.01 1.05
CA GLU A 48 6.57 7.71 2.04
C GLU A 48 6.83 9.13 1.59
N GLN A 49 7.00 9.29 0.29
CA GLN A 49 7.25 10.61 -0.29
C GLN A 49 6.02 11.50 -0.15
N GLU A 50 4.85 10.92 -0.41
CA GLU A 50 3.60 11.67 -0.32
C GLU A 50 2.82 11.29 0.94
N PHE A 51 3.54 11.02 2.03
CA PHE A 51 2.92 10.65 3.29
C PHE A 51 3.64 11.27 4.49
N ILE A 52 4.89 11.67 4.30
CA ILE A 52 5.67 12.26 5.38
C ILE A 52 5.93 11.25 6.49
N LEU A 53 6.02 9.98 6.10
CA LEU A 53 6.27 8.90 7.05
C LEU A 53 6.55 7.59 6.32
N ASP A 54 7.58 6.88 6.76
CA ASP A 54 7.96 5.62 6.15
C ASP A 54 7.06 4.48 6.62
N ILE A 55 6.74 3.57 5.70
CA ILE A 55 5.89 2.44 6.01
C ILE A 55 6.71 1.16 6.24
N PRO A 56 7.87 1.07 5.59
CA PRO A 56 8.75 -0.11 5.71
C PRO A 56 8.97 -0.51 7.17
N ASP A 57 9.96 -1.37 7.39
CA ASP A 57 10.28 -1.84 8.74
C ASP A 57 9.13 -2.67 9.31
N HIS A 58 9.33 -3.22 10.49
CA HIS A 58 8.31 -4.03 11.15
C HIS A 58 6.92 -3.49 10.86
N ASP A 59 6.84 -2.19 10.57
CA ASP A 59 5.57 -1.54 10.28
C ASP A 59 4.98 -2.07 8.98
N ALA A 60 5.82 -2.17 7.95
CA ALA A 60 5.38 -2.66 6.65
C ALA A 60 5.08 -4.15 6.70
N GLU A 61 5.70 -4.84 7.64
CA GLU A 61 5.49 -6.27 7.80
C GLU A 61 4.24 -6.56 8.62
N LYS A 62 3.83 -5.59 9.43
CA LYS A 62 2.65 -5.74 10.27
C LYS A 62 1.37 -5.65 9.43
N ILE A 63 1.54 -5.64 8.11
CA ILE A 63 0.41 -5.57 7.20
C ILE A 63 0.17 -6.91 6.51
N GLN A 64 -1.04 -7.44 6.68
CA GLN A 64 -1.40 -8.71 6.09
C GLN A 64 -2.56 -8.55 5.11
N SER A 65 -3.33 -7.48 5.29
CA SER A 65 -4.47 -7.21 4.43
C SER A 65 -4.36 -5.83 3.77
N ILE A 66 -4.94 -5.70 2.59
CA ILE A 66 -4.90 -4.44 1.85
C ILE A 66 -5.64 -3.35 2.61
N PRO A 67 -6.75 -3.71 3.27
CA PRO A 67 -7.57 -2.77 4.03
C PRO A 67 -6.74 -1.95 5.01
N ASP A 68 -6.24 -2.61 6.06
CA ASP A 68 -5.43 -1.93 7.06
C ASP A 68 -4.26 -1.20 6.42
N ALA A 69 -3.94 -1.57 5.18
CA ALA A 69 -2.85 -0.96 4.45
C ALA A 69 -3.15 0.50 4.14
N VAL A 70 -3.85 0.72 3.03
CA VAL A 70 -4.20 2.06 2.61
C VAL A 70 -5.15 2.72 3.59
N GLU A 71 -5.78 1.90 4.43
CA GLU A 71 -6.71 2.40 5.43
C GLU A 71 -5.98 3.13 6.54
N TYR A 72 -4.87 2.55 7.01
CA TYR A 72 -4.08 3.16 8.07
C TYR A 72 -3.45 4.46 7.62
N ILE A 73 -2.81 4.42 6.46
CA ILE A 73 -2.15 5.60 5.90
C ILE A 73 -3.18 6.66 5.51
N ALA A 74 -4.34 6.20 5.08
CA ALA A 74 -5.41 7.10 4.66
C ALA A 74 -5.91 7.92 5.84
N GLN A 75 -6.19 7.23 6.94
CA GLN A 75 -6.68 7.88 8.14
C GLN A 75 -5.55 8.52 8.91
N ASN A 76 -4.81 7.72 9.66
CA ASN A 76 -3.69 8.22 10.43
C ASN A 76 -3.14 9.48 9.78
N PRO A 77 -2.44 9.34 8.64
CA PRO A 77 -1.87 10.49 7.92
C PRO A 77 -2.93 11.54 7.57
N MET A 78 -4.14 11.09 7.26
CA MET A 78 -5.22 12.00 6.92
C MET A 78 -5.42 13.05 8.00
N ALA A 79 -4.90 12.77 9.19
CA ALA A 79 -5.03 13.70 10.31
C ALA A 79 -3.75 13.76 11.13
N LYS A 80 -2.66 13.23 10.57
CA LYS A 80 -1.37 13.23 11.26
C LYS A 80 -1.42 14.06 12.54
P24 PNS B . 11.71 -10.58 -1.34
O25 PNS B . 10.96 -11.99 -1.51
O26 PNS B . 12.01 -9.95 -2.79
O27 PNS B . 13.10 -10.81 -0.56
C28 PNS B . 14.08 -9.88 -1.04
C29 PNS B . 14.62 -10.34 -2.38
C30 PNS B . 13.98 -11.66 -2.74
C31 PNS B . 14.29 -9.31 -3.43
C32 PNS B . 16.13 -10.52 -2.29
O33 PNS B . 16.58 -11.84 -2.57
C34 PNS B . 17.03 -9.35 -2.56
O35 PNS B . 17.10 -8.40 -1.77
N36 PNS B . 17.18 -9.21 -3.87
C37 PNS B . 17.23 -7.92 -4.55
C38 PNS B . 18.10 -7.95 -5.79
C39 PNS B . 19.57 -8.12 -5.48
O40 PNS B . 20.28 -7.14 -5.23
N41 PNS B . 19.77 -9.31 -4.94
C42 PNS B . 21.09 -9.92 -4.79
C43 PNS B . 21.24 -11.17 -5.64
S44 PNS B . 22.40 -10.89 -6.99
H282 PNS B . 14.90 -9.82 -0.34
H281 PNS B . 13.63 -8.91 -1.16
H303 PNS B . 13.12 -11.48 -3.37
H302 PNS B . 13.67 -12.18 -1.85
H301 PNS B . 14.70 -12.27 -3.29
H313 PNS B . 13.92 -9.80 -4.31
H312 PNS B . 15.18 -8.75 -3.67
H311 PNS B . 13.54 -8.64 -3.04
H32 PNS B . 16.23 -10.53 -1.21
H33 PNS B . 17.32 -12.05 -1.99
H36 PNS B . 17.27 -10.00 -4.43
H372 PNS B . 17.63 -7.18 -3.87
H371 PNS B . 16.22 -7.63 -4.83
H382 PNS B . 17.77 -8.78 -6.41
H381 PNS B . 17.96 -7.02 -6.34
H41 PNS B . 19.00 -9.82 -4.62
H422 PNS B . 21.84 -9.20 -5.09
H421 PNS B . 21.24 -10.18 -3.75
H431 PNS B . 21.61 -11.97 -5.03
H432 PNS B . 20.28 -11.43 -6.06
H44 PNS B . 22.81 -10.03 -6.87
N MET A 1 -7.25 10.95 2.67
CA MET A 1 -8.35 11.13 1.70
C MET A 1 -8.15 10.25 0.47
N ASN A 2 -8.93 10.52 -0.58
CA ASN A 2 -8.85 9.74 -1.81
C ASN A 2 -7.46 9.81 -2.42
N ASP A 3 -6.78 10.93 -2.20
CA ASP A 3 -5.44 11.14 -2.74
C ASP A 3 -4.52 9.96 -2.39
N VAL A 4 -4.77 9.35 -1.24
CA VAL A 4 -3.96 8.23 -0.79
C VAL A 4 -4.22 6.98 -1.62
N LEU A 5 -5.50 6.63 -1.79
CA LEU A 5 -5.89 5.46 -2.55
C LEU A 5 -5.58 5.62 -4.04
N THR A 6 -5.70 6.83 -4.52
CA THR A 6 -5.45 7.12 -5.93
C THR A 6 -4.01 6.85 -6.32
N ARG A 7 -3.08 7.49 -5.62
CA ARG A 7 -1.66 7.33 -5.89
C ARG A 7 -1.13 6.03 -5.34
N VAL A 8 -1.55 5.71 -4.11
CA VAL A 8 -1.12 4.49 -3.46
C VAL A 8 -1.62 3.25 -4.19
N LEU A 9 -2.92 3.23 -4.47
CA LEU A 9 -3.54 2.11 -5.16
C LEU A 9 -2.98 1.97 -6.58
N GLU A 10 -2.87 3.09 -7.27
CA GLU A 10 -2.34 3.11 -8.62
C GLU A 10 -0.88 2.69 -8.65
N VAL A 11 -0.18 3.03 -7.59
CA VAL A 11 1.24 2.71 -7.47
C VAL A 11 1.48 1.21 -7.54
N VAL A 12 0.79 0.47 -6.70
CA VAL A 12 0.93 -0.98 -6.66
C VAL A 12 0.37 -1.63 -7.93
N LYS A 13 -0.85 -1.23 -8.30
CA LYS A 13 -1.50 -1.76 -9.49
C LYS A 13 -0.60 -1.60 -10.71
N ASN A 14 -0.07 -0.40 -10.90
CA ASN A 14 0.81 -0.13 -12.03
C ASN A 14 2.25 -0.53 -11.70
N PHE A 15 2.47 -1.00 -10.49
CA PHE A 15 3.79 -1.43 -10.05
C PHE A 15 4.22 -2.66 -10.83
N GLU A 16 3.25 -3.44 -11.29
CA GLU A 16 3.52 -4.65 -12.05
C GLU A 16 3.30 -5.89 -11.19
N LYS A 17 3.09 -5.68 -9.89
CA LYS A 17 2.88 -6.78 -8.97
C LYS A 17 1.49 -7.39 -9.16
N VAL A 18 0.53 -6.56 -9.52
CA VAL A 18 -0.84 -7.01 -9.73
C VAL A 18 -1.78 -5.85 -10.07
N ASP A 19 -2.73 -6.10 -10.96
CA ASP A 19 -3.67 -5.08 -11.38
C ASP A 19 -4.69 -4.82 -10.28
N ALA A 20 -5.05 -3.55 -10.11
CA ALA A 20 -6.02 -3.16 -9.09
C ALA A 20 -7.40 -3.74 -9.39
N SER A 21 -7.58 -4.23 -10.62
CA SER A 21 -8.84 -4.81 -11.03
C SER A 21 -9.12 -6.10 -10.28
N LYS A 22 -8.08 -6.70 -9.72
CA LYS A 22 -8.22 -7.94 -8.97
C LYS A 22 -8.20 -7.67 -7.47
N VAL A 23 -7.75 -6.49 -7.09
CA VAL A 23 -7.68 -6.11 -5.68
C VAL A 23 -9.06 -5.73 -5.15
N THR A 24 -9.48 -6.39 -4.07
CA THR A 24 -10.77 -6.11 -3.46
C THR A 24 -10.60 -5.53 -2.07
N PRO A 25 -11.67 -4.96 -1.51
CA PRO A 25 -11.65 -4.34 -0.18
C PRO A 25 -11.16 -5.32 0.89
N GLU A 26 -11.53 -6.59 0.73
CA GLU A 26 -11.15 -7.62 1.68
C GLU A 26 -10.02 -8.49 1.12
N SER A 27 -9.42 -8.02 0.03
CA SER A 27 -8.34 -8.76 -0.62
C SER A 27 -7.13 -8.86 0.30
N HIS A 28 -6.58 -10.06 0.43
CA HIS A 28 -5.42 -10.30 1.27
C HIS A 28 -4.13 -9.89 0.56
N PHE A 29 -3.15 -9.45 1.33
CA PHE A 29 -1.88 -9.02 0.79
C PHE A 29 -1.11 -10.20 0.19
N VAL A 30 0.14 -10.35 0.58
CA VAL A 30 0.97 -11.44 0.08
C VAL A 30 0.13 -12.68 -0.22
N LYS A 31 -0.93 -12.85 0.56
CA LYS A 31 -1.83 -13.99 0.39
C LYS A 31 -2.52 -13.93 -0.97
N ASP A 32 -3.04 -12.76 -1.33
CA ASP A 32 -3.73 -12.57 -2.58
C ASP A 32 -2.76 -12.23 -3.70
N LEU A 33 -1.47 -12.37 -3.41
CA LEU A 33 -0.42 -12.07 -4.38
C LEU A 33 0.31 -10.78 -4.02
N GLY A 34 0.53 -10.58 -2.73
CA GLY A 34 1.22 -9.39 -2.27
C GLY A 34 2.60 -9.23 -2.89
N LEU A 35 3.06 -8.00 -2.98
CA LEU A 35 4.37 -7.72 -3.56
C LEU A 35 5.49 -8.30 -2.70
N ASN A 36 6.58 -8.72 -3.35
CA ASN A 36 7.70 -9.29 -2.64
C ASN A 36 8.43 -8.24 -1.79
N SER A 37 9.66 -8.54 -1.40
CA SER A 37 10.44 -7.63 -0.57
C SER A 37 10.75 -6.32 -1.29
N LEU A 38 11.49 -6.41 -2.39
CA LEU A 38 11.88 -5.24 -3.15
C LEU A 38 10.69 -4.35 -3.50
N ASP A 39 9.49 -4.91 -3.42
CA ASP A 39 8.28 -4.14 -3.71
C ASP A 39 7.87 -3.32 -2.50
N VAL A 40 7.16 -3.94 -1.59
CA VAL A 40 6.70 -3.26 -0.39
C VAL A 40 7.67 -2.15 -0.02
N VAL A 41 8.96 -2.38 -0.26
CA VAL A 41 9.99 -1.40 0.04
C VAL A 41 9.93 -0.22 -0.92
N GLU A 42 9.78 -0.52 -2.21
CA GLU A 42 9.71 0.53 -3.23
C GLU A 42 8.43 1.34 -3.07
N VAL A 43 7.34 0.63 -2.83
CA VAL A 43 6.04 1.26 -2.65
C VAL A 43 6.00 2.06 -1.35
N VAL A 44 6.55 1.49 -0.30
CA VAL A 44 6.60 2.15 0.99
C VAL A 44 7.35 3.46 0.86
N PHE A 45 8.37 3.46 0.01
CA PHE A 45 9.18 4.64 -0.23
C PHE A 45 8.39 5.66 -1.02
N ALA A 46 7.51 5.16 -1.88
CA ALA A 46 6.67 6.01 -2.71
C ALA A 46 5.60 6.69 -1.89
N ILE A 47 4.54 5.95 -1.61
CA ILE A 47 3.43 6.48 -0.83
C ILE A 47 3.94 7.45 0.22
N GLU A 48 4.99 7.06 0.93
CA GLU A 48 5.58 7.90 1.96
C GLU A 48 5.96 9.25 1.37
N GLN A 49 6.50 9.22 0.16
CA GLN A 49 6.90 10.44 -0.53
C GLN A 49 5.73 11.41 -0.60
N GLU A 50 4.55 10.88 -0.91
CA GLU A 50 3.36 11.69 -1.00
C GLU A 50 2.38 11.37 0.12
N PHE A 51 2.93 11.04 1.29
CA PHE A 51 2.13 10.71 2.45
C PHE A 51 2.73 11.29 3.74
N ILE A 52 3.86 11.98 3.61
CA ILE A 52 4.53 12.59 4.75
C ILE A 52 4.72 11.56 5.87
N LEU A 53 5.07 10.34 5.49
CA LEU A 53 5.29 9.27 6.46
C LEU A 53 5.74 7.99 5.75
N ASP A 54 6.72 7.31 6.35
CA ASP A 54 7.24 6.07 5.77
C ASP A 54 6.32 4.90 6.07
N ILE A 55 6.19 4.00 5.09
CA ILE A 55 5.33 2.83 5.23
C ILE A 55 6.15 1.54 5.31
N PRO A 56 7.49 1.61 5.13
CA PRO A 56 8.35 0.43 5.19
C PRO A 56 8.56 -0.07 6.61
N ASP A 57 9.63 -0.84 6.81
CA ASP A 57 9.95 -1.39 8.12
C ASP A 57 8.81 -2.28 8.62
N HIS A 58 8.96 -2.75 9.87
CA HIS A 58 7.95 -3.61 10.46
C HIS A 58 6.56 -3.00 10.33
N ASP A 59 6.52 -1.72 10.00
CA ASP A 59 5.25 -1.01 9.84
C ASP A 59 4.48 -1.56 8.64
N ALA A 60 5.17 -1.74 7.52
CA ALA A 60 4.56 -2.25 6.31
C ALA A 60 4.32 -3.75 6.40
N GLU A 61 5.20 -4.43 7.12
CA GLU A 61 5.10 -5.88 7.29
C GLU A 61 4.04 -6.23 8.33
N LYS A 62 3.69 -5.26 9.16
CA LYS A 62 2.70 -5.48 10.21
C LYS A 62 1.29 -5.56 9.62
N ILE A 63 1.21 -5.68 8.30
CA ILE A 63 -0.07 -5.76 7.61
C ILE A 63 -0.17 -7.04 6.78
N GLN A 64 -1.18 -7.86 7.08
CA GLN A 64 -1.38 -9.10 6.36
C GLN A 64 -2.33 -8.91 5.19
N SER A 65 -3.18 -7.88 5.28
CA SER A 65 -4.14 -7.59 4.22
C SER A 65 -3.88 -6.20 3.63
N ILE A 66 -4.26 -6.02 2.37
CA ILE A 66 -4.06 -4.75 1.69
C ILE A 66 -4.92 -3.65 2.30
N PRO A 67 -6.08 -4.02 2.86
CA PRO A 67 -7.00 -3.06 3.49
C PRO A 67 -6.32 -2.21 4.56
N ASP A 68 -5.89 -2.86 5.63
CA ASP A 68 -5.22 -2.17 6.72
C ASP A 68 -3.98 -1.43 6.23
N ALA A 69 -3.48 -1.85 5.06
CA ALA A 69 -2.29 -1.25 4.48
C ALA A 69 -2.58 0.18 4.00
N VAL A 70 -3.20 0.27 2.84
CA VAL A 70 -3.53 1.55 2.24
C VAL A 70 -4.56 2.30 3.08
N GLU A 71 -5.21 1.58 3.98
CA GLU A 71 -6.22 2.18 4.85
C GLU A 71 -5.58 2.94 6.01
N TYR A 72 -4.52 2.38 6.57
CA TYR A 72 -3.84 3.00 7.70
C TYR A 72 -3.11 4.27 7.27
N ILE A 73 -2.33 4.18 6.21
CA ILE A 73 -1.58 5.33 5.71
C ILE A 73 -2.52 6.37 5.12
N ALA A 74 -3.66 5.91 4.61
CA ALA A 74 -4.64 6.82 4.02
C ALA A 74 -5.22 7.74 5.07
N GLN A 75 -5.65 7.15 6.18
CA GLN A 75 -6.23 7.91 7.28
C GLN A 75 -5.15 8.57 8.11
N ASN A 76 -4.51 7.79 8.96
CA ASN A 76 -3.45 8.31 9.80
C ASN A 76 -2.79 9.50 9.14
N PRO A 77 -1.99 9.27 8.09
CA PRO A 77 -1.31 10.35 7.36
C PRO A 77 -2.29 11.40 6.84
N MET A 78 -3.48 10.95 6.43
CA MET A 78 -4.50 11.87 5.93
C MET A 78 -4.75 13.01 6.90
N ALA A 79 -4.35 12.80 8.16
CA ALA A 79 -4.53 13.81 9.19
C ALA A 79 -3.28 13.93 10.06
N LYS A 80 -2.20 13.31 9.62
CA LYS A 80 -0.95 13.34 10.36
C LYS A 80 -1.19 13.70 11.83
P24 PNS B . 13.82 -9.50 -0.77
O25 PNS B . 14.31 -8.82 0.61
O26 PNS B . 13.55 -11.07 -0.53
O27 PNS B . 14.97 -9.32 -1.89
C28 PNS B . 14.37 -9.37 -3.19
C29 PNS B . 15.39 -8.98 -4.23
C30 PNS B . 14.87 -9.35 -5.60
C31 PNS B . 15.66 -7.50 -4.17
C32 PNS B . 16.70 -9.73 -3.97
O33 PNS B . 16.65 -11.11 -4.31
C34 PNS B . 18.00 -9.00 -4.03
O35 PNS B . 18.98 -9.39 -3.39
N36 PNS B . 18.11 -8.37 -5.21
C37 PNS B . 19.21 -8.58 -6.13
C38 PNS B . 19.14 -9.93 -6.82
C39 PNS B . 19.97 -10.99 -6.10
O40 PNS B . 21.19 -10.96 -6.13
N41 PNS B . 19.28 -11.46 -5.06
C42 PNS B . 18.62 -12.75 -5.06
C43 PNS B . 17.45 -12.80 -6.04
S44 PNS B . 17.90 -13.69 -7.55
H282 PNS B . 13.55 -8.68 -3.24
H281 PNS B . 14.02 -10.37 -3.39
H303 PNS B . 15.38 -10.23 -5.95
H302 PNS B . 15.08 -8.53 -6.29
H301 PNS B . 13.82 -9.52 -5.55
H313 PNS B . 15.62 -7.09 -5.17
H312 PNS B . 16.64 -7.32 -3.74
H311 PNS B . 14.90 -7.03 -3.56
H32 PNS B . 16.62 -9.82 -2.90
H33 PNS B . 16.26 -11.61 -3.57
H36 PNS B . 17.40 -7.74 -5.47
H372 PNS B . 20.15 -8.50 -5.59
H371 PNS B . 19.18 -7.80 -6.89
H382 PNS B . 18.12 -10.26 -6.84
H381 PNS B . 19.52 -9.83 -7.82
H41 PNS B . 19.21 -10.91 -4.25
H422 PNS B . 19.32 -13.52 -5.33
H421 PNS B . 18.24 -12.96 -4.06
H431 PNS B . 16.62 -13.31 -5.57
H432 PNS B . 17.17 -11.79 -6.30
H44 PNS B . 18.78 -13.40 -7.80
N MET A 1 -7.11 11.43 2.13
CA MET A 1 -8.28 10.50 2.07
C MET A 1 -8.23 9.63 0.81
N ASN A 2 -9.11 9.92 -0.13
CA ASN A 2 -9.17 9.16 -1.38
C ASN A 2 -7.99 9.49 -2.27
N ASP A 3 -7.51 10.72 -2.18
CA ASP A 3 -6.37 11.17 -2.99
C ASP A 3 -5.20 10.21 -2.86
N VAL A 4 -4.95 9.73 -1.66
CA VAL A 4 -3.85 8.81 -1.41
C VAL A 4 -4.09 7.48 -2.11
N LEU A 5 -5.31 6.96 -1.98
CA LEU A 5 -5.67 5.69 -2.60
C LEU A 5 -5.67 5.79 -4.11
N THR A 6 -6.04 6.94 -4.64
CA THR A 6 -6.10 7.15 -6.07
C THR A 6 -4.75 6.93 -6.74
N ARG A 7 -3.75 7.69 -6.29
CA ARG A 7 -2.41 7.58 -6.85
C ARG A 7 -1.68 6.37 -6.27
N VAL A 8 -1.82 6.16 -4.97
CA VAL A 8 -1.16 5.04 -4.32
C VAL A 8 -1.64 3.72 -4.90
N LEU A 9 -2.96 3.56 -5.00
CA LEU A 9 -3.54 2.34 -5.55
C LEU A 9 -3.03 2.11 -6.97
N GLU A 10 -3.00 3.18 -7.76
CA GLU A 10 -2.54 3.10 -9.14
C GLU A 10 -1.06 2.74 -9.19
N VAL A 11 -0.32 3.19 -8.21
CA VAL A 11 1.11 2.93 -8.14
C VAL A 11 1.42 1.45 -8.12
N VAL A 12 0.82 0.74 -7.17
CA VAL A 12 1.02 -0.69 -7.04
C VAL A 12 0.43 -1.45 -8.21
N LYS A 13 -0.82 -1.14 -8.53
CA LYS A 13 -1.51 -1.79 -9.64
C LYS A 13 -0.71 -1.69 -10.93
N ASN A 14 -0.25 -0.48 -11.25
CA ASN A 14 0.53 -0.25 -12.45
C ASN A 14 2.00 -0.58 -12.22
N PHE A 15 2.34 -0.94 -10.99
CA PHE A 15 3.72 -1.27 -10.64
C PHE A 15 4.11 -2.59 -11.28
N GLU A 16 3.13 -3.41 -11.59
CA GLU A 16 3.36 -4.72 -12.21
C GLU A 16 3.21 -5.83 -11.19
N LYS A 17 3.06 -5.46 -9.92
CA LYS A 17 2.90 -6.42 -8.84
C LYS A 17 1.65 -7.26 -9.03
N VAL A 18 0.59 -6.62 -9.53
CA VAL A 18 -0.67 -7.31 -9.76
C VAL A 18 -1.75 -6.34 -10.24
N ASP A 19 -2.60 -6.81 -11.14
CA ASP A 19 -3.68 -5.98 -11.68
C ASP A 19 -4.69 -5.63 -10.59
N ALA A 20 -5.05 -4.35 -10.52
CA ALA A 20 -6.01 -3.89 -9.53
C ALA A 20 -7.35 -4.60 -9.68
N SER A 21 -7.55 -5.24 -10.83
CA SER A 21 -8.78 -5.96 -11.10
C SER A 21 -8.92 -7.18 -10.19
N LYS A 22 -7.80 -7.62 -9.64
CA LYS A 22 -7.78 -8.76 -8.74
C LYS A 22 -7.88 -8.32 -7.29
N VAL A 23 -7.62 -7.05 -7.03
CA VAL A 23 -7.67 -6.51 -5.70
C VAL A 23 -9.11 -6.27 -5.24
N THR A 24 -9.47 -6.85 -4.10
CA THR A 24 -10.81 -6.71 -3.55
C THR A 24 -10.76 -5.94 -2.23
N PRO A 25 -11.89 -5.36 -1.83
CA PRO A 25 -11.98 -4.59 -0.58
C PRO A 25 -11.58 -5.42 0.64
N GLU A 26 -11.92 -6.70 0.60
CA GLU A 26 -11.59 -7.61 1.69
C GLU A 26 -10.43 -8.52 1.31
N SER A 27 -9.76 -8.17 0.21
CA SER A 27 -8.63 -8.94 -0.27
C SER A 27 -7.40 -8.78 0.62
N HIS A 28 -6.76 -9.89 0.96
CA HIS A 28 -5.58 -9.86 1.80
C HIS A 28 -4.34 -9.49 0.99
N PHE A 29 -3.39 -8.84 1.63
CA PHE A 29 -2.16 -8.42 0.97
C PHE A 29 -1.32 -9.63 0.58
N VAL A 30 -0.45 -10.05 1.49
CA VAL A 30 0.42 -11.19 1.24
C VAL A 30 -0.39 -12.45 0.93
N LYS A 31 -1.57 -12.53 1.52
CA LYS A 31 -2.44 -13.68 1.33
C LYS A 31 -3.03 -13.70 -0.09
N ASP A 32 -3.26 -12.52 -0.64
CA ASP A 32 -3.84 -12.41 -1.98
C ASP A 32 -2.75 -12.45 -3.05
N LEU A 33 -1.50 -12.58 -2.62
CA LEU A 33 -0.37 -12.63 -3.54
C LEU A 33 0.66 -11.56 -3.22
N GLY A 34 0.80 -11.24 -1.93
CA GLY A 34 1.75 -10.23 -1.51
C GLY A 34 2.76 -9.90 -2.59
N LEU A 35 3.02 -8.61 -2.78
CA LEU A 35 3.98 -8.16 -3.78
C LEU A 35 5.39 -8.61 -3.42
N ASN A 36 6.25 -8.71 -4.44
CA ASN A 36 7.63 -9.12 -4.22
C ASN A 36 8.35 -8.15 -3.29
N SER A 37 9.61 -8.44 -3.00
CA SER A 37 10.40 -7.59 -2.13
C SER A 37 10.60 -6.21 -2.74
N LEU A 38 11.11 -6.21 -3.96
CA LEU A 38 11.36 -4.97 -4.69
C LEU A 38 10.14 -4.06 -4.65
N ASP A 39 8.97 -4.66 -4.44
CA ASP A 39 7.73 -3.92 -4.39
C ASP A 39 7.62 -3.13 -3.09
N VAL A 40 6.92 -3.70 -2.12
CA VAL A 40 6.72 -3.05 -0.83
C VAL A 40 7.87 -2.10 -0.51
N VAL A 41 9.07 -2.45 -0.96
CA VAL A 41 10.24 -1.62 -0.71
C VAL A 41 10.17 -0.31 -1.49
N GLU A 42 9.82 -0.41 -2.77
CA GLU A 42 9.71 0.75 -3.62
C GLU A 42 8.43 1.52 -3.34
N VAL A 43 7.32 0.79 -3.29
CA VAL A 43 6.02 1.39 -3.02
C VAL A 43 6.00 2.03 -1.64
N VAL A 44 6.63 1.36 -0.69
CA VAL A 44 6.68 1.87 0.68
C VAL A 44 7.37 3.24 0.71
N PHE A 45 8.51 3.33 0.05
CA PHE A 45 9.25 4.59 0.00
C PHE A 45 8.42 5.65 -0.69
N ALA A 46 7.46 5.21 -1.50
CA ALA A 46 6.59 6.12 -2.22
C ALA A 46 5.62 6.81 -1.26
N ILE A 47 4.62 6.06 -0.82
CA ILE A 47 3.63 6.59 0.11
C ILE A 47 4.28 7.44 1.19
N GLU A 48 5.38 6.95 1.73
CA GLU A 48 6.09 7.68 2.78
C GLU A 48 6.45 9.08 2.30
N GLN A 49 6.76 9.18 1.02
CA GLN A 49 7.11 10.45 0.42
C GLN A 49 5.92 11.42 0.47
N GLU A 50 4.75 10.96 0.02
CA GLU A 50 3.56 11.78 0.02
C GLU A 50 2.65 11.43 1.19
N PHE A 51 3.26 11.08 2.32
CA PHE A 51 2.50 10.72 3.51
C PHE A 51 3.11 11.32 4.78
N ILE A 52 4.36 11.78 4.68
CA ILE A 52 5.07 12.38 5.81
C ILE A 52 5.33 11.38 6.93
N LEU A 53 5.38 10.11 6.57
CA LEU A 53 5.63 9.05 7.52
C LEU A 53 5.99 7.75 6.82
N ASP A 54 7.02 7.08 7.31
CA ASP A 54 7.47 5.83 6.72
C ASP A 54 6.73 4.64 7.34
N ILE A 55 6.53 3.59 6.55
CA ILE A 55 5.84 2.40 7.01
C ILE A 55 6.46 1.14 6.42
N PRO A 56 7.80 1.15 6.21
CA PRO A 56 8.51 0.01 5.66
C PRO A 56 8.76 -1.10 6.68
N ASP A 57 9.62 -0.82 7.65
CA ASP A 57 9.96 -1.79 8.68
C ASP A 57 8.71 -2.47 9.24
N HIS A 58 8.85 -3.07 10.42
CA HIS A 58 7.74 -3.76 11.07
C HIS A 58 6.41 -3.05 10.78
N ASP A 59 6.48 -1.77 10.44
CA ASP A 59 5.29 -0.99 10.14
C ASP A 59 4.51 -1.60 8.98
N ALA A 60 5.23 -1.96 7.92
CA ALA A 60 4.60 -2.55 6.74
C ALA A 60 4.49 -4.07 6.87
N GLU A 61 5.33 -4.65 7.72
CA GLU A 61 5.32 -6.08 7.93
C GLU A 61 4.16 -6.51 8.82
N LYS A 62 3.73 -5.59 9.69
CA LYS A 62 2.62 -5.88 10.60
C LYS A 62 1.29 -5.90 9.86
N ILE A 63 1.32 -5.60 8.56
CA ILE A 63 0.12 -5.60 7.74
C ILE A 63 0.08 -6.80 6.81
N GLN A 64 -1.01 -7.57 6.88
CA GLN A 64 -1.17 -8.74 6.05
C GLN A 64 -2.38 -8.59 5.14
N SER A 65 -3.17 -7.54 5.36
CA SER A 65 -4.36 -7.30 4.56
C SER A 65 -4.18 -6.08 3.66
N ILE A 66 -4.81 -6.12 2.49
CA ILE A 66 -4.72 -5.02 1.53
C ILE A 66 -5.37 -3.76 2.09
N PRO A 67 -6.58 -3.88 2.64
CA PRO A 67 -7.32 -2.75 3.20
C PRO A 67 -6.57 -2.09 4.36
N ASP A 68 -6.54 -2.78 5.49
CA ASP A 68 -5.85 -2.26 6.68
C ASP A 68 -4.54 -1.60 6.28
N ALA A 69 -4.00 -2.01 5.15
CA ALA A 69 -2.74 -1.46 4.65
C ALA A 69 -2.89 0.01 4.28
N VAL A 70 -3.58 0.25 3.18
CA VAL A 70 -3.81 1.61 2.70
C VAL A 70 -4.66 2.40 3.69
N GLU A 71 -5.32 1.68 4.59
CA GLU A 71 -6.16 2.31 5.60
C GLU A 71 -5.32 3.06 6.62
N TYR A 72 -4.23 2.44 7.06
CA TYR A 72 -3.35 3.05 8.03
C TYR A 72 -2.61 4.25 7.43
N ILE A 73 -2.05 4.04 6.25
CA ILE A 73 -1.32 5.10 5.56
C ILE A 73 -2.25 6.24 5.18
N ALA A 74 -3.40 5.88 4.65
CA ALA A 74 -4.39 6.86 4.23
C ALA A 74 -4.75 7.80 5.38
N GLN A 75 -4.84 7.25 6.57
CA GLN A 75 -5.16 8.02 7.76
C GLN A 75 -3.95 8.78 8.25
N ASN A 76 -2.77 8.34 7.84
CA ASN A 76 -1.54 9.00 8.23
C ASN A 76 -1.54 10.45 7.76
N PRO A 77 -1.48 10.67 6.44
CA PRO A 77 -1.50 12.01 5.86
C PRO A 77 -2.83 12.71 6.09
N MET A 78 -3.89 11.91 6.22
CA MET A 78 -5.23 12.44 6.45
C MET A 78 -5.37 12.85 7.90
N ALA A 79 -4.35 12.53 8.70
CA ALA A 79 -4.35 12.86 10.11
C ALA A 79 -4.70 11.65 10.96
N LYS A 80 -3.81 10.68 11.02
CA LYS A 80 -4.02 9.46 11.79
C LYS A 80 -5.22 9.61 12.72
P24 PNS B . 11.34 -7.35 0.43
O25 PNS B . 12.18 -7.25 1.80
O26 PNS B . 11.48 -5.96 -0.39
O27 PNS B . 9.78 -7.62 0.77
C28 PNS B . 9.64 -8.93 1.30
C29 PNS B . 8.67 -9.72 0.44
C30 PNS B . 7.43 -8.91 0.20
C31 PNS B . 9.32 -10.06 -0.87
C32 PNS B . 8.30 -11.01 1.16
O33 PNS B . 6.94 -11.43 0.96
C34 PNS B . 9.36 -12.04 1.44
O35 PNS B . 10.19 -11.86 2.33
N36 PNS B . 9.62 -12.73 0.33
C37 PNS B . 10.86 -13.44 0.10
C38 PNS B . 12.05 -12.50 -0.05
C39 PNS B . 12.91 -12.45 1.20
O40 PNS B . 13.91 -11.73 1.26
N41 PNS B . 12.82 -13.61 1.85
C42 PNS B . 13.71 -14.74 1.63
C43 PNS B . 13.14 -15.73 0.64
S44 PNS B . 13.34 -15.15 -1.06
H282 PNS B . 9.24 -8.87 2.31
H281 PNS B . 10.59 -9.43 1.31
H303 PNS B . 6.59 -9.57 0.08
H302 PNS B . 7.56 -8.32 -0.70
H301 PNS B . 7.26 -8.25 1.04
H313 PNS B . 8.69 -9.72 -1.68
H312 PNS B . 9.47 -11.12 -0.94
H311 PNS B . 10.28 -9.56 -0.93
H32 PNS B . 8.20 -10.62 2.16
H33 PNS B . 6.61 -11.80 1.78
H36 PNS B . 8.95 -12.75 -0.38
H372 PNS B . 10.77 -14.02 -0.80
H371 PNS B . 11.05 -14.11 0.94
H382 PNS B . 12.66 -12.84 -0.87
H381 PNS B . 11.68 -11.51 -0.25
H41 PNS B . 12.11 -13.72 2.53
H422 PNS B . 14.65 -14.37 1.24
H421 PNS B . 13.88 -15.25 2.57
H431 PNS B . 13.65 -16.68 0.73
H432 PNS B . 12.08 -15.86 0.83
H44 PNS B . 12.47 -15.04 -1.44
N MET A 1 -7.65 9.34 3.47
CA MET A 1 -7.29 10.19 2.31
C MET A 1 -7.23 9.37 1.02
N ASN A 2 -7.71 9.96 -0.06
CA ASN A 2 -7.71 9.30 -1.36
C ASN A 2 -6.30 9.20 -1.93
N ASP A 3 -5.48 10.18 -1.61
CA ASP A 3 -4.11 10.22 -2.11
C ASP A 3 -3.36 8.92 -1.83
N VAL A 4 -3.75 8.24 -0.76
CA VAL A 4 -3.08 6.99 -0.39
C VAL A 4 -3.43 5.84 -1.34
N LEU A 5 -4.72 5.56 -1.50
CA LEU A 5 -5.15 4.48 -2.38
C LEU A 5 -4.88 4.80 -3.84
N THR A 6 -5.00 6.07 -4.19
CA THR A 6 -4.78 6.51 -5.56
C THR A 6 -3.35 6.26 -6.02
N ARG A 7 -2.40 6.80 -5.27
CA ARG A 7 -0.99 6.66 -5.59
C ARG A 7 -0.47 5.29 -5.20
N VAL A 8 -0.83 4.85 -4.01
CA VAL A 8 -0.40 3.56 -3.50
C VAL A 8 -0.96 2.41 -4.34
N LEU A 9 -2.26 2.45 -4.57
CA LEU A 9 -2.94 1.41 -5.35
C LEU A 9 -2.48 1.45 -6.80
N GLU A 10 -2.40 2.66 -7.37
CA GLU A 10 -1.98 2.83 -8.75
C GLU A 10 -0.54 2.40 -8.94
N VAL A 11 0.27 2.66 -7.94
CA VAL A 11 1.68 2.32 -7.99
C VAL A 11 1.89 0.82 -8.13
N VAL A 12 1.32 0.07 -7.22
CA VAL A 12 1.42 -1.39 -7.23
C VAL A 12 0.73 -1.96 -8.46
N LYS A 13 -0.52 -1.54 -8.68
CA LYS A 13 -1.29 -2.02 -9.82
C LYS A 13 -0.52 -1.79 -11.12
N ASN A 14 0.08 -0.62 -11.25
CA ASN A 14 0.84 -0.29 -12.45
C ASN A 14 2.26 -0.83 -12.34
N PHE A 15 2.58 -1.43 -11.20
CA PHE A 15 3.90 -2.00 -10.99
C PHE A 15 4.10 -3.24 -11.83
N GLU A 16 2.99 -3.89 -12.19
CA GLU A 16 3.03 -5.09 -13.01
C GLU A 16 2.67 -6.32 -12.18
N LYS A 17 2.57 -6.14 -10.87
CA LYS A 17 2.23 -7.23 -9.97
C LYS A 17 0.83 -7.77 -10.28
N VAL A 18 -0.14 -6.86 -10.40
CA VAL A 18 -1.51 -7.24 -10.69
C VAL A 18 -2.40 -6.01 -10.86
N ASP A 19 -3.51 -6.19 -11.56
CA ASP A 19 -4.45 -5.09 -11.80
C ASP A 19 -5.08 -4.63 -10.49
N ALA A 20 -5.11 -3.31 -10.28
CA ALA A 20 -5.69 -2.75 -9.07
C ALA A 20 -7.17 -3.11 -8.95
N SER A 21 -7.80 -3.40 -10.08
CA SER A 21 -9.21 -3.75 -10.10
C SER A 21 -9.43 -5.11 -9.43
N LYS A 22 -8.38 -5.91 -9.38
CA LYS A 22 -8.47 -7.24 -8.77
C LYS A 22 -8.48 -7.14 -7.25
N VAL A 23 -8.10 -5.98 -6.73
CA VAL A 23 -8.06 -5.77 -5.29
C VAL A 23 -9.46 -5.53 -4.72
N THR A 24 -9.83 -6.34 -3.75
CA THR A 24 -11.13 -6.22 -3.10
C THR A 24 -10.98 -5.80 -1.65
N PRO A 25 -12.09 -5.44 -1.00
CA PRO A 25 -12.07 -5.01 0.40
C PRO A 25 -11.52 -6.08 1.34
N GLU A 26 -11.82 -7.34 1.02
CA GLU A 26 -11.36 -8.46 1.83
C GLU A 26 -10.20 -9.18 1.13
N SER A 27 -9.67 -8.57 0.09
CA SER A 27 -8.56 -9.16 -0.66
C SER A 27 -7.25 -9.04 0.11
N HIS A 28 -6.49 -10.12 0.13
CA HIS A 28 -5.21 -10.14 0.83
C HIS A 28 -4.13 -9.49 -0.03
N PHE A 29 -3.15 -8.88 0.63
CA PHE A 29 -2.06 -8.22 -0.07
C PHE A 29 -1.18 -9.23 -0.78
N VAL A 30 -0.29 -9.86 -0.03
CA VAL A 30 0.62 -10.86 -0.58
C VAL A 30 -0.13 -12.09 -1.05
N LYS A 31 -1.23 -12.39 -0.37
CA LYS A 31 -2.04 -13.55 -0.70
C LYS A 31 -2.91 -13.29 -1.93
N ASP A 32 -3.27 -12.04 -2.17
CA ASP A 32 -4.09 -11.69 -3.31
C ASP A 32 -3.33 -10.89 -4.35
N LEU A 33 -2.00 -10.81 -4.21
CA LEU A 33 -1.18 -10.08 -5.15
C LEU A 33 0.30 -10.43 -5.00
N GLY A 34 0.70 -10.68 -3.76
CA GLY A 34 2.09 -11.04 -3.49
C GLY A 34 3.05 -9.95 -3.92
N LEU A 35 3.36 -9.05 -2.99
CA LEU A 35 4.28 -7.96 -3.26
C LEU A 35 5.71 -8.36 -2.94
N ASN A 36 6.63 -8.07 -3.85
CA ASN A 36 8.03 -8.41 -3.67
C ASN A 36 8.73 -7.36 -2.81
N SER A 37 9.96 -7.63 -2.40
CA SER A 37 10.73 -6.71 -1.58
C SER A 37 11.01 -5.42 -2.35
N LEU A 38 11.72 -5.55 -3.45
CA LEU A 38 12.06 -4.42 -4.29
C LEU A 38 10.81 -3.66 -4.71
N ASP A 39 9.72 -4.39 -4.83
CA ASP A 39 8.45 -3.79 -5.24
C ASP A 39 7.81 -3.05 -4.08
N VAL A 40 7.79 -3.69 -2.92
CA VAL A 40 7.20 -3.09 -1.74
C VAL A 40 8.04 -1.90 -1.25
N VAL A 41 9.34 -1.98 -1.46
CA VAL A 41 10.24 -0.91 -1.03
C VAL A 41 9.97 0.37 -1.81
N GLU A 42 9.95 0.24 -3.14
CA GLU A 42 9.71 1.40 -4.00
C GLU A 42 8.34 2.00 -3.72
N VAL A 43 7.36 1.13 -3.52
CA VAL A 43 5.99 1.56 -3.25
C VAL A 43 5.91 2.28 -1.91
N VAL A 44 6.37 1.60 -0.87
CA VAL A 44 6.37 2.16 0.47
C VAL A 44 7.14 3.47 0.49
N PHE A 45 8.15 3.54 -0.36
CA PHE A 45 8.98 4.74 -0.46
C PHE A 45 8.26 5.82 -1.24
N ALA A 46 7.36 5.38 -2.11
CA ALA A 46 6.57 6.30 -2.94
C ALA A 46 5.62 7.12 -2.09
N ILE A 47 4.51 6.50 -1.71
CA ILE A 47 3.50 7.16 -0.91
C ILE A 47 4.15 7.88 0.29
N GLU A 48 5.02 7.17 1.00
CA GLU A 48 5.71 7.75 2.15
C GLU A 48 6.43 9.03 1.73
N GLN A 49 6.97 9.02 0.52
CA GLN A 49 7.68 10.17 -0.02
C GLN A 49 6.80 11.42 0.04
N GLU A 50 5.60 11.32 -0.53
CA GLU A 50 4.68 12.43 -0.54
C GLU A 50 3.55 12.23 0.47
N PHE A 51 3.87 11.59 1.59
CA PHE A 51 2.90 11.35 2.64
C PHE A 51 3.44 11.75 4.01
N ILE A 52 4.73 12.03 4.08
CA ILE A 52 5.36 12.44 5.33
C ILE A 52 5.32 11.32 6.37
N LEU A 53 5.42 10.08 5.89
CA LEU A 53 5.39 8.92 6.77
C LEU A 53 5.86 7.67 6.03
N ASP A 54 6.72 6.89 6.68
CA ASP A 54 7.24 5.67 6.09
C ASP A 54 6.33 4.49 6.37
N ILE A 55 6.20 3.61 5.40
CA ILE A 55 5.36 2.42 5.54
C ILE A 55 6.17 1.16 5.74
N PRO A 56 7.52 1.24 5.58
CA PRO A 56 8.39 0.07 5.76
C PRO A 56 8.56 -0.33 7.22
N ASP A 57 9.56 -1.15 7.49
CA ASP A 57 9.83 -1.61 8.85
C ASP A 57 8.60 -2.29 9.44
N HIS A 58 8.64 -2.54 10.74
CA HIS A 58 7.53 -3.19 11.43
C HIS A 58 6.19 -2.67 10.92
N ASP A 59 6.19 -1.42 10.46
CA ASP A 59 4.97 -0.79 9.95
C ASP A 59 4.46 -1.53 8.72
N ALA A 60 5.37 -1.85 7.80
CA ALA A 60 5.01 -2.55 6.58
C ALA A 60 4.91 -4.05 6.81
N GLU A 61 5.63 -4.53 7.82
CA GLU A 61 5.64 -5.95 8.15
C GLU A 61 4.33 -6.36 8.83
N LYS A 62 3.79 -5.46 9.63
CA LYS A 62 2.55 -5.71 10.34
C LYS A 62 1.35 -5.65 9.39
N ILE A 63 1.63 -5.63 8.10
CA ILE A 63 0.59 -5.56 7.09
C ILE A 63 0.43 -6.90 6.37
N GLN A 64 -0.78 -7.46 6.43
CA GLN A 64 -1.06 -8.74 5.79
C GLN A 64 -2.13 -8.58 4.72
N SER A 65 -3.11 -7.71 4.98
CA SER A 65 -4.19 -7.47 4.04
C SER A 65 -4.15 -6.03 3.52
N ILE A 66 -4.66 -5.83 2.32
CA ILE A 66 -4.68 -4.50 1.71
C ILE A 66 -5.37 -3.49 2.61
N PRO A 67 -6.44 -3.90 3.31
CA PRO A 67 -7.19 -3.03 4.21
C PRO A 67 -6.29 -2.24 5.15
N ASP A 68 -5.70 -2.93 6.12
CA ASP A 68 -4.80 -2.27 7.08
C ASP A 68 -3.72 -1.48 6.37
N ALA A 69 -3.52 -1.77 5.08
CA ALA A 69 -2.51 -1.08 4.28
C ALA A 69 -2.91 0.35 3.99
N VAL A 70 -3.67 0.53 2.91
CA VAL A 70 -4.11 1.85 2.50
C VAL A 70 -5.06 2.48 3.51
N GLU A 71 -5.69 1.63 4.31
CA GLU A 71 -6.61 2.11 5.33
C GLU A 71 -5.88 2.85 6.44
N TYR A 72 -4.70 2.36 6.80
CA TYR A 72 -3.90 2.97 7.84
C TYR A 72 -3.35 4.33 7.38
N ILE A 73 -2.76 4.34 6.19
CA ILE A 73 -2.20 5.57 5.64
C ILE A 73 -3.31 6.56 5.28
N ALA A 74 -4.48 6.03 4.96
CA ALA A 74 -5.62 6.86 4.60
C ALA A 74 -6.07 7.69 5.78
N GLN A 75 -6.06 7.09 6.96
CA GLN A 75 -6.48 7.77 8.18
C GLN A 75 -5.38 8.68 8.70
N ASN A 76 -4.20 8.12 8.87
CA ASN A 76 -3.07 8.89 9.34
C ASN A 76 -3.10 10.29 8.75
N PRO A 77 -2.64 10.45 7.52
CA PRO A 77 -2.63 11.74 6.83
C PRO A 77 -4.02 12.37 6.75
N MET A 78 -5.04 11.53 6.60
CA MET A 78 -6.42 12.01 6.52
C MET A 78 -6.75 12.93 7.69
N ALA A 79 -5.94 12.86 8.75
CA ALA A 79 -6.15 13.68 9.92
C ALA A 79 -4.82 14.12 10.53
N LYS A 80 -3.74 13.96 9.77
CA LYS A 80 -2.42 14.34 10.24
C LYS A 80 -2.50 15.19 11.51
P24 PNS B . 13.37 -7.84 0.89
O25 PNS B . 12.39 -8.98 1.46
O26 PNS B . 14.12 -7.12 2.12
O27 PNS B . 14.47 -8.51 -0.08
C28 PNS B . 14.03 -9.82 -0.46
C29 PNS B . 14.42 -10.09 -1.90
C30 PNS B . 13.19 -10.11 -2.77
C31 PNS B . 15.35 -9.00 -2.39
C32 PNS B . 15.13 -11.44 -1.99
O33 PNS B . 14.80 -12.34 -0.94
C34 PNS B . 15.53 -11.97 -3.33
O35 PNS B . 14.76 -12.65 -4.01
N36 PNS B . 16.46 -11.17 -3.87
C37 PNS B . 17.64 -10.71 -3.15
C38 PNS B . 18.24 -11.80 -2.28
C39 PNS B . 18.92 -12.89 -3.10
O40 PNS B . 19.50 -13.82 -2.55
N41 PNS B . 18.29 -13.02 -4.26
C42 PNS B . 18.66 -12.28 -5.47
C43 PNS B . 18.69 -13.17 -6.70
S44 PNS B . 17.21 -14.22 -6.77
H282 PNS B . 12.96 -9.88 -0.38
H281 PNS B . 14.49 -10.56 0.16
H303 PNS B . 13.46 -10.33 -3.79
H302 PNS B . 12.70 -9.14 -2.73
H301 PNS B . 12.50 -10.87 -2.40
H313 PNS B . 14.81 -8.08 -2.47
H312 PNS B . 15.75 -9.27 -3.35
H311 PNS B . 16.16 -8.88 -1.68
H32 PNS B . 16.10 -11.13 -1.64
H33 PNS B . 15.10 -13.21 -1.17
H36 PNS B . 16.34 -10.87 -4.80
H372 PNS B . 17.36 -9.88 -2.52
H371 PNS B . 18.38 -10.39 -3.87
H382 PNS B . 18.98 -11.35 -1.63
H381 PNS B . 17.46 -12.25 -1.69
H41 PNS B . 17.54 -13.65 -4.33
H422 PNS B . 17.95 -11.49 -5.62
H421 PNS B . 19.65 -11.85 -5.33
H431 PNS B . 18.71 -12.54 -7.59
H432 PNS B . 19.56 -13.80 -6.66
H44 PNS B . 17.20 -14.75 -5.98
N MET A 1 -6.53 12.69 1.20
CA MET A 1 -7.70 11.78 1.25
C MET A 1 -7.62 10.70 0.19
N ASN A 2 -8.45 10.81 -0.84
CA ASN A 2 -8.47 9.83 -1.92
C ASN A 2 -7.12 9.77 -2.62
N ASP A 3 -6.42 10.89 -2.65
CA ASP A 3 -5.12 10.96 -3.30
C ASP A 3 -4.20 9.85 -2.82
N VAL A 4 -4.43 9.36 -1.61
CA VAL A 4 -3.62 8.30 -1.05
C VAL A 4 -3.90 6.97 -1.75
N LEU A 5 -5.17 6.60 -1.81
CA LEU A 5 -5.57 5.35 -2.46
C LEU A 5 -5.32 5.40 -3.96
N THR A 6 -5.52 6.58 -4.53
CA THR A 6 -5.35 6.78 -5.96
C THR A 6 -3.92 6.55 -6.40
N ARG A 7 -3.02 7.31 -5.80
CA ARG A 7 -1.61 7.24 -6.14
C ARG A 7 -0.98 5.99 -5.54
N VAL A 8 -1.34 5.70 -4.30
CA VAL A 8 -0.80 4.54 -3.61
C VAL A 8 -1.28 3.26 -4.25
N LEU A 9 -2.58 3.16 -4.46
CA LEU A 9 -3.19 1.97 -5.08
C LEU A 9 -2.78 1.86 -6.54
N GLU A 10 -2.84 2.98 -7.26
CA GLU A 10 -2.50 3.03 -8.67
C GLU A 10 -1.01 2.74 -8.87
N VAL A 11 -0.22 3.17 -7.91
CA VAL A 11 1.23 3.00 -7.98
C VAL A 11 1.66 1.55 -7.98
N VAL A 12 1.24 0.81 -6.96
CA VAL A 12 1.58 -0.60 -6.85
C VAL A 12 1.08 -1.35 -8.07
N LYS A 13 -0.15 -1.04 -8.46
CA LYS A 13 -0.77 -1.67 -9.61
C LYS A 13 -0.01 -1.33 -10.88
N ASN A 14 0.52 -0.11 -10.94
CA ASN A 14 1.28 0.34 -12.11
C ASN A 14 2.73 -0.14 -12.01
N PHE A 15 3.07 -0.79 -10.91
CA PHE A 15 4.41 -1.30 -10.70
C PHE A 15 4.58 -2.63 -11.42
N GLU A 16 3.47 -3.31 -11.67
CA GLU A 16 3.48 -4.60 -12.35
C GLU A 16 3.18 -5.72 -11.37
N LYS A 17 2.93 -5.35 -10.13
CA LYS A 17 2.63 -6.32 -9.08
C LYS A 17 1.28 -6.99 -9.34
N VAL A 18 0.26 -6.17 -9.60
CA VAL A 18 -1.08 -6.70 -9.86
C VAL A 18 -2.09 -5.57 -10.01
N ASP A 19 -3.19 -5.87 -10.71
CA ASP A 19 -4.24 -4.88 -10.93
C ASP A 19 -5.05 -4.67 -9.66
N ALA A 20 -5.25 -3.40 -9.29
CA ALA A 20 -6.01 -3.06 -8.10
C ALA A 20 -7.41 -3.65 -8.15
N SER A 21 -7.86 -4.01 -9.35
CA SER A 21 -9.18 -4.59 -9.54
C SER A 21 -9.30 -5.95 -8.88
N LYS A 22 -8.14 -6.55 -8.57
CA LYS A 22 -8.11 -7.86 -7.94
C LYS A 22 -8.15 -7.73 -6.41
N VAL A 23 -7.86 -6.53 -5.92
CA VAL A 23 -7.85 -6.28 -4.49
C VAL A 23 -9.27 -6.07 -3.95
N THR A 24 -9.64 -6.86 -2.95
CA THR A 24 -10.96 -6.75 -2.35
C THR A 24 -10.85 -6.28 -0.90
N PRO A 25 -11.99 -5.90 -0.30
CA PRO A 25 -12.03 -5.43 1.09
C PRO A 25 -11.52 -6.47 2.08
N GLU A 26 -11.79 -7.73 1.79
CA GLU A 26 -11.36 -8.83 2.64
C GLU A 26 -10.17 -9.56 2.04
N SER A 27 -9.59 -8.97 1.00
CA SER A 27 -8.45 -9.57 0.32
C SER A 27 -7.17 -9.36 1.12
N HIS A 28 -6.35 -10.41 1.20
CA HIS A 28 -5.09 -10.35 1.93
C HIS A 28 -3.98 -9.83 1.04
N PHE A 29 -3.01 -9.13 1.63
CA PHE A 29 -1.89 -8.58 0.89
C PHE A 29 -1.00 -9.69 0.35
N VAL A 30 -0.71 -10.66 1.20
CA VAL A 30 0.14 -11.77 0.82
C VAL A 30 -0.68 -12.88 0.16
N LYS A 31 -1.90 -13.06 0.64
CA LYS A 31 -2.79 -14.09 0.12
C LYS A 31 -3.38 -13.67 -1.21
N ASP A 32 -3.39 -12.37 -1.47
CA ASP A 32 -3.93 -11.84 -2.72
C ASP A 32 -2.88 -11.83 -3.81
N LEU A 33 -1.68 -12.29 -3.48
CA LEU A 33 -0.58 -12.33 -4.45
C LEU A 33 0.74 -11.96 -3.79
N GLY A 34 0.68 -11.56 -2.51
CA GLY A 34 1.87 -11.19 -1.78
C GLY A 34 2.97 -10.67 -2.69
N LEU A 35 3.17 -9.36 -2.71
CA LEU A 35 4.19 -8.74 -3.54
C LEU A 35 5.59 -9.07 -3.01
N ASN A 36 6.58 -9.01 -3.90
CA ASN A 36 7.95 -9.31 -3.52
C ASN A 36 8.52 -8.22 -2.61
N SER A 37 9.67 -8.49 -2.02
CA SER A 37 10.33 -7.54 -1.13
C SER A 37 10.69 -6.26 -1.87
N LEU A 38 11.53 -6.40 -2.89
CA LEU A 38 11.96 -5.26 -3.68
C LEU A 38 10.77 -4.42 -4.12
N ASP A 39 9.61 -5.05 -4.19
CA ASP A 39 8.39 -4.37 -4.59
C ASP A 39 7.89 -3.45 -3.48
N VAL A 40 7.08 -4.02 -2.60
CA VAL A 40 6.52 -3.26 -1.48
C VAL A 40 7.53 -2.29 -0.91
N VAL A 41 8.80 -2.66 -0.96
CA VAL A 41 9.87 -1.81 -0.43
C VAL A 41 10.06 -0.56 -1.29
N GLU A 42 9.95 -0.73 -2.60
CA GLU A 42 10.11 0.38 -3.53
C GLU A 42 8.89 1.29 -3.47
N VAL A 43 7.72 0.67 -3.51
CA VAL A 43 6.46 1.40 -3.46
C VAL A 43 6.30 2.12 -2.13
N VAL A 44 6.70 1.45 -1.06
CA VAL A 44 6.60 2.03 0.28
C VAL A 44 7.40 3.32 0.34
N PHE A 45 8.59 3.31 -0.28
CA PHE A 45 9.44 4.48 -0.31
C PHE A 45 8.80 5.58 -1.16
N ALA A 46 7.96 5.16 -2.09
CA ALA A 46 7.28 6.08 -2.98
C ALA A 46 6.12 6.76 -2.26
N ILE A 47 5.11 5.97 -1.92
CA ILE A 47 3.94 6.47 -1.22
C ILE A 47 4.36 7.31 -0.02
N GLU A 48 5.30 6.81 0.77
CA GLU A 48 5.78 7.53 1.93
C GLU A 48 6.27 8.91 1.53
N GLN A 49 6.89 8.98 0.35
CA GLN A 49 7.39 10.24 -0.17
C GLN A 49 6.26 11.26 -0.24
N GLU A 50 5.12 10.83 -0.74
CA GLU A 50 3.96 11.71 -0.85
C GLU A 50 2.88 11.30 0.15
N PHE A 51 3.31 10.83 1.31
CA PHE A 51 2.40 10.41 2.37
C PHE A 51 2.87 10.90 3.74
N ILE A 52 4.04 11.54 3.77
CA ILE A 52 4.60 12.06 5.03
C ILE A 52 4.61 10.98 6.11
N LEU A 53 5.18 9.83 5.78
CA LEU A 53 5.26 8.72 6.73
C LEU A 53 5.72 7.44 6.03
N ASP A 54 6.66 6.75 6.65
CA ASP A 54 7.19 5.51 6.10
C ASP A 54 6.25 4.34 6.37
N ILE A 55 6.14 3.44 5.41
CA ILE A 55 5.27 2.28 5.55
C ILE A 55 6.07 0.97 5.52
N PRO A 56 7.41 1.04 5.46
CA PRO A 56 8.27 -0.14 5.43
C PRO A 56 8.36 -0.82 6.80
N ASP A 57 9.41 -0.49 7.54
CA ASP A 57 9.63 -1.05 8.87
C ASP A 57 8.54 -2.06 9.25
N HIS A 58 7.97 -1.87 10.44
CA HIS A 58 6.92 -2.76 10.93
C HIS A 58 5.56 -2.37 10.37
N ASP A 59 5.47 -1.17 9.79
CA ASP A 59 4.23 -0.70 9.21
C ASP A 59 3.78 -1.59 8.06
N ALA A 60 4.73 -1.93 7.18
CA ALA A 60 4.45 -2.78 6.04
C ALA A 60 4.60 -4.25 6.39
N GLU A 61 5.60 -4.56 7.21
CA GLU A 61 5.86 -5.93 7.62
C GLU A 61 4.70 -6.48 8.45
N LYS A 62 4.10 -5.61 9.26
CA LYS A 62 2.98 -6.01 10.10
C LYS A 62 1.67 -5.98 9.33
N ILE A 63 1.78 -5.90 8.01
CA ILE A 63 0.60 -5.86 7.15
C ILE A 63 0.40 -7.18 6.41
N GLN A 64 -0.76 -7.79 6.62
CA GLN A 64 -1.08 -9.05 5.98
C GLN A 64 -2.29 -8.90 5.06
N SER A 65 -2.93 -7.74 5.13
CA SER A 65 -4.10 -7.45 4.31
C SER A 65 -3.90 -6.19 3.49
N ILE A 66 -4.19 -6.28 2.20
CA ILE A 66 -4.04 -5.15 1.29
C ILE A 66 -4.81 -3.93 1.80
N PRO A 67 -6.07 -4.14 2.23
CA PRO A 67 -6.91 -3.05 2.73
C PRO A 67 -6.44 -2.52 4.08
N ASP A 68 -5.86 -3.39 4.89
CA ASP A 68 -5.36 -3.00 6.20
C ASP A 68 -4.23 -1.99 6.08
N ALA A 69 -3.54 -2.02 4.95
CA ALA A 69 -2.44 -1.10 4.71
C ALA A 69 -2.94 0.25 4.22
N VAL A 70 -3.75 0.22 3.18
CA VAL A 70 -4.32 1.44 2.61
C VAL A 70 -5.27 2.12 3.59
N GLU A 71 -5.81 1.34 4.51
CA GLU A 71 -6.73 1.87 5.50
C GLU A 71 -6.01 2.73 6.52
N TYR A 72 -4.96 2.19 7.12
CA TYR A 72 -4.17 2.91 8.12
C TYR A 72 -3.52 4.13 7.49
N ILE A 73 -3.04 3.97 6.27
CA ILE A 73 -2.39 5.06 5.56
C ILE A 73 -3.39 6.17 5.24
N ALA A 74 -4.63 5.79 5.02
CA ALA A 74 -5.67 6.75 4.71
C ALA A 74 -5.95 7.68 5.88
N GLN A 75 -6.04 7.09 7.07
CA GLN A 75 -6.30 7.85 8.28
C GLN A 75 -5.06 8.54 8.79
N ASN A 76 -3.91 7.91 8.61
CA ASN A 76 -2.65 8.49 9.04
C ASN A 76 -2.50 9.89 8.47
N PRO A 77 -2.05 9.99 7.21
CA PRO A 77 -1.87 11.27 6.52
C PRO A 77 -3.13 12.14 6.59
N MET A 78 -4.29 11.50 6.54
CA MET A 78 -5.55 12.25 6.61
C MET A 78 -5.68 12.96 7.95
N ALA A 79 -4.91 12.50 8.93
CA ALA A 79 -4.93 13.08 10.27
C ALA A 79 -3.87 14.15 10.41
N LYS A 80 -2.63 13.70 10.60
CA LYS A 80 -1.50 14.62 10.76
C LYS A 80 -1.85 16.02 10.25
P24 PNS B . 12.69 -10.19 0.36
O25 PNS B . 12.01 -10.92 1.63
O26 PNS B . 13.65 -9.00 0.88
O27 PNS B . 13.55 -11.26 -0.48
C28 PNS B . 13.72 -10.78 -1.82
C29 PNS B . 15.19 -10.63 -2.14
C30 PNS B . 15.70 -11.88 -2.80
C31 PNS B . 15.38 -9.45 -3.05
C32 PNS B . 15.97 -10.40 -0.85
O33 PNS B . 16.24 -11.58 -0.11
C34 PNS B . 16.89 -9.22 -0.73
O35 PNS B . 16.82 -8.45 0.23
N36 PNS B . 18.03 -9.48 -1.37
C37 PNS B . 18.73 -10.75 -1.26
C38 PNS B . 20.18 -10.64 -1.73
C39 PNS B . 20.49 -11.56 -2.88
O40 PNS B . 21.66 -11.84 -3.18
N41 PNS B . 19.51 -11.51 -3.78
C42 PNS B . 19.61 -12.07 -5.12
C43 PNS B . 18.83 -11.25 -6.14
S44 PNS B . 19.16 -11.82 -7.83
H282 PNS B . 13.22 -9.83 -1.94
H281 PNS B . 13.28 -11.49 -2.51
H303 PNS B . 16.74 -11.76 -3.03
H302 PNS B . 15.14 -12.05 -3.72
H301 PNS B . 15.56 -12.72 -2.15
H313 PNS B . 16.11 -9.70 -3.81
H312 PNS B . 15.73 -8.60 -2.49
H311 PNS B . 14.44 -9.20 -3.53
H32 PNS B . 15.15 -10.01 -0.24
H33 PNS B . 15.84 -11.52 0.77
H36 PNS B . 18.41 -8.80 -1.95
H372 PNS B . 18.23 -11.49 -1.87
H371 PNS B . 18.73 -11.07 -0.23
H382 PNS B . 20.36 -9.62 -2.04
H381 PNS B . 20.83 -10.88 -0.91
H41 PNS B . 18.67 -11.07 -3.53
H422 PNS B . 20.64 -12.09 -5.42
H421 PNS B . 19.23 -13.08 -5.11
H431 PNS B . 17.77 -11.37 -5.95
H432 PNS B . 19.11 -10.21 -6.06
H44 PNS B . 19.51 -11.07 -8.32
N MET A 1 -7.76 12.52 0.61
CA MET A 1 -8.52 11.29 0.95
C MET A 1 -8.41 10.25 -0.16
N ASN A 2 -9.22 10.41 -1.19
CA ASN A 2 -9.21 9.49 -2.33
C ASN A 2 -7.84 9.46 -3.00
N ASP A 3 -7.16 10.60 -2.96
CA ASP A 3 -5.84 10.73 -3.56
C ASP A 3 -4.89 9.63 -3.10
N VAL A 4 -5.15 9.10 -1.91
CA VAL A 4 -4.32 8.03 -1.35
C VAL A 4 -4.47 6.74 -2.14
N LEU A 5 -5.70 6.26 -2.27
CA LEU A 5 -5.97 5.04 -3.01
C LEU A 5 -5.72 5.25 -4.50
N THR A 6 -6.01 6.45 -4.97
CA THR A 6 -5.82 6.78 -6.38
C THR A 6 -4.37 6.64 -6.81
N ARG A 7 -3.49 7.33 -6.11
CA ARG A 7 -2.07 7.29 -6.42
C ARG A 7 -1.43 6.01 -5.92
N VAL A 8 -1.73 5.65 -4.68
CA VAL A 8 -1.18 4.45 -4.07
C VAL A 8 -1.59 3.22 -4.87
N LEU A 9 -2.88 3.11 -5.14
CA LEU A 9 -3.42 1.97 -5.90
C LEU A 9 -2.72 1.85 -7.25
N GLU A 10 -2.58 2.98 -7.94
CA GLU A 10 -1.94 3.00 -9.25
C GLU A 10 -0.51 2.46 -9.17
N VAL A 11 0.15 2.72 -8.05
CA VAL A 11 1.52 2.26 -7.86
C VAL A 11 1.61 0.74 -7.84
N VAL A 12 0.67 0.11 -7.15
CA VAL A 12 0.64 -1.34 -7.07
C VAL A 12 0.27 -1.95 -8.41
N LYS A 13 -0.80 -1.43 -9.01
CA LYS A 13 -1.27 -1.90 -10.30
C LYS A 13 -0.15 -1.84 -11.33
N ASN A 14 0.52 -0.69 -11.41
CA ASN A 14 1.60 -0.50 -12.36
C ASN A 14 2.92 -1.04 -11.81
N PHE A 15 2.90 -1.52 -10.58
CA PHE A 15 4.09 -2.07 -9.94
C PHE A 15 4.62 -3.23 -10.77
N GLU A 16 3.70 -4.07 -11.22
CA GLU A 16 4.05 -5.24 -12.04
C GLU A 16 3.52 -6.52 -11.39
N LYS A 17 2.74 -6.37 -10.34
CA LYS A 17 2.18 -7.52 -9.63
C LYS A 17 0.82 -7.90 -10.21
N VAL A 18 -0.05 -6.91 -10.36
CA VAL A 18 -1.39 -7.14 -10.90
C VAL A 18 -2.22 -5.87 -10.87
N ASP A 19 -3.42 -5.93 -11.46
CA ASP A 19 -4.31 -4.78 -11.49
C ASP A 19 -4.79 -4.43 -10.09
N ALA A 20 -4.51 -3.20 -9.67
CA ALA A 20 -4.91 -2.73 -8.34
C ALA A 20 -6.42 -2.82 -8.16
N SER A 21 -7.14 -2.83 -9.28
CA SER A 21 -8.60 -2.90 -9.26
C SER A 21 -9.07 -4.26 -8.77
N LYS A 22 -8.16 -5.24 -8.80
CA LYS A 22 -8.49 -6.59 -8.36
C LYS A 22 -8.53 -6.68 -6.84
N VAL A 23 -7.97 -5.67 -6.18
CA VAL A 23 -7.94 -5.64 -4.73
C VAL A 23 -9.27 -5.15 -4.16
N THR A 24 -9.86 -5.97 -3.28
CA THR A 24 -11.12 -5.63 -2.67
C THR A 24 -10.96 -5.41 -1.16
N PRO A 25 -11.99 -4.87 -0.50
CA PRO A 25 -11.96 -4.60 0.94
C PRO A 25 -11.62 -5.83 1.76
N GLU A 26 -12.09 -7.00 1.31
CA GLU A 26 -11.85 -8.25 2.01
C GLU A 26 -10.75 -9.05 1.33
N SER A 27 -10.19 -8.49 0.26
CA SER A 27 -9.13 -9.15 -0.49
C SER A 27 -7.77 -8.92 0.17
N HIS A 28 -7.01 -10.00 0.34
CA HIS A 28 -5.70 -9.92 0.95
C HIS A 28 -4.66 -9.44 -0.07
N PHE A 29 -3.70 -8.65 0.40
CA PHE A 29 -2.65 -8.13 -0.47
C PHE A 29 -1.73 -9.25 -0.96
N VAL A 30 -0.73 -9.57 -0.16
CA VAL A 30 0.23 -10.61 -0.50
C VAL A 30 -0.48 -11.87 -0.96
N LYS A 31 -1.66 -12.11 -0.43
CA LYS A 31 -2.44 -13.28 -0.76
C LYS A 31 -3.20 -13.09 -2.08
N ASP A 32 -3.38 -11.83 -2.48
CA ASP A 32 -4.11 -11.54 -3.70
C ASP A 32 -3.19 -10.97 -4.78
N LEU A 33 -1.87 -11.03 -4.55
CA LEU A 33 -0.91 -10.53 -5.52
C LEU A 33 0.52 -10.81 -5.09
N GLY A 34 0.73 -10.84 -3.78
CA GLY A 34 2.07 -11.10 -3.25
C GLY A 34 3.13 -10.22 -3.88
N LEU A 35 3.45 -9.12 -3.18
CA LEU A 35 4.44 -8.18 -3.67
C LEU A 35 5.84 -8.57 -3.17
N ASN A 36 6.78 -8.70 -4.10
CA ASN A 36 8.14 -9.07 -3.75
C ASN A 36 8.78 -8.00 -2.86
N SER A 37 9.98 -8.28 -2.36
CA SER A 37 10.68 -7.36 -1.49
C SER A 37 10.92 -6.02 -2.18
N LEU A 38 11.56 -6.08 -3.34
CA LEU A 38 11.85 -4.89 -4.12
C LEU A 38 10.61 -4.01 -4.25
N ASP A 39 9.45 -4.63 -4.13
CA ASP A 39 8.18 -3.90 -4.23
C ASP A 39 7.96 -3.04 -3.00
N VAL A 40 7.36 -3.64 -1.98
CA VAL A 40 7.08 -2.94 -0.74
C VAL A 40 8.08 -1.81 -0.50
N VAL A 41 9.32 -2.03 -0.89
CA VAL A 41 10.37 -1.02 -0.71
C VAL A 41 10.10 0.21 -1.56
N GLU A 42 9.87 -0.01 -2.85
CA GLU A 42 9.61 1.10 -3.77
C GLU A 42 8.28 1.77 -3.45
N VAL A 43 7.31 0.96 -3.06
CA VAL A 43 5.99 1.45 -2.72
C VAL A 43 6.04 2.26 -1.44
N VAL A 44 6.83 1.80 -0.49
CA VAL A 44 6.99 2.48 0.78
C VAL A 44 7.62 3.84 0.57
N PHE A 45 8.65 3.89 -0.28
CA PHE A 45 9.34 5.13 -0.58
C PHE A 45 8.44 6.04 -1.42
N ALA A 46 7.54 5.41 -2.17
CA ALA A 46 6.61 6.15 -3.02
C ALA A 46 5.54 6.82 -2.18
N ILE A 47 4.60 6.01 -1.71
CA ILE A 47 3.51 6.52 -0.88
C ILE A 47 4.04 7.42 0.22
N GLU A 48 5.16 7.02 0.83
CA GLU A 48 5.76 7.81 1.90
C GLU A 48 6.03 9.23 1.40
N GLN A 49 6.41 9.32 0.13
CA GLN A 49 6.68 10.61 -0.49
C GLN A 49 5.44 11.48 -0.47
N GLU A 50 4.30 10.86 -0.78
CA GLU A 50 3.03 11.58 -0.79
C GLU A 50 2.16 11.16 0.39
N PHE A 51 2.79 10.88 1.53
CA PHE A 51 2.09 10.47 2.73
C PHE A 51 2.63 11.17 3.97
N ILE A 52 3.79 11.80 3.85
CA ILE A 52 4.42 12.49 4.98
C ILE A 52 4.48 11.59 6.21
N LEU A 53 4.86 10.33 5.99
CA LEU A 53 4.97 9.36 7.07
C LEU A 53 5.58 8.06 6.58
N ASP A 54 6.34 7.40 7.44
CA ASP A 54 7.00 6.15 7.08
C ASP A 54 6.02 4.98 7.17
N ILE A 55 6.15 4.04 6.24
CA ILE A 55 5.28 2.88 6.20
C ILE A 55 6.05 1.60 6.54
N PRO A 56 7.25 1.42 5.96
CA PRO A 56 8.08 0.24 6.20
C PRO A 56 8.22 -0.08 7.68
N ASP A 57 9.28 -0.81 8.02
CA ASP A 57 9.53 -1.19 9.41
C ASP A 57 8.53 -2.24 9.88
N HIS A 58 8.85 -2.92 10.96
CA HIS A 58 7.97 -3.95 11.51
C HIS A 58 6.51 -3.62 11.24
N ASP A 59 6.21 -2.33 11.13
CA ASP A 59 4.84 -1.89 10.87
C ASP A 59 4.39 -2.30 9.47
N ALA A 60 5.25 -2.11 8.49
CA ALA A 60 4.93 -2.47 7.11
C ALA A 60 4.85 -3.98 6.94
N GLU A 61 5.61 -4.70 7.76
CA GLU A 61 5.63 -6.15 7.70
C GLU A 61 4.40 -6.73 8.39
N LYS A 62 3.88 -6.02 9.37
CA LYS A 62 2.70 -6.46 10.11
C LYS A 62 1.44 -6.33 9.26
N ILE A 63 1.62 -5.90 8.02
CA ILE A 63 0.49 -5.73 7.11
C ILE A 63 0.48 -6.82 6.04
N GLN A 64 -0.61 -7.57 5.98
CA GLN A 64 -0.75 -8.64 5.01
C GLN A 64 -1.92 -8.38 4.07
N SER A 65 -2.97 -7.77 4.59
CA SER A 65 -4.16 -7.47 3.80
C SER A 65 -4.08 -6.06 3.20
N ILE A 66 -4.53 -5.93 1.96
CA ILE A 66 -4.50 -4.64 1.27
C ILE A 66 -5.22 -3.57 2.08
N PRO A 67 -6.34 -3.90 2.73
CA PRO A 67 -7.12 -2.96 3.53
C PRO A 67 -6.26 -2.26 4.58
N ASP A 68 -6.11 -2.89 5.74
CA ASP A 68 -5.32 -2.33 6.83
C ASP A 68 -4.06 -1.66 6.28
N ALA A 69 -3.65 -2.07 5.08
CA ALA A 69 -2.45 -1.52 4.44
C ALA A 69 -2.62 -0.04 4.16
N VAL A 70 -3.13 0.27 2.97
CA VAL A 70 -3.34 1.65 2.56
C VAL A 70 -4.38 2.34 3.42
N GLU A 71 -5.17 1.54 4.13
CA GLU A 71 -6.22 2.07 4.99
C GLU A 71 -5.61 2.82 6.19
N TYR A 72 -4.71 2.15 6.90
CA TYR A 72 -4.05 2.75 8.04
C TYR A 72 -3.20 3.95 7.63
N ILE A 73 -2.54 3.82 6.49
CA ILE A 73 -1.70 4.88 5.96
C ILE A 73 -2.52 6.09 5.54
N ALA A 74 -3.63 5.81 4.87
CA ALA A 74 -4.52 6.87 4.39
C ALA A 74 -4.96 7.77 5.54
N GLN A 75 -5.20 7.16 6.69
CA GLN A 75 -5.63 7.90 7.87
C GLN A 75 -4.43 8.56 8.54
N ASN A 76 -3.25 8.03 8.27
CA ASN A 76 -2.01 8.57 8.85
C ASN A 76 -1.88 10.06 8.53
N PRO A 77 -1.87 10.41 7.24
CA PRO A 77 -1.74 11.80 6.81
C PRO A 77 -3.07 12.56 6.89
N MET A 78 -4.16 11.83 6.70
CA MET A 78 -5.49 12.42 6.75
C MET A 78 -5.90 12.74 8.19
N ALA A 79 -5.07 12.33 9.14
CA ALA A 79 -5.35 12.59 10.55
C ALA A 79 -4.09 12.98 11.31
N LYS A 80 -2.98 13.12 10.58
CA LYS A 80 -1.71 13.48 11.20
C LYS A 80 -1.94 14.26 12.49
P24 PNS B . 13.20 -9.95 -0.18
O25 PNS B . 14.36 -9.01 0.44
O26 PNS B . 12.99 -11.24 0.76
O27 PNS B . 13.61 -10.43 -1.65
C28 PNS B . 12.45 -10.85 -2.37
C29 PNS B . 12.65 -10.61 -3.86
C30 PNS B . 11.61 -11.38 -4.63
C31 PNS B . 12.50 -9.14 -4.14
C32 PNS B . 14.03 -11.08 -4.27
O33 PNS B . 14.03 -12.22 -5.13
C34 PNS B . 15.16 -10.09 -4.34
O35 PNS B . 16.26 -10.34 -3.83
N36 PNS B . 15.02 -9.35 -5.43
C37 PNS B . 16.03 -8.40 -5.90
C38 PNS B . 16.87 -8.98 -7.03
C39 PNS B . 17.40 -10.37 -6.72
O40 PNS B . 17.86 -11.08 -7.61
N41 PNS B . 17.83 -10.40 -5.46
C42 PNS B . 18.38 -11.59 -4.83
C43 PNS B . 17.39 -12.75 -4.84
S44 PNS B . 18.25 -14.34 -4.74
H282 PNS B . 11.59 -10.29 -2.03
H281 PNS B . 12.29 -11.91 -2.21
H303 PNS B . 12.04 -11.77 -5.54
H302 PNS B . 10.79 -10.72 -4.88
H301 PNS B . 11.23 -12.20 -4.02
H313 PNS B . 12.08 -9.01 -5.13
H312 PNS B . 13.48 -8.67 -4.10
H311 PNS B . 11.85 -8.69 -3.41
H32 PNS B . 14.32 -11.57 -3.34
H33 PNS B . 14.41 -11.97 -5.98
H36 PNS B . 14.19 -9.42 -5.95
H372 PNS B . 16.69 -8.16 -5.08
H371 PNS B . 15.55 -7.51 -6.25
H382 PNS B . 16.26 -9.03 -7.92
H381 PNS B . 17.70 -8.32 -7.22
H41 PNS B . 17.78 -9.59 -4.93
H422 PNS B . 19.27 -11.89 -5.37
H421 PNS B . 18.63 -11.37 -3.81
H431 PNS B . 16.73 -12.67 -3.99
H432 PNS B . 16.82 -12.73 -5.75
H44 PNS B . 19.20 -14.17 -4.77
N MET A 1 -7.34 12.33 1.71
CA MET A 1 -7.86 10.97 2.02
C MET A 1 -7.85 10.09 0.77
N ASN A 2 -8.60 10.49 -0.25
CA ASN A 2 -8.68 9.73 -1.49
C ASN A 2 -7.39 9.85 -2.28
N ASP A 3 -6.74 10.99 -2.16
CA ASP A 3 -5.49 11.25 -2.88
C ASP A 3 -4.48 10.13 -2.68
N VAL A 4 -4.45 9.58 -1.48
CA VAL A 4 -3.52 8.50 -1.16
C VAL A 4 -3.90 7.20 -1.86
N LEU A 5 -5.18 6.84 -1.79
CA LEU A 5 -5.67 5.62 -2.42
C LEU A 5 -5.59 5.70 -3.94
N THR A 6 -5.83 6.89 -4.47
CA THR A 6 -5.81 7.11 -5.91
C THR A 6 -4.44 6.83 -6.51
N ARG A 7 -3.43 7.54 -6.01
CA ARG A 7 -2.07 7.40 -6.51
C ARG A 7 -1.43 6.14 -5.94
N VAL A 8 -1.70 5.87 -4.67
CA VAL A 8 -1.14 4.70 -4.00
C VAL A 8 -1.66 3.40 -4.60
N LEU A 9 -2.99 3.29 -4.74
CA LEU A 9 -3.59 2.08 -5.30
C LEU A 9 -3.14 1.88 -6.74
N GLU A 10 -3.16 2.95 -7.52
CA GLU A 10 -2.76 2.90 -8.92
C GLU A 10 -1.28 2.57 -9.05
N VAL A 11 -0.51 3.06 -8.08
CA VAL A 11 0.93 2.84 -8.07
C VAL A 11 1.29 1.36 -8.05
N VAL A 12 0.75 0.66 -7.07
CA VAL A 12 1.01 -0.77 -6.92
C VAL A 12 0.44 -1.57 -8.08
N LYS A 13 -0.84 -1.35 -8.37
CA LYS A 13 -1.50 -2.06 -9.46
C LYS A 13 -0.77 -1.85 -10.78
N ASN A 14 -0.36 -0.61 -11.04
CA ASN A 14 0.35 -0.29 -12.27
C ASN A 14 1.84 -0.58 -12.12
N PHE A 15 2.25 -1.01 -10.94
CA PHE A 15 3.64 -1.33 -10.67
C PHE A 15 4.02 -2.66 -11.31
N GLU A 16 3.02 -3.48 -11.55
CA GLU A 16 3.23 -4.80 -12.15
C GLU A 16 3.13 -5.90 -11.10
N LYS A 17 3.04 -5.49 -9.84
CA LYS A 17 2.95 -6.44 -8.74
C LYS A 17 1.66 -7.25 -8.83
N VAL A 18 0.59 -6.62 -9.30
CA VAL A 18 -0.69 -7.29 -9.44
C VAL A 18 -1.77 -6.32 -9.91
N ASP A 19 -2.68 -6.81 -10.76
CA ASP A 19 -3.76 -5.99 -11.29
C ASP A 19 -4.75 -5.64 -10.19
N ALA A 20 -5.05 -4.35 -10.06
CA ALA A 20 -5.99 -3.89 -9.04
C ALA A 20 -7.38 -4.48 -9.27
N SER A 21 -7.63 -4.93 -10.49
CA SER A 21 -8.92 -5.52 -10.83
C SER A 21 -9.12 -6.85 -10.10
N LYS A 22 -8.02 -7.45 -9.67
CA LYS A 22 -8.07 -8.72 -8.96
C LYS A 22 -8.07 -8.50 -7.46
N VAL A 23 -7.69 -7.30 -7.04
CA VAL A 23 -7.64 -6.96 -5.63
C VAL A 23 -9.03 -6.62 -5.09
N THR A 24 -9.44 -7.32 -4.03
CA THR A 24 -10.73 -7.09 -3.43
C THR A 24 -10.58 -6.54 -2.02
N PRO A 25 -11.67 -6.01 -1.44
CA PRO A 25 -11.65 -5.44 -0.08
C PRO A 25 -11.15 -6.43 0.95
N GLU A 26 -11.48 -7.71 0.76
CA GLU A 26 -11.06 -8.75 1.68
C GLU A 26 -9.90 -9.57 1.10
N SER A 27 -9.34 -9.08 0.00
CA SER A 27 -8.24 -9.76 -0.66
C SER A 27 -6.98 -9.70 0.19
N HIS A 28 -6.30 -10.84 0.30
CA HIS A 28 -5.08 -10.93 1.09
C HIS A 28 -3.88 -10.41 0.30
N PHE A 29 -2.95 -9.76 0.99
CA PHE A 29 -1.77 -9.21 0.35
C PHE A 29 -0.86 -10.33 -0.16
N VAL A 30 0.44 -10.13 -0.01
CA VAL A 30 1.42 -11.12 -0.46
C VAL A 30 0.84 -12.53 -0.42
N LYS A 31 -0.05 -12.75 0.53
CA LYS A 31 -0.69 -14.06 0.68
C LYS A 31 -1.54 -14.40 -0.54
N ASP A 32 -2.39 -13.46 -0.93
CA ASP A 32 -3.26 -13.67 -2.08
C ASP A 32 -2.57 -13.27 -3.38
N LEU A 33 -1.26 -13.03 -3.29
CA LEU A 33 -0.48 -12.64 -4.45
C LEU A 33 0.00 -11.20 -4.32
N GLY A 34 0.38 -10.81 -3.11
CA GLY A 34 0.84 -9.46 -2.87
C GLY A 34 2.15 -9.16 -3.57
N LEU A 35 2.63 -7.93 -3.44
CA LEU A 35 3.87 -7.51 -4.06
C LEU A 35 5.07 -8.18 -3.38
N ASN A 36 6.16 -8.32 -4.13
CA ASN A 36 7.37 -8.94 -3.60
C ASN A 36 8.01 -8.06 -2.54
N SER A 37 9.16 -8.49 -2.03
CA SER A 37 9.88 -7.73 -1.01
C SER A 37 10.35 -6.40 -1.55
N LEU A 38 11.21 -6.46 -2.56
CA LEU A 38 11.75 -5.25 -3.18
C LEU A 38 10.64 -4.32 -3.62
N ASP A 39 9.45 -4.90 -3.85
CA ASP A 39 8.30 -4.11 -4.28
C ASP A 39 7.80 -3.22 -3.15
N VAL A 40 7.01 -3.82 -2.26
CA VAL A 40 6.46 -3.09 -1.13
C VAL A 40 7.43 -2.03 -0.62
N VAL A 41 8.72 -2.35 -0.65
CA VAL A 41 9.74 -1.42 -0.19
C VAL A 41 9.82 -0.20 -1.10
N GLU A 42 9.69 -0.42 -2.40
CA GLU A 42 9.74 0.66 -3.37
C GLU A 42 8.48 1.52 -3.29
N VAL A 43 7.35 0.85 -3.14
CA VAL A 43 6.06 1.51 -3.04
C VAL A 43 5.97 2.30 -1.74
N VAL A 44 6.51 1.75 -0.68
CA VAL A 44 6.50 2.39 0.62
C VAL A 44 7.25 3.71 0.55
N PHE A 45 8.33 3.72 -0.22
CA PHE A 45 9.15 4.91 -0.40
C PHE A 45 8.36 5.97 -1.17
N ALA A 46 7.50 5.49 -2.07
CA ALA A 46 6.67 6.37 -2.87
C ALA A 46 5.72 7.18 -2.00
N ILE A 47 4.64 6.55 -1.58
CA ILE A 47 3.65 7.19 -0.74
C ILE A 47 4.32 7.87 0.46
N GLU A 48 5.30 7.20 1.04
CA GLU A 48 6.02 7.74 2.18
C GLU A 48 6.60 9.10 1.84
N GLN A 49 7.03 9.24 0.60
CA GLN A 49 7.61 10.49 0.13
C GLN A 49 6.57 11.60 0.20
N GLU A 50 5.38 11.34 -0.33
CA GLU A 50 4.31 12.31 -0.30
C GLU A 50 3.30 11.98 0.80
N PHE A 51 3.81 11.45 1.91
CA PHE A 51 2.97 11.09 3.03
C PHE A 51 3.56 11.58 4.35
N ILE A 52 4.83 11.95 4.34
CA ILE A 52 5.51 12.44 5.53
C ILE A 52 5.62 11.35 6.58
N LEU A 53 5.76 10.12 6.14
CA LEU A 53 5.88 8.99 7.05
C LEU A 53 6.33 7.74 6.30
N ASP A 54 7.30 7.02 6.86
CA ASP A 54 7.81 5.81 6.26
C ASP A 54 6.89 4.62 6.52
N ILE A 55 6.75 3.76 5.52
CA ILE A 55 5.90 2.58 5.64
C ILE A 55 6.72 1.34 5.99
N PRO A 56 8.00 1.31 5.59
CA PRO A 56 8.89 0.17 5.86
C PRO A 56 8.83 -0.28 7.32
N ASP A 57 9.89 -0.95 7.77
CA ASP A 57 9.96 -1.43 9.15
C ASP A 57 8.81 -2.38 9.45
N HIS A 58 8.87 -3.01 10.62
CA HIS A 58 7.83 -3.95 11.03
C HIS A 58 6.45 -3.33 10.88
N ASP A 59 6.42 -2.01 10.71
CA ASP A 59 5.16 -1.30 10.57
C ASP A 59 4.43 -1.74 9.30
N ALA A 60 5.17 -1.85 8.20
CA ALA A 60 4.58 -2.27 6.93
C ALA A 60 4.49 -3.79 6.84
N GLU A 61 5.39 -4.46 7.56
CA GLU A 61 5.41 -5.92 7.57
C GLU A 61 4.27 -6.49 8.40
N LYS A 62 3.83 -5.71 9.39
CA LYS A 62 2.74 -6.13 10.26
C LYS A 62 1.40 -6.10 9.52
N ILE A 63 1.45 -5.90 8.21
CA ILE A 63 0.25 -5.84 7.40
C ILE A 63 0.10 -7.10 6.55
N GLN A 64 -1.07 -7.73 6.64
CA GLN A 64 -1.34 -8.95 5.89
C GLN A 64 -2.50 -8.74 4.93
N SER A 65 -3.17 -7.59 5.04
CA SER A 65 -4.30 -7.27 4.17
C SER A 65 -4.02 -6.01 3.37
N ILE A 66 -4.52 -6.00 2.13
CA ILE A 66 -4.33 -4.86 1.24
C ILE A 66 -5.14 -3.65 1.71
N PRO A 67 -6.35 -3.89 2.23
CA PRO A 67 -7.23 -2.81 2.72
C PRO A 67 -6.65 -2.09 3.93
N ASP A 68 -6.34 -2.84 4.98
CA ASP A 68 -5.78 -2.27 6.19
C ASP A 68 -4.45 -1.57 5.90
N ALA A 69 -3.83 -1.95 4.79
CA ALA A 69 -2.56 -1.36 4.39
C ALA A 69 -2.72 0.09 3.97
N VAL A 70 -3.28 0.28 2.79
CA VAL A 70 -3.51 1.62 2.25
C VAL A 70 -4.51 2.38 3.09
N GLU A 71 -5.31 1.66 3.88
CA GLU A 71 -6.31 2.27 4.72
C GLU A 71 -5.67 2.98 5.91
N TYR A 72 -4.69 2.32 6.52
CA TYR A 72 -3.98 2.89 7.67
C TYR A 72 -3.22 4.15 7.27
N ILE A 73 -2.46 4.05 6.19
CA ILE A 73 -1.69 5.19 5.69
C ILE A 73 -2.62 6.32 5.26
N ALA A 74 -3.79 5.95 4.77
CA ALA A 74 -4.77 6.92 4.31
C ALA A 74 -5.26 7.76 5.48
N GLN A 75 -5.46 7.12 6.62
CA GLN A 75 -5.95 7.78 7.81
C GLN A 75 -4.85 8.54 8.53
N ASN A 76 -4.07 7.83 9.33
CA ASN A 76 -2.98 8.45 10.07
C ASN A 76 -2.45 9.68 9.33
N PRO A 77 -1.83 9.46 8.15
CA PRO A 77 -1.29 10.56 7.34
C PRO A 77 -2.34 11.57 6.93
N MET A 78 -3.56 11.10 6.66
CA MET A 78 -4.65 11.99 6.27
C MET A 78 -4.93 13.00 7.36
N ALA A 79 -4.49 12.70 8.58
CA ALA A 79 -4.68 13.57 9.72
C ALA A 79 -3.45 14.42 9.97
N LYS A 80 -2.49 13.83 10.68
CA LYS A 80 -1.25 14.52 11.00
C LYS A 80 -1.40 16.04 10.83
P24 PNS B . 12.19 -10.73 -0.38
O25 PNS B . 12.61 -10.04 1.02
O26 PNS B . 11.45 -12.14 -0.07
O27 PNS B . 13.52 -11.00 -1.26
C28 PNS B . 13.13 -11.32 -2.60
C29 PNS B . 13.67 -10.26 -3.54
C30 PNS B . 13.22 -10.55 -4.95
C31 PNS B . 13.14 -8.91 -3.13
C32 PNS B . 15.19 -10.25 -3.49
O33 PNS B . 15.81 -11.44 -3.97
C34 PNS B . 15.93 -8.94 -3.58
O35 PNS B . 16.26 -8.33 -2.56
N36 PNS B . 16.63 -8.90 -4.70
C37 PNS B . 17.87 -8.15 -4.86
C38 PNS B . 18.87 -8.88 -5.75
C39 PNS B . 19.45 -10.12 -5.07
O40 PNS B . 20.66 -10.31 -5.07
N41 PNS B . 18.55 -11.09 -5.10
C42 PNS B . 18.86 -12.48 -4.80
C43 PNS B . 20.01 -13.01 -5.65
S44 PNS B . 21.41 -13.50 -4.61
H282 PNS B . 12.06 -11.34 -2.68
H281 PNS B . 13.55 -12.27 -2.89
H303 PNS B . 14.04 -10.37 -5.64
H302 PNS B . 12.38 -9.93 -5.20
H301 PNS B . 12.93 -11.60 -5.01
H313 PNS B . 13.12 -8.24 -3.99
H312 PNS B . 13.79 -8.48 -2.37
H311 PNS B . 12.14 -9.01 -2.73
H32 PNS B . 15.31 -10.42 -2.43
H33 PNS B . 16.50 -11.71 -3.36
H36 PNS B . 16.31 -9.41 -5.48
H372 PNS B . 18.31 -8.00 -3.88
H371 PNS B . 17.64 -7.20 -5.30
H382 PNS B . 18.37 -9.19 -6.65
H381 PNS B . 19.68 -8.21 -5.98
H41 PNS B . 17.62 -10.88 -5.33
H422 PNS B . 19.15 -12.56 -3.75
H421 PNS B . 17.99 -13.09 -4.98
H431 PNS B . 19.68 -13.87 -6.19
H432 PNS B . 20.34 -12.24 -6.32
H44 PNS B . 21.33 -13.06 -3.77
N MET A 1 -6.61 10.58 2.53
CA MET A 1 -7.92 9.93 2.22
C MET A 1 -7.89 9.27 0.85
N ASN A 2 -8.52 9.93 -0.13
CA ASN A 2 -8.57 9.42 -1.49
C ASN A 2 -7.21 9.51 -2.18
N ASP A 3 -6.45 10.53 -1.81
CA ASP A 3 -5.13 10.77 -2.39
C ASP A 3 -4.20 9.57 -2.20
N VAL A 4 -4.29 8.92 -1.06
CA VAL A 4 -3.43 7.78 -0.76
C VAL A 4 -3.76 6.55 -1.60
N LEU A 5 -5.01 6.11 -1.55
CA LEU A 5 -5.45 4.94 -2.31
C LEU A 5 -5.43 5.21 -3.81
N THR A 6 -5.72 6.44 -4.19
CA THR A 6 -5.76 6.82 -5.60
C THR A 6 -4.39 6.69 -6.26
N ARG A 7 -3.41 7.38 -5.69
CA ARG A 7 -2.06 7.37 -6.21
C ARG A 7 -1.34 6.07 -5.83
N VAL A 8 -1.52 5.66 -4.59
CA VAL A 8 -0.90 4.45 -4.09
C VAL A 8 -1.40 3.22 -4.83
N LEU A 9 -2.73 3.10 -4.92
CA LEU A 9 -3.34 1.97 -5.60
C LEU A 9 -2.87 1.89 -7.05
N GLU A 10 -2.85 3.04 -7.71
CA GLU A 10 -2.41 3.12 -9.11
C GLU A 10 -0.93 2.78 -9.22
N VAL A 11 -0.17 3.20 -8.22
CA VAL A 11 1.26 2.98 -8.19
C VAL A 11 1.61 1.49 -8.22
N VAL A 12 1.00 0.74 -7.32
CA VAL A 12 1.22 -0.69 -7.24
C VAL A 12 0.64 -1.40 -8.46
N LYS A 13 -0.61 -1.10 -8.78
CA LYS A 13 -1.28 -1.70 -9.92
C LYS A 13 -0.45 -1.54 -11.20
N ASN A 14 0.00 -0.32 -11.45
CA ASN A 14 0.81 -0.03 -12.63
C ASN A 14 2.27 -0.35 -12.38
N PHE A 15 2.58 -0.76 -11.15
CA PHE A 15 3.96 -1.09 -10.80
C PHE A 15 4.39 -2.38 -11.48
N GLU A 16 3.42 -3.21 -11.85
CA GLU A 16 3.69 -4.47 -12.53
C GLU A 16 3.43 -5.64 -11.60
N LYS A 17 3.31 -5.36 -10.31
CA LYS A 17 3.07 -6.40 -9.32
C LYS A 17 1.72 -7.07 -9.55
N VAL A 18 0.68 -6.26 -9.73
CA VAL A 18 -0.67 -6.78 -9.96
C VAL A 18 -1.69 -5.66 -10.03
N ASP A 19 -2.68 -5.82 -10.89
CA ASP A 19 -3.73 -4.82 -11.05
C ASP A 19 -4.58 -4.70 -9.78
N ALA A 20 -4.62 -3.50 -9.23
CA ALA A 20 -5.39 -3.25 -8.01
C ALA A 20 -6.86 -3.63 -8.20
N SER A 21 -7.26 -3.82 -9.45
CA SER A 21 -8.63 -4.18 -9.77
C SER A 21 -8.96 -5.58 -9.26
N LYS A 22 -7.92 -6.37 -9.01
CA LYS A 22 -8.09 -7.73 -8.51
C LYS A 22 -8.02 -7.76 -6.99
N VAL A 23 -7.49 -6.69 -6.40
CA VAL A 23 -7.36 -6.60 -4.96
C VAL A 23 -8.72 -6.52 -4.28
N THR A 24 -8.97 -7.43 -3.35
CA THR A 24 -10.22 -7.48 -2.62
C THR A 24 -10.00 -7.16 -1.14
N PRO A 25 -11.06 -6.70 -0.45
CA PRO A 25 -10.98 -6.36 0.97
C PRO A 25 -10.49 -7.52 1.83
N GLU A 26 -10.89 -8.73 1.45
CA GLU A 26 -10.49 -9.93 2.18
C GLU A 26 -9.31 -10.61 1.50
N SER A 27 -8.76 -9.96 0.48
CA SER A 27 -7.64 -10.51 -0.25
C SER A 27 -6.33 -10.28 0.50
N HIS A 28 -5.49 -11.31 0.54
CA HIS A 28 -4.22 -11.24 1.23
C HIS A 28 -3.18 -10.51 0.37
N PHE A 29 -2.25 -9.83 1.02
CA PHE A 29 -1.20 -9.10 0.32
C PHE A 29 -0.25 -10.05 -0.39
N VAL A 30 1.04 -9.74 -0.35
CA VAL A 30 2.05 -10.57 -0.98
C VAL A 30 1.65 -12.04 -0.96
N LYS A 31 0.92 -12.42 0.08
CA LYS A 31 0.47 -13.80 0.23
C LYS A 31 -0.50 -14.18 -0.88
N ASP A 32 -1.51 -13.33 -1.11
CA ASP A 32 -2.50 -13.59 -2.14
C ASP A 32 -2.04 -13.06 -3.48
N LEU A 33 -0.76 -12.67 -3.56
CA LEU A 33 -0.19 -12.14 -4.78
C LEU A 33 0.11 -10.65 -4.63
N GLY A 34 0.61 -10.27 -3.46
CA GLY A 34 0.93 -8.87 -3.20
C GLY A 34 2.34 -8.52 -3.63
N LEU A 35 2.76 -7.30 -3.32
CA LEU A 35 4.09 -6.83 -3.68
C LEU A 35 5.16 -7.62 -2.92
N ASN A 36 6.11 -8.18 -3.66
CA ASN A 36 7.18 -8.96 -3.06
C ASN A 36 8.05 -8.07 -2.16
N SER A 37 9.28 -8.51 -1.92
CA SER A 37 10.20 -7.76 -1.07
C SER A 37 10.54 -6.41 -1.69
N LEU A 38 11.17 -6.46 -2.86
CA LEU A 38 11.57 -5.25 -3.57
C LEU A 38 10.35 -4.51 -4.11
N ASP A 39 9.19 -5.15 -4.07
CA ASP A 39 7.97 -4.55 -4.56
C ASP A 39 7.38 -3.61 -3.51
N VAL A 40 6.97 -4.18 -2.39
CA VAL A 40 6.39 -3.40 -1.30
C VAL A 40 7.36 -2.30 -0.86
N VAL A 41 8.66 -2.59 -0.95
CA VAL A 41 9.67 -1.62 -0.55
C VAL A 41 9.63 -0.39 -1.45
N GLU A 42 9.77 -0.60 -2.76
CA GLU A 42 9.75 0.50 -3.71
C GLU A 42 8.47 1.31 -3.57
N VAL A 43 7.36 0.61 -3.45
CA VAL A 43 6.05 1.26 -3.30
C VAL A 43 6.00 2.09 -2.04
N VAL A 44 6.42 1.49 -0.94
CA VAL A 44 6.43 2.18 0.35
C VAL A 44 7.29 3.43 0.26
N PHE A 45 8.36 3.35 -0.51
CA PHE A 45 9.26 4.47 -0.70
C PHE A 45 8.59 5.53 -1.56
N ALA A 46 7.58 5.09 -2.33
CA ALA A 46 6.84 5.98 -3.20
C ALA A 46 5.84 6.80 -2.41
N ILE A 47 4.85 6.11 -1.86
CA ILE A 47 3.82 6.76 -1.06
C ILE A 47 4.44 7.55 0.09
N GLU A 48 5.40 6.93 0.77
CA GLU A 48 6.07 7.58 1.88
C GLU A 48 6.65 8.92 1.44
N GLN A 49 7.17 8.94 0.21
CA GLN A 49 7.74 10.15 -0.36
C GLN A 49 6.73 11.28 -0.33
N GLU A 50 5.54 11.03 -0.89
CA GLU A 50 4.49 12.02 -0.93
C GLU A 50 3.44 11.74 0.14
N PHE A 51 3.88 11.23 1.28
CA PHE A 51 3.00 10.91 2.39
C PHE A 51 3.49 11.53 3.68
N ILE A 52 4.76 11.94 3.70
CA ILE A 52 5.36 12.55 4.89
C ILE A 52 5.43 11.55 6.04
N LEU A 53 5.58 10.28 5.69
CA LEU A 53 5.67 9.22 6.69
C LEU A 53 6.00 7.88 6.03
N ASP A 54 6.94 7.14 6.61
CA ASP A 54 7.34 5.86 6.07
C ASP A 54 6.55 4.72 6.70
N ILE A 55 6.22 3.72 5.90
CA ILE A 55 5.47 2.57 6.37
C ILE A 55 6.37 1.37 6.64
N PRO A 56 7.59 1.37 6.07
CA PRO A 56 8.54 0.28 6.25
C PRO A 56 8.63 -0.21 7.69
N ASP A 57 9.68 -0.94 8.00
CA ASP A 57 9.88 -1.47 9.34
C ASP A 57 8.78 -2.46 9.70
N HIS A 58 8.86 -3.02 10.90
CA HIS A 58 7.86 -3.98 11.37
C HIS A 58 6.45 -3.45 11.16
N ASP A 59 6.34 -2.14 10.90
CA ASP A 59 5.05 -1.51 10.68
C ASP A 59 4.44 -1.97 9.36
N ALA A 60 5.25 -2.00 8.31
CA ALA A 60 4.78 -2.42 7.00
C ALA A 60 4.75 -3.94 6.87
N GLU A 61 5.64 -4.59 7.61
CA GLU A 61 5.74 -6.04 7.58
C GLU A 61 4.63 -6.67 8.42
N LYS A 62 4.20 -5.95 9.46
CA LYS A 62 3.15 -6.44 10.34
C LYS A 62 1.78 -6.37 9.65
N ILE A 63 1.78 -5.88 8.42
CA ILE A 63 0.54 -5.75 7.66
C ILE A 63 0.48 -6.80 6.54
N GLN A 64 -0.56 -7.62 6.57
CA GLN A 64 -0.73 -8.66 5.57
C GLN A 64 -2.03 -8.44 4.78
N SER A 65 -2.87 -7.54 5.27
CA SER A 65 -4.14 -7.25 4.62
C SER A 65 -4.02 -6.01 3.73
N ILE A 66 -4.63 -6.10 2.55
CA ILE A 66 -4.60 -5.00 1.60
C ILE A 66 -5.34 -3.77 2.14
N PRO A 67 -6.55 -3.98 2.69
CA PRO A 67 -7.35 -2.89 3.25
C PRO A 67 -6.71 -2.25 4.47
N ASP A 68 -6.05 -3.08 5.28
CA ASP A 68 -5.38 -2.59 6.48
C ASP A 68 -4.24 -1.64 6.12
N ALA A 69 -3.66 -1.84 4.95
CA ALA A 69 -2.57 -1.01 4.47
C ALA A 69 -3.06 0.38 4.10
N VAL A 70 -3.96 0.43 3.13
CA VAL A 70 -4.52 1.69 2.66
C VAL A 70 -5.36 2.35 3.75
N GLU A 71 -5.78 1.56 4.72
CA GLU A 71 -6.59 2.05 5.82
C GLU A 71 -5.79 3.01 6.69
N TYR A 72 -4.60 2.58 7.09
CA TYR A 72 -3.73 3.41 7.93
C TYR A 72 -3.32 4.68 7.19
N ILE A 73 -2.92 4.51 5.94
CA ILE A 73 -2.50 5.64 5.12
C ILE A 73 -3.65 6.61 4.88
N ALA A 74 -4.85 6.07 4.76
CA ALA A 74 -6.04 6.87 4.54
C ALA A 74 -6.31 7.77 5.74
N GLN A 75 -6.29 7.18 6.92
CA GLN A 75 -6.53 7.91 8.14
C GLN A 75 -5.29 8.66 8.58
N ASN A 76 -4.39 7.97 9.24
CA ASN A 76 -3.14 8.59 9.70
C ASN A 76 -2.79 9.79 8.82
N PRO A 77 -2.38 9.53 7.56
CA PRO A 77 -2.02 10.61 6.62
C PRO A 77 -3.15 11.63 6.44
N MET A 78 -4.40 11.15 6.46
CA MET A 78 -5.54 12.05 6.30
C MET A 78 -5.67 12.99 7.49
N ALA A 79 -5.04 12.62 8.60
CA ALA A 79 -5.08 13.44 9.80
C ALA A 79 -4.01 14.52 9.78
N LYS A 80 -2.87 14.19 9.19
CA LYS A 80 -1.76 15.13 9.10
C LYS A 80 -2.15 16.36 8.27
P24 PNS B . 12.33 -10.58 0.31
O25 PNS B . 11.42 -11.90 0.50
O26 PNS B . 13.45 -10.53 1.46
O27 PNS B . 13.05 -10.64 -1.13
C28 PNS B . 14.47 -10.64 -0.95
C29 PNS B . 15.13 -9.83 -2.05
C30 PNS B . 14.85 -10.47 -3.39
C31 PNS B . 14.57 -8.43 -2.03
C32 PNS B . 16.63 -9.78 -1.81
O33 PNS B . 17.28 -11.05 -1.87
C34 PNS B . 17.40 -8.53 -2.17
O35 PNS B . 18.48 -8.27 -1.64
N36 PNS B . 17.10 -8.17 -3.42
C37 PNS B . 18.07 -7.61 -4.36
C38 PNS B . 18.96 -8.70 -4.96
C39 PNS B . 19.94 -9.28 -3.95
O40 PNS B . 20.78 -8.58 -3.40
N41 PNS B . 19.39 -10.33 -3.36
C42 PNS B . 19.67 -11.72 -3.74
C43 PNS B . 19.08 -12.07 -5.10
S44 PNS B . 20.10 -11.40 -6.44
H282 PNS B . 14.84 -11.65 -1.00
H281 PNS B . 14.73 -10.21 0.00
H303 PNS B . 15.17 -9.80 -4.17
H302 PNS B . 13.80 -10.67 -3.48
H301 PNS B . 15.40 -11.40 -3.46
H313 PNS B . 14.12 -8.23 -1.08
H312 PNS B . 13.82 -8.33 -2.81
H311 PNS B . 15.36 -7.72 -2.22
H32 PNS B . 16.63 -9.64 -0.74
H33 PNS B . 16.66 -11.70 -2.20
H36 PNS B . 16.19 -8.28 -3.73
H372 PNS B . 18.70 -6.91 -3.83
H371 PNS B . 17.56 -7.12 -5.15
H382 PNS B . 18.34 -9.50 -5.33
H381 PNS B . 19.53 -8.27 -5.77
H41 PNS B . 18.75 -10.19 -2.63
H422 PNS B . 20.74 -11.86 -3.78
H421 PNS B . 19.25 -12.38 -3.00
H431 PNS B . 19.04 -13.14 -5.21
H432 PNS B . 18.09 -11.64 -5.18
H44 PNS B . 20.90 -11.06 -6.05
N MET A 1 -7.19 12.40 1.73
CA MET A 1 -8.02 11.18 1.83
C MET A 1 -8.04 10.40 0.52
N ASN A 2 -8.81 10.90 -0.44
CA ASN A 2 -8.92 10.26 -1.75
C ASN A 2 -7.65 10.44 -2.55
N ASP A 3 -6.98 11.56 -2.34
CA ASP A 3 -5.74 11.86 -3.06
C ASP A 3 -4.68 10.80 -2.80
N VAL A 4 -4.61 10.33 -1.57
CA VAL A 4 -3.63 9.31 -1.19
C VAL A 4 -3.98 7.95 -1.78
N LEU A 5 -5.23 7.54 -1.63
CA LEU A 5 -5.68 6.25 -2.15
C LEU A 5 -5.67 6.21 -3.66
N THR A 6 -5.98 7.35 -4.26
CA THR A 6 -6.05 7.46 -5.72
C THR A 6 -4.69 7.21 -6.36
N ARG A 7 -3.70 8.01 -5.96
CA ARG A 7 -2.35 7.90 -6.50
C ARG A 7 -1.62 6.72 -5.90
N VAL A 8 -1.80 6.52 -4.59
CA VAL A 8 -1.15 5.44 -3.88
C VAL A 8 -1.65 4.08 -4.37
N LEU A 9 -2.97 3.91 -4.41
CA LEU A 9 -3.55 2.65 -4.86
C LEU A 9 -3.13 2.34 -6.30
N GLU A 10 -3.20 3.35 -7.15
CA GLU A 10 -2.82 3.21 -8.55
C GLU A 10 -1.32 2.93 -8.70
N VAL A 11 -0.55 3.51 -7.79
CA VAL A 11 0.90 3.35 -7.82
C VAL A 11 1.33 1.90 -7.76
N VAL A 12 0.77 1.17 -6.80
CA VAL A 12 1.10 -0.24 -6.62
C VAL A 12 0.58 -1.09 -7.77
N LYS A 13 -0.70 -0.94 -8.08
CA LYS A 13 -1.33 -1.71 -9.15
C LYS A 13 -0.69 -1.41 -10.51
N ASN A 14 -0.15 -0.21 -10.66
CA ASN A 14 0.47 0.18 -11.92
C ASN A 14 1.98 0.06 -11.84
N PHE A 15 2.48 -0.32 -10.68
CA PHE A 15 3.91 -0.46 -10.47
C PHE A 15 4.34 -1.91 -10.61
N GLU A 16 3.38 -2.80 -10.85
CA GLU A 16 3.66 -4.22 -11.03
C GLU A 16 3.33 -5.02 -9.77
N LYS A 17 2.29 -4.62 -9.06
CA LYS A 17 1.89 -5.32 -7.85
C LYS A 17 0.93 -6.46 -8.16
N VAL A 18 -0.10 -6.18 -8.94
CA VAL A 18 -1.07 -7.20 -9.32
C VAL A 18 -2.21 -6.61 -10.13
N ASP A 19 -2.90 -7.45 -10.88
CA ASP A 19 -4.01 -7.02 -11.70
C ASP A 19 -5.20 -6.63 -10.83
N ALA A 20 -5.70 -5.41 -11.01
CA ALA A 20 -6.82 -4.92 -10.23
C ALA A 20 -8.04 -5.83 -10.38
N SER A 21 -8.06 -6.56 -11.49
CA SER A 21 -9.17 -7.47 -11.77
C SER A 21 -9.18 -8.65 -10.79
N LYS A 22 -8.15 -8.73 -9.96
CA LYS A 22 -8.04 -9.80 -8.98
C LYS A 22 -8.04 -9.25 -7.56
N VAL A 23 -7.80 -7.95 -7.42
CA VAL A 23 -7.75 -7.31 -6.12
C VAL A 23 -9.16 -6.98 -5.62
N THR A 24 -9.48 -7.47 -4.43
CA THR A 24 -10.77 -7.24 -3.82
C THR A 24 -10.63 -6.40 -2.56
N PRO A 25 -11.76 -5.91 -2.01
CA PRO A 25 -11.75 -5.08 -0.81
C PRO A 25 -11.14 -5.81 0.39
N GLU A 26 -11.39 -7.11 0.46
CA GLU A 26 -10.86 -7.93 1.55
C GLU A 26 -9.69 -8.77 1.06
N SER A 27 -9.16 -8.43 -0.11
CA SER A 27 -8.04 -9.14 -0.70
C SER A 27 -6.79 -8.99 0.14
N HIS A 28 -6.11 -10.11 0.40
CA HIS A 28 -4.88 -10.10 1.18
C HIS A 28 -3.70 -9.67 0.33
N PHE A 29 -2.72 -9.03 0.96
CA PHE A 29 -1.54 -8.55 0.25
C PHE A 29 -0.70 -9.71 -0.26
N VAL A 30 0.09 -10.28 0.65
CA VAL A 30 0.96 -11.41 0.31
C VAL A 30 0.15 -12.63 -0.09
N LYS A 31 -1.03 -12.76 0.50
CA LYS A 31 -1.90 -13.89 0.22
C LYS A 31 -2.54 -13.78 -1.16
N ASP A 32 -2.74 -12.55 -1.62
CA ASP A 32 -3.36 -12.31 -2.92
C ASP A 32 -2.33 -12.34 -4.05
N LEU A 33 -1.06 -12.56 -3.70
CA LEU A 33 0.02 -12.61 -4.67
C LEU A 33 1.15 -11.67 -4.29
N GLY A 34 1.28 -11.41 -2.99
CA GLY A 34 2.34 -10.53 -2.51
C GLY A 34 3.46 -10.35 -3.53
N LEU A 35 3.95 -9.12 -3.65
CA LEU A 35 5.01 -8.81 -4.59
C LEU A 35 6.38 -9.10 -3.97
N ASN A 36 7.38 -9.34 -4.83
CA ASN A 36 8.73 -9.62 -4.36
C ASN A 36 9.16 -8.61 -3.31
N SER A 37 10.37 -8.77 -2.80
CA SER A 37 10.91 -7.88 -1.78
C SER A 37 11.09 -6.47 -2.34
N LEU A 38 11.95 -6.36 -3.33
CA LEU A 38 12.24 -5.07 -3.95
C LEU A 38 10.96 -4.35 -4.37
N ASP A 39 9.84 -5.07 -4.37
CA ASP A 39 8.56 -4.49 -4.72
C ASP A 39 8.00 -3.65 -3.59
N VAL A 40 7.18 -4.28 -2.76
CA VAL A 40 6.57 -3.59 -1.63
C VAL A 40 7.53 -2.58 -1.01
N VAL A 41 8.83 -2.86 -1.11
CA VAL A 41 9.84 -1.97 -0.56
C VAL A 41 9.87 -0.64 -1.30
N GLU A 42 9.94 -0.71 -2.63
CA GLU A 42 9.98 0.49 -3.44
C GLU A 42 8.70 1.32 -3.28
N VAL A 43 7.57 0.63 -3.30
CA VAL A 43 6.28 1.27 -3.15
C VAL A 43 6.08 1.85 -1.76
N VAL A 44 6.47 1.06 -0.77
CA VAL A 44 6.34 1.47 0.63
C VAL A 44 7.08 2.77 0.90
N PHE A 45 8.38 2.78 0.61
CA PHE A 45 9.18 3.97 0.83
C PHE A 45 8.94 4.99 -0.27
N ALA A 46 8.16 4.60 -1.27
CA ALA A 46 7.81 5.50 -2.36
C ALA A 46 6.73 6.46 -1.93
N ILE A 47 5.60 5.89 -1.53
CA ILE A 47 4.47 6.68 -1.08
C ILE A 47 4.90 7.61 0.04
N GLU A 48 5.73 7.10 0.95
CA GLU A 48 6.22 7.91 2.06
C GLU A 48 6.89 9.16 1.54
N GLN A 49 7.65 9.00 0.47
CA GLN A 49 8.33 10.11 -0.16
C GLN A 49 7.34 11.22 -0.48
N GLU A 50 6.19 10.84 -1.03
CA GLU A 50 5.16 11.79 -1.38
C GLU A 50 3.95 11.66 -0.45
N PHE A 51 4.21 11.34 0.81
CA PHE A 51 3.16 11.18 1.80
C PHE A 51 3.53 11.82 3.13
N ILE A 52 4.76 12.31 3.23
CA ILE A 52 5.23 12.95 4.46
C ILE A 52 5.16 11.99 5.66
N LEU A 53 5.38 10.71 5.39
CA LEU A 53 5.34 9.70 6.43
C LEU A 53 5.81 8.35 5.91
N ASP A 54 6.67 7.69 6.68
CA ASP A 54 7.20 6.40 6.30
C ASP A 54 6.46 5.26 6.99
N ILE A 55 6.45 4.10 6.37
CA ILE A 55 5.78 2.93 6.92
C ILE A 55 6.60 1.66 6.69
N PRO A 56 7.94 1.80 6.65
CA PRO A 56 8.85 0.68 6.44
C PRO A 56 9.02 -0.18 7.68
N ASP A 57 10.12 -0.94 7.73
CA ASP A 57 10.41 -1.80 8.87
C ASP A 57 9.18 -2.63 9.25
N HIS A 58 9.23 -3.24 10.43
CA HIS A 58 8.13 -4.06 10.91
C HIS A 58 6.79 -3.38 10.66
N ASP A 59 6.83 -2.07 10.45
CA ASP A 59 5.60 -1.31 10.20
C ASP A 59 4.90 -1.81 8.94
N ALA A 60 5.67 -2.03 7.88
CA ALA A 60 5.12 -2.51 6.62
C ALA A 60 5.02 -4.03 6.61
N GLU A 61 5.84 -4.68 7.43
CA GLU A 61 5.84 -6.13 7.53
C GLU A 61 4.62 -6.63 8.29
N LYS A 62 4.14 -5.82 9.23
CA LYS A 62 2.98 -6.19 10.04
C LYS A 62 1.70 -6.12 9.22
N ILE A 63 1.85 -5.91 7.92
CA ILE A 63 0.70 -5.82 7.03
C ILE A 63 0.60 -7.06 6.15
N GLN A 64 -0.55 -7.75 6.24
CA GLN A 64 -0.77 -8.95 5.46
C GLN A 64 -1.96 -8.76 4.52
N SER A 65 -2.68 -7.67 4.70
CA SER A 65 -3.85 -7.38 3.88
C SER A 65 -3.77 -5.96 3.30
N ILE A 66 -4.28 -5.79 2.09
CA ILE A 66 -4.24 -4.48 1.43
C ILE A 66 -5.11 -3.47 2.18
N PRO A 67 -6.17 -3.94 2.85
CA PRO A 67 -7.07 -3.07 3.61
C PRO A 67 -6.34 -2.22 4.64
N ASP A 68 -5.86 -2.86 5.70
CA ASP A 68 -5.13 -2.15 6.75
C ASP A 68 -3.98 -1.35 6.18
N ALA A 69 -3.56 -1.70 4.97
CA ALA A 69 -2.46 -1.01 4.30
C ALA A 69 -2.83 0.43 3.97
N VAL A 70 -3.45 0.62 2.83
CA VAL A 70 -3.87 1.94 2.38
C VAL A 70 -4.92 2.53 3.30
N GLU A 71 -5.56 1.66 4.09
CA GLU A 71 -6.58 2.10 5.03
C GLU A 71 -5.99 3.05 6.07
N TYR A 72 -4.89 2.64 6.67
CA TYR A 72 -4.23 3.45 7.68
C TYR A 72 -3.61 4.68 7.06
N ILE A 73 -3.05 4.51 5.86
CA ILE A 73 -2.42 5.60 5.14
C ILE A 73 -3.43 6.71 4.86
N ALA A 74 -4.62 6.31 4.46
CA ALA A 74 -5.69 7.26 4.15
C ALA A 74 -6.07 8.06 5.39
N GLN A 75 -6.29 7.34 6.48
CA GLN A 75 -6.68 7.96 7.73
C GLN A 75 -5.49 8.58 8.43
N ASN A 76 -4.77 7.78 9.20
CA ASN A 76 -3.60 8.25 9.91
C ASN A 76 -3.03 9.49 9.21
N PRO A 77 -2.41 9.30 8.03
CA PRO A 77 -1.82 10.40 7.27
C PRO A 77 -2.83 11.53 7.00
N MET A 78 -4.09 11.18 6.77
CA MET A 78 -5.12 12.18 6.51
C MET A 78 -5.40 13.01 7.76
N ALA A 79 -5.03 12.47 8.91
CA ALA A 79 -5.24 13.15 10.17
C ALA A 79 -4.10 14.11 10.49
N LYS A 80 -2.93 13.80 9.98
CA LYS A 80 -1.75 14.64 10.20
C LYS A 80 -2.13 16.11 10.25
P24 PNS B . 14.16 -9.94 -1.51
O25 PNS B . 15.08 -8.64 -1.28
O26 PNS B . 14.00 -10.74 -0.12
O27 PNS B . 14.85 -10.91 -2.61
C28 PNS B . 14.13 -10.81 -3.84
C29 PNS B . 14.76 -9.75 -4.72
C30 PNS B . 14.25 -9.89 -6.12
C31 PNS B . 14.40 -8.39 -4.19
C32 PNS B . 16.27 -9.91 -4.71
O33 PNS B . 16.74 -11.07 -5.39
C34 PNS B . 17.15 -8.69 -4.64
O35 PNS B . 17.53 -8.26 -3.54
N36 PNS B . 17.87 -8.59 -5.75
C37 PNS B . 19.33 -8.56 -5.76
C38 PNS B . 19.90 -9.29 -6.97
C39 PNS B . 20.46 -10.66 -6.62
O40 PNS B . 21.63 -10.95 -6.90
N41 PNS B . 19.48 -11.55 -6.58
C42 PNS B . 18.99 -12.25 -7.76
C43 PNS B . 18.65 -11.31 -8.90
S44 PNS B . 20.15 -10.52 -9.55
H282 PNS B . 13.11 -10.54 -3.65
H281 PNS B . 14.18 -11.76 -4.36
H303 PNS B . 14.83 -9.28 -6.79
H302 PNS B . 13.21 -9.57 -6.17
H301 PNS B . 14.31 -10.93 -6.43
H313 PNS B . 13.52 -8.02 -4.70
H312 PNS B . 15.22 -7.70 -4.37
H311 PNS B . 14.21 -8.44 -3.13
H32 PNS B . 16.40 -10.26 -3.70
H33 PNS B . 17.55 -10.86 -5.87
H36 PNS B . 17.40 -8.53 -6.61
H372 PNS B . 19.70 -9.04 -4.87
H371 PNS B . 19.66 -7.55 -5.79
H382 PNS B . 19.11 -9.43 -7.70
H381 PNS B . 20.69 -8.70 -7.40
H41 PNS B . 19.06 -11.75 -5.72
H422 PNS B . 19.74 -12.95 -8.09
H421 PNS B . 18.09 -12.80 -7.49
H431 PNS B . 18.19 -11.86 -9.70
H432 PNS B . 17.99 -10.54 -8.54
H44 PNS B . 20.04 -9.58 -9.49
N MET A 1 -7.59 10.24 3.23
CA MET A 1 -8.55 10.76 2.22
C MET A 1 -8.52 9.93 0.94
N ASN A 2 -9.21 10.40 -0.08
CA ASN A 2 -9.26 9.70 -1.36
C ASN A 2 -7.93 9.83 -2.10
N ASP A 3 -7.26 10.94 -1.89
CA ASP A 3 -5.98 11.21 -2.55
C ASP A 3 -4.93 10.15 -2.23
N VAL A 4 -4.95 9.64 -1.01
CA VAL A 4 -3.98 8.64 -0.60
C VAL A 4 -4.22 7.28 -1.26
N LEU A 5 -5.43 6.75 -1.11
CA LEU A 5 -5.76 5.45 -1.69
C LEU A 5 -5.80 5.51 -3.21
N THR A 6 -6.23 6.65 -3.73
CA THR A 6 -6.33 6.84 -5.18
C THR A 6 -4.97 6.73 -5.86
N ARG A 7 -4.03 7.53 -5.39
CA ARG A 7 -2.68 7.54 -5.94
C ARG A 7 -1.88 6.35 -5.45
N VAL A 8 -1.93 6.12 -4.14
CA VAL A 8 -1.20 5.02 -3.54
C VAL A 8 -1.65 3.68 -4.10
N LEU A 9 -2.97 3.47 -4.12
CA LEU A 9 -3.53 2.23 -4.64
C LEU A 9 -3.13 2.03 -6.09
N GLU A 10 -3.18 3.11 -6.87
CA GLU A 10 -2.81 3.06 -8.28
C GLU A 10 -1.34 2.71 -8.47
N VAL A 11 -0.51 3.18 -7.54
CA VAL A 11 0.92 2.92 -7.61
C VAL A 11 1.22 1.44 -7.55
N VAL A 12 0.50 0.73 -6.70
CA VAL A 12 0.69 -0.70 -6.55
C VAL A 12 0.19 -1.47 -7.77
N LYS A 13 -0.98 -1.09 -8.26
CA LYS A 13 -1.57 -1.74 -9.42
C LYS A 13 -0.78 -1.49 -10.70
N ASN A 14 -0.18 -0.30 -10.80
CA ASN A 14 0.60 0.05 -11.98
C ASN A 14 2.09 -0.14 -11.75
N PHE A 15 2.45 -0.52 -10.53
CA PHE A 15 3.83 -0.74 -10.19
C PHE A 15 4.26 -2.16 -10.57
N GLU A 16 3.28 -3.02 -10.81
CA GLU A 16 3.53 -4.41 -11.18
C GLU A 16 3.12 -5.35 -10.05
N LYS A 17 2.44 -4.80 -9.04
CA LYS A 17 2.00 -5.60 -7.91
C LYS A 17 0.98 -6.65 -8.35
N VAL A 18 -0.02 -6.22 -9.11
CA VAL A 18 -1.05 -7.13 -9.59
C VAL A 18 -2.15 -6.39 -10.35
N ASP A 19 -2.78 -7.07 -11.30
CA ASP A 19 -3.84 -6.47 -12.09
C ASP A 19 -5.05 -6.17 -11.21
N ALA A 20 -5.67 -5.01 -11.45
CA ALA A 20 -6.84 -4.61 -10.68
C ALA A 20 -7.95 -5.64 -10.77
N SER A 21 -7.93 -6.43 -11.85
CA SER A 21 -8.94 -7.47 -12.06
C SER A 21 -8.82 -8.57 -11.01
N LYS A 22 -7.65 -8.65 -10.38
CA LYS A 22 -7.40 -9.67 -9.36
C LYS A 22 -7.48 -9.06 -7.97
N VAL A 23 -7.43 -7.73 -7.89
CA VAL A 23 -7.48 -7.04 -6.62
C VAL A 23 -8.92 -6.79 -6.17
N THR A 24 -9.25 -7.25 -4.98
CA THR A 24 -10.57 -7.08 -4.42
C THR A 24 -10.53 -6.18 -3.19
N PRO A 25 -11.69 -5.67 -2.76
CA PRO A 25 -11.78 -4.80 -1.58
C PRO A 25 -11.17 -5.44 -0.34
N GLU A 26 -11.33 -6.75 -0.22
CA GLU A 26 -10.80 -7.48 0.92
C GLU A 26 -9.56 -8.28 0.51
N SER A 27 -8.97 -7.91 -0.63
CA SER A 27 -7.79 -8.59 -1.14
C SER A 27 -6.63 -8.49 -0.16
N HIS A 28 -5.99 -9.62 0.10
CA HIS A 28 -4.86 -9.67 1.01
C HIS A 28 -3.56 -9.37 0.27
N PHE A 29 -2.60 -8.78 0.97
CA PHE A 29 -1.32 -8.44 0.37
C PHE A 29 -0.53 -9.70 0.02
N VAL A 30 0.39 -10.08 0.89
CA VAL A 30 1.20 -11.26 0.67
C VAL A 30 0.33 -12.50 0.43
N LYS A 31 -0.83 -12.51 1.06
CA LYS A 31 -1.76 -13.62 0.93
C LYS A 31 -2.34 -13.70 -0.48
N ASP A 32 -2.62 -12.55 -1.07
CA ASP A 32 -3.18 -12.49 -2.41
C ASP A 32 -2.09 -12.52 -3.47
N LEU A 33 -0.84 -12.60 -3.03
CA LEU A 33 0.30 -12.64 -3.94
C LEU A 33 1.20 -11.42 -3.76
N GLY A 34 1.49 -11.09 -2.50
CA GLY A 34 2.33 -9.95 -2.22
C GLY A 34 3.59 -9.93 -3.06
N LEU A 35 4.04 -8.73 -3.44
CA LEU A 35 5.23 -8.59 -4.25
C LEU A 35 6.49 -8.77 -3.41
N ASN A 36 7.59 -9.14 -4.06
CA ASN A 36 8.85 -9.35 -3.37
C ASN A 36 9.23 -8.15 -2.52
N SER A 37 10.43 -8.19 -1.94
CA SER A 37 10.90 -7.11 -1.08
C SER A 37 11.07 -5.80 -1.83
N LEU A 38 11.97 -5.81 -2.81
CA LEU A 38 12.25 -4.61 -3.60
C LEU A 38 10.96 -3.98 -4.12
N ASP A 39 9.87 -4.74 -4.06
CA ASP A 39 8.58 -4.25 -4.51
C ASP A 39 7.94 -3.34 -3.46
N VAL A 40 7.11 -3.93 -2.63
CA VAL A 40 6.43 -3.17 -1.57
C VAL A 40 7.38 -2.16 -0.93
N VAL A 41 8.67 -2.51 -0.90
CA VAL A 41 9.68 -1.64 -0.32
C VAL A 41 9.89 -0.39 -1.15
N GLU A 42 9.97 -0.55 -2.47
CA GLU A 42 10.18 0.57 -3.37
C GLU A 42 8.94 1.46 -3.40
N VAL A 43 7.78 0.82 -3.41
CA VAL A 43 6.51 1.53 -3.43
C VAL A 43 6.28 2.26 -2.12
N VAL A 44 6.61 1.61 -1.02
CA VAL A 44 6.45 2.19 0.30
C VAL A 44 7.24 3.49 0.40
N PHE A 45 8.40 3.52 -0.25
CA PHE A 45 9.24 4.71 -0.25
C PHE A 45 8.59 5.81 -1.09
N ALA A 46 7.86 5.38 -2.11
CA ALA A 46 7.17 6.30 -3.00
C ALA A 46 6.06 7.04 -2.25
N ILE A 47 4.99 6.32 -1.95
CA ILE A 47 3.86 6.90 -1.23
C ILE A 47 4.32 7.52 0.07
N GLU A 48 5.29 6.88 0.73
CA GLU A 48 5.81 7.39 1.99
C GLU A 48 6.29 8.82 1.81
N GLN A 49 6.86 9.09 0.64
CA GLN A 49 7.35 10.41 0.31
C GLN A 49 6.19 11.40 0.26
N GLU A 50 5.10 10.99 -0.39
CA GLU A 50 3.93 11.84 -0.49
C GLU A 50 2.86 11.41 0.49
N PHE A 51 3.29 10.94 1.67
CA PHE A 51 2.38 10.51 2.70
C PHE A 51 2.80 11.01 4.09
N ILE A 52 4.05 11.45 4.21
CA ILE A 52 4.56 11.96 5.47
C ILE A 52 4.62 10.86 6.53
N LEU A 53 4.90 9.64 6.08
CA LEU A 53 5.00 8.50 6.98
C LEU A 53 5.55 7.27 6.26
N ASP A 54 6.49 6.59 6.90
CA ASP A 54 7.10 5.40 6.32
C ASP A 54 6.23 4.16 6.56
N ILE A 55 6.18 3.28 5.56
CA ILE A 55 5.39 2.06 5.67
C ILE A 55 6.24 0.88 6.11
N PRO A 56 7.53 0.88 5.71
CA PRO A 56 8.46 -0.20 6.07
C PRO A 56 8.44 -0.52 7.56
N ASP A 57 9.48 -1.20 8.03
CA ASP A 57 9.57 -1.58 9.44
C ASP A 57 8.42 -2.50 9.83
N HIS A 58 8.42 -2.92 11.09
CA HIS A 58 7.37 -3.81 11.60
C HIS A 58 6.00 -3.35 11.13
N ASP A 59 5.91 -2.08 10.74
CA ASP A 59 4.65 -1.52 10.27
C ASP A 59 4.20 -2.20 8.98
N ALA A 60 5.12 -2.38 8.05
CA ALA A 60 4.82 -3.02 6.78
C ALA A 60 4.68 -4.53 6.95
N GLU A 61 5.35 -5.06 7.96
CA GLU A 61 5.31 -6.49 8.22
C GLU A 61 3.99 -6.88 8.90
N LYS A 62 3.49 -6.00 9.75
CA LYS A 62 2.24 -6.25 10.46
C LYS A 62 1.04 -6.07 9.54
N ILE A 63 1.32 -5.97 8.24
CA ILE A 63 0.26 -5.79 7.26
C ILE A 63 0.03 -7.07 6.45
N GLN A 64 -1.20 -7.57 6.49
CA GLN A 64 -1.56 -8.77 5.78
C GLN A 64 -2.63 -8.49 4.73
N SER A 65 -3.39 -7.43 4.95
CA SER A 65 -4.45 -7.04 4.02
C SER A 65 -4.04 -5.85 3.17
N ILE A 66 -4.37 -5.89 1.89
CA ILE A 66 -4.03 -4.81 0.96
C ILE A 66 -4.70 -3.50 1.39
N PRO A 67 -6.01 -3.55 1.70
CA PRO A 67 -6.76 -2.37 2.12
C PRO A 67 -6.33 -1.85 3.47
N ASP A 68 -5.95 -2.76 4.36
CA ASP A 68 -5.52 -2.39 5.70
C ASP A 68 -4.26 -1.53 5.64
N ALA A 69 -3.45 -1.74 4.61
CA ALA A 69 -2.22 -0.99 4.42
C ALA A 69 -2.52 0.42 3.91
N VAL A 70 -3.34 0.49 2.88
CA VAL A 70 -3.71 1.77 2.29
C VAL A 70 -4.59 2.58 3.23
N GLU A 71 -5.21 1.90 4.18
CA GLU A 71 -6.09 2.54 5.15
C GLU A 71 -5.29 3.22 6.26
N TYR A 72 -4.22 2.56 6.69
CA TYR A 72 -3.37 3.11 7.75
C TYR A 72 -2.62 4.34 7.28
N ILE A 73 -1.98 4.21 6.12
CA ILE A 73 -1.22 5.31 5.55
C ILE A 73 -2.14 6.46 5.17
N ALA A 74 -3.36 6.13 4.75
CA ALA A 74 -4.34 7.13 4.37
C ALA A 74 -4.68 8.03 5.54
N GLN A 75 -4.78 7.44 6.72
CA GLN A 75 -5.10 8.18 7.93
C GLN A 75 -3.87 8.91 8.46
N ASN A 76 -2.69 8.48 8.01
CA ASN A 76 -1.45 9.09 8.44
C ASN A 76 -1.38 10.55 8.01
N PRO A 77 -1.51 10.82 6.71
CA PRO A 77 -1.47 12.19 6.18
C PRO A 77 -2.76 12.94 6.45
N MET A 78 -3.89 12.23 6.41
CA MET A 78 -5.18 12.85 6.65
C MET A 78 -5.35 13.19 8.12
N ALA A 79 -4.54 12.56 8.97
CA ALA A 79 -4.60 12.80 10.41
C ALA A 79 -3.65 13.92 10.81
N LYS A 80 -2.57 14.07 10.06
CA LYS A 80 -1.58 15.10 10.34
C LYS A 80 -2.20 16.50 10.24
P24 PNS B . 13.48 -7.83 1.70
O25 PNS B . 14.88 -7.59 0.93
O26 PNS B . 13.59 -7.28 3.20
O27 PNS B . 13.15 -9.41 1.72
C28 PNS B . 13.79 -10.05 0.62
C29 PNS B . 12.88 -11.11 0.04
C30 PNS B . 11.47 -10.87 0.51
C31 PNS B . 12.92 -11.04 -1.47
C32 PNS B . 13.33 -12.48 0.50
O33 PNS B . 12.32 -13.48 0.45
C34 PNS B . 14.77 -12.87 0.34
O35 PNS B . 15.43 -13.28 1.30
N36 PNS B . 15.31 -12.20 -0.67
C37 PNS B . 16.36 -11.19 -0.49
C38 PNS B . 17.39 -11.26 -1.61
C39 PNS B . 16.80 -11.68 -2.93
O40 PNS B . 17.46 -12.32 -3.75
N41 PNS B . 15.86 -10.81 -3.29
C42 PNS B . 15.55 -10.47 -4.68
C43 PNS B . 16.01 -9.07 -5.05
S44 PNS B . 16.79 -9.05 -6.67
H282 PNS B . 14.71 -10.52 0.95
H281 PNS B . 14.01 -9.33 -0.15
H303 PNS B . 10.82 -11.65 0.14
H302 PNS B . 11.12 -9.92 0.14
H301 PNS B . 11.44 -10.86 1.59
H313 PNS B . 11.94 -10.81 -1.85
H312 PNS B . 13.24 -12.00 -1.86
H311 PNS B . 13.61 -10.27 -1.78
H32 PNS B . 13.34 -12.31 1.56
H33 PNS B . 11.70 -13.35 1.18
H36 PNS B . 14.99 -12.36 -1.58
H372 PNS B . 16.85 -11.36 0.45
H371 PNS B . 15.91 -10.22 -0.50
H382 PNS B . 17.84 -10.28 -1.73
H381 PNS B . 18.16 -11.97 -1.33
H41 PNS B . 15.34 -10.36 -2.59
H422 PNS B . 16.04 -11.18 -5.33
H421 PNS B . 14.48 -10.53 -4.83
H431 PNS B . 15.16 -8.40 -5.07
H432 PNS B . 16.72 -8.73 -4.31
H44 PNS B . 17.28 -9.87 -6.77
N MET A 1 -7.13 9.66 3.86
CA MET A 1 -7.76 10.30 2.67
C MET A 1 -7.78 9.35 1.48
N ASN A 2 -8.59 9.68 0.48
CA ASN A 2 -8.71 8.86 -0.71
C ASN A 2 -7.43 8.93 -1.55
N ASP A 3 -6.77 10.08 -1.50
CA ASP A 3 -5.55 10.30 -2.25
C ASP A 3 -4.54 9.18 -2.01
N VAL A 4 -4.61 8.55 -0.85
CA VAL A 4 -3.68 7.48 -0.50
C VAL A 4 -3.94 6.21 -1.31
N LEU A 5 -5.17 5.69 -1.25
CA LEU A 5 -5.50 4.48 -2.00
C LEU A 5 -5.49 4.75 -3.50
N THR A 6 -5.90 5.96 -3.86
CA THR A 6 -5.96 6.35 -5.26
C THR A 6 -4.58 6.28 -5.92
N ARG A 7 -3.63 7.01 -5.36
CA ARG A 7 -2.27 7.04 -5.89
C ARG A 7 -1.50 5.78 -5.51
N VAL A 8 -1.61 5.40 -4.25
CA VAL A 8 -0.92 4.22 -3.75
C VAL A 8 -1.35 2.97 -4.48
N LEU A 9 -2.66 2.77 -4.60
CA LEU A 9 -3.19 1.60 -5.29
C LEU A 9 -2.73 1.58 -6.74
N GLU A 10 -2.81 2.73 -7.41
CA GLU A 10 -2.39 2.84 -8.80
C GLU A 10 -0.90 2.59 -8.95
N VAL A 11 -0.15 3.00 -7.95
CA VAL A 11 1.30 2.84 -7.95
C VAL A 11 1.69 1.38 -8.04
N VAL A 12 1.19 0.59 -7.11
CA VAL A 12 1.48 -0.84 -7.07
C VAL A 12 0.92 -1.54 -8.30
N LYS A 13 -0.35 -1.29 -8.58
CA LYS A 13 -1.01 -1.90 -9.73
C LYS A 13 -0.23 -1.62 -11.01
N ASN A 14 0.22 -0.38 -11.17
CA ASN A 14 0.99 0.00 -12.34
C ASN A 14 2.47 -0.35 -12.16
N PHE A 15 2.80 -0.88 -10.98
CA PHE A 15 4.17 -1.28 -10.69
C PHE A 15 4.56 -2.51 -11.49
N GLU A 16 3.56 -3.29 -11.87
CA GLU A 16 3.77 -4.51 -12.64
C GLU A 16 3.43 -5.75 -11.81
N LYS A 17 2.90 -5.53 -10.62
CA LYS A 17 2.53 -6.63 -9.74
C LYS A 17 1.24 -7.30 -10.19
N VAL A 18 0.22 -6.49 -10.46
CA VAL A 18 -1.07 -7.00 -10.90
C VAL A 18 -2.10 -5.89 -11.03
N ASP A 19 -3.18 -6.17 -11.75
CA ASP A 19 -4.24 -5.20 -11.96
C ASP A 19 -5.06 -5.00 -10.69
N ALA A 20 -5.39 -3.76 -10.39
CA ALA A 20 -6.17 -3.44 -9.20
C ALA A 20 -7.58 -4.00 -9.30
N SER A 21 -8.01 -4.32 -10.52
CA SER A 21 -9.33 -4.87 -10.74
C SER A 21 -9.47 -6.26 -10.12
N LYS A 22 -8.33 -6.89 -9.85
CA LYS A 22 -8.32 -8.21 -9.26
C LYS A 22 -8.34 -8.14 -7.74
N VAL A 23 -8.04 -6.94 -7.22
CA VAL A 23 -8.00 -6.74 -5.77
C VAL A 23 -9.41 -6.75 -5.19
N THR A 24 -9.61 -7.62 -4.19
CA THR A 24 -10.90 -7.73 -3.53
C THR A 24 -10.80 -7.30 -2.08
N PRO A 25 -11.94 -7.14 -1.39
CA PRO A 25 -11.97 -6.72 0.01
C PRO A 25 -11.21 -7.68 0.92
N GLU A 26 -11.27 -8.97 0.59
CA GLU A 26 -10.59 -9.99 1.37
C GLU A 26 -9.34 -10.47 0.64
N SER A 27 -8.95 -9.74 -0.40
CA SER A 27 -7.77 -10.09 -1.19
C SER A 27 -6.49 -9.97 -0.35
N HIS A 28 -5.66 -11.00 -0.42
CA HIS A 28 -4.41 -11.03 0.32
C HIS A 28 -3.34 -10.21 -0.41
N PHE A 29 -2.43 -9.62 0.35
CA PHE A 29 -1.36 -8.82 -0.22
C PHE A 29 -0.39 -9.69 -1.01
N VAL A 30 0.89 -9.32 -1.00
CA VAL A 30 1.90 -10.07 -1.72
C VAL A 30 1.53 -11.54 -1.84
N LYS A 31 0.81 -12.04 -0.84
CA LYS A 31 0.39 -13.42 -0.82
C LYS A 31 -0.61 -13.71 -1.95
N ASP A 32 -1.63 -12.85 -2.07
CA ASP A 32 -2.64 -13.02 -3.09
C ASP A 32 -2.22 -12.34 -4.39
N LEU A 33 -0.96 -11.93 -4.45
CA LEU A 33 -0.41 -11.27 -5.65
C LEU A 33 -0.09 -9.81 -5.35
N GLY A 34 0.43 -9.55 -4.16
CA GLY A 34 0.77 -8.19 -3.78
C GLY A 34 2.23 -7.87 -4.03
N LEU A 35 2.65 -6.69 -3.57
CA LEU A 35 4.04 -6.26 -3.75
C LEU A 35 4.98 -7.13 -2.94
N ASN A 36 5.99 -7.70 -3.62
CA ASN A 36 6.97 -8.56 -2.97
C ASN A 36 7.83 -7.76 -2.00
N SER A 37 8.98 -8.31 -1.64
CA SER A 37 9.89 -7.64 -0.71
C SER A 37 10.42 -6.34 -1.29
N LEU A 38 11.16 -6.46 -2.39
CA LEU A 38 11.73 -5.29 -3.04
C LEU A 38 10.64 -4.37 -3.55
N ASP A 39 9.42 -4.89 -3.63
CA ASP A 39 8.28 -4.12 -4.08
C ASP A 39 7.74 -3.27 -2.94
N VAL A 40 6.89 -3.87 -2.13
CA VAL A 40 6.31 -3.17 -0.98
C VAL A 40 7.27 -2.11 -0.46
N VAL A 41 8.57 -2.43 -0.49
CA VAL A 41 9.59 -1.49 -0.02
C VAL A 41 9.72 -0.30 -0.96
N GLU A 42 9.72 -0.59 -2.27
CA GLU A 42 9.85 0.47 -3.27
C GLU A 42 8.61 1.36 -3.26
N VAL A 43 7.45 0.72 -3.19
CA VAL A 43 6.19 1.44 -3.16
C VAL A 43 6.04 2.24 -1.87
N VAL A 44 6.38 1.60 -0.76
CA VAL A 44 6.31 2.25 0.54
C VAL A 44 7.17 3.50 0.53
N PHE A 45 8.30 3.41 -0.14
CA PHE A 45 9.22 4.54 -0.26
C PHE A 45 8.58 5.65 -1.07
N ALA A 46 7.75 5.24 -2.02
CA ALA A 46 7.05 6.19 -2.88
C ALA A 46 6.03 7.00 -2.10
N ILE A 47 4.84 6.43 -1.95
CA ILE A 47 3.76 7.09 -1.22
C ILE A 47 4.30 7.85 -0.02
N GLU A 48 5.13 7.18 0.78
CA GLU A 48 5.72 7.81 1.96
C GLU A 48 6.44 9.08 1.57
N GLN A 49 7.07 9.06 0.40
CA GLN A 49 7.78 10.21 -0.11
C GLN A 49 6.84 11.40 -0.24
N GLU A 50 5.63 11.14 -0.70
CA GLU A 50 4.64 12.18 -0.86
C GLU A 50 3.49 11.99 0.12
N PHE A 51 3.82 11.50 1.31
CA PHE A 51 2.83 11.27 2.35
C PHE A 51 3.33 11.74 3.72
N ILE A 52 4.61 12.09 3.80
CA ILE A 52 5.19 12.56 5.05
C ILE A 52 5.20 11.46 6.11
N LEU A 53 5.40 10.22 5.68
CA LEU A 53 5.43 9.08 6.59
C LEU A 53 5.89 7.82 5.87
N ASP A 54 6.80 7.08 6.51
CA ASP A 54 7.34 5.86 5.94
C ASP A 54 6.51 4.65 6.36
N ILE A 55 6.34 3.71 5.44
CA ILE A 55 5.57 2.50 5.71
C ILE A 55 6.48 1.37 6.19
N PRO A 56 7.74 1.37 5.76
CA PRO A 56 8.71 0.34 6.14
C PRO A 56 8.66 0.01 7.63
N ASP A 57 9.66 -0.75 8.10
CA ASP A 57 9.72 -1.13 9.50
C ASP A 57 8.61 -2.11 9.85
N HIS A 58 8.68 -2.69 11.05
CA HIS A 58 7.68 -3.64 11.50
C HIS A 58 6.28 -3.20 11.07
N ASP A 59 6.12 -1.89 10.85
CA ASP A 59 4.83 -1.35 10.44
C ASP A 59 4.45 -1.84 9.04
N ALA A 60 5.41 -1.81 8.12
CA ALA A 60 5.18 -2.25 6.76
C ALA A 60 4.99 -3.76 6.69
N GLU A 61 5.58 -4.47 7.64
CA GLU A 61 5.49 -5.92 7.70
C GLU A 61 4.19 -6.34 8.39
N LYS A 62 3.67 -5.49 9.26
CA LYS A 62 2.45 -5.77 9.98
C LYS A 62 1.23 -5.68 9.07
N ILE A 63 1.48 -5.56 7.77
CA ILE A 63 0.41 -5.46 6.80
C ILE A 63 0.26 -6.74 6.00
N GLN A 64 -0.93 -7.33 6.06
CA GLN A 64 -1.20 -8.57 5.34
C GLN A 64 -2.32 -8.37 4.31
N SER A 65 -3.35 -7.64 4.70
CA SER A 65 -4.48 -7.39 3.81
C SER A 65 -4.25 -6.11 3.01
N ILE A 66 -5.08 -5.91 1.99
CA ILE A 66 -4.98 -4.74 1.13
C ILE A 66 -5.51 -3.50 1.84
N PRO A 67 -6.69 -3.60 2.46
CA PRO A 67 -7.32 -2.49 3.17
C PRO A 67 -6.55 -2.11 4.44
N ASP A 68 -5.81 -3.06 4.98
CA ASP A 68 -5.04 -2.82 6.19
C ASP A 68 -3.89 -1.85 5.92
N ALA A 69 -3.33 -1.95 4.72
CA ALA A 69 -2.23 -1.08 4.32
C ALA A 69 -2.71 0.34 4.04
N VAL A 70 -3.62 0.45 3.09
CA VAL A 70 -4.18 1.74 2.71
C VAL A 70 -4.99 2.35 3.84
N GLU A 71 -5.38 1.50 4.79
CA GLU A 71 -6.16 1.95 5.93
C GLU A 71 -5.32 2.81 6.87
N TYR A 72 -4.08 2.37 7.12
CA TYR A 72 -3.18 3.10 8.00
C TYR A 72 -2.75 4.41 7.36
N ILE A 73 -2.52 4.37 6.04
CA ILE A 73 -2.13 5.55 5.31
C ILE A 73 -3.27 6.56 5.25
N ALA A 74 -4.48 6.03 5.16
CA ALA A 74 -5.67 6.86 5.10
C ALA A 74 -5.77 7.78 6.31
N GLN A 75 -5.38 7.27 7.46
CA GLN A 75 -5.43 8.03 8.69
C GLN A 75 -4.27 9.00 8.78
N ASN A 76 -3.07 8.46 8.95
CA ASN A 76 -1.88 9.30 9.03
C ASN A 76 -2.13 10.63 8.34
N PRO A 77 -2.04 10.65 7.00
CA PRO A 77 -2.27 11.87 6.21
C PRO A 77 -3.66 12.45 6.44
N MET A 78 -4.65 11.58 6.66
CA MET A 78 -6.02 12.02 6.88
C MET A 78 -6.07 13.14 7.92
N ALA A 79 -5.01 13.25 8.71
CA ALA A 79 -4.94 14.28 9.75
C ALA A 79 -3.51 14.69 10.04
N LYS A 80 -2.60 14.38 9.12
CA LYS A 80 -1.19 14.71 9.28
C LYS A 80 -0.99 16.22 9.33
P24 PNS B . 13.20 -7.33 -0.27
O25 PNS B . 12.57 -5.86 -0.12
O26 PNS B . 13.41 -7.98 1.20
O27 PNS B . 14.62 -7.23 -1.01
C28 PNS B . 15.29 -8.49 -0.94
C29 PNS B . 14.76 -9.43 -2.02
C30 PNS B . 13.74 -10.36 -1.42
C31 PNS B . 14.11 -8.62 -3.11
C32 PNS B . 15.91 -10.23 -2.60
O33 PNS B . 16.30 -11.36 -1.82
C34 PNS B . 16.13 -10.25 -4.09
O35 PNS B . 15.68 -9.35 -4.80
N36 PNS B . 16.27 -11.50 -4.50
C37 PNS B . 17.54 -12.19 -4.60
C38 PNS B . 18.55 -11.67 -3.58
C39 PNS B . 19.50 -10.64 -4.18
O40 PNS B . 19.07 -9.59 -4.65
N41 PNS B . 20.68 -10.76 -3.60
C42 PNS B . 21.67 -11.78 -3.95
C43 PNS B . 21.15 -13.18 -3.69
S44 PNS B . 22.37 -14.42 -4.19
H282 PNS B . 15.12 -8.94 0.02
H281 PNS B . 16.35 -8.35 -1.10
H303 PNS B . 13.82 -10.33 -0.33
H302 PNS B . 13.94 -11.36 -1.76
H301 PNS B . 12.76 -10.06 -1.71
H313 PNS B . 13.64 -9.29 -3.82
H312 PNS B . 14.86 -8.02 -3.61
H311 PNS B . 13.37 -7.96 -2.68
H32 PNS B . 16.72 -9.56 -2.34
H33 PNS B . 16.14 -11.17 -0.89
H36 PNS B . 15.45 -12.00 -4.75
H372 PNS B . 17.94 -12.05 -5.59
H371 PNS B . 17.39 -13.25 -4.42
H382 PNS B . 18.01 -11.21 -2.77
H381 PNS B . 19.13 -12.50 -3.22
H41 PNS B . 20.93 -10.12 -2.89
H422 PNS B . 21.90 -11.68 -5.00
H421 PNS B . 22.57 -11.62 -3.37
H431 PNS B . 20.95 -13.30 -2.65
H432 PNS B . 20.25 -13.34 -4.27
H44 PNS B . 21.90 -15.21 -4.45
N MET A 1 -6.01 11.74 2.18
CA MET A 1 -7.25 10.93 2.27
C MET A 1 -7.29 9.87 1.18
N ASN A 2 -8.11 10.11 0.15
CA ASN A 2 -8.23 9.17 -0.96
C ASN A 2 -6.98 9.17 -1.83
N ASP A 3 -6.33 10.34 -1.91
CA ASP A 3 -5.13 10.48 -2.72
C ASP A 3 -4.11 9.40 -2.40
N VAL A 4 -4.16 8.88 -1.18
CA VAL A 4 -3.23 7.84 -0.74
C VAL A 4 -3.51 6.51 -1.43
N LEU A 5 -4.74 6.02 -1.31
CA LEU A 5 -5.13 4.75 -1.91
C LEU A 5 -5.15 4.85 -3.43
N THR A 6 -5.54 6.02 -3.93
CA THR A 6 -5.62 6.24 -5.37
C THR A 6 -4.27 6.11 -6.04
N ARG A 7 -3.32 6.92 -5.58
CA ARG A 7 -1.98 6.92 -6.15
C ARG A 7 -1.17 5.73 -5.65
N VAL A 8 -1.34 5.42 -4.36
CA VAL A 8 -0.62 4.31 -3.75
C VAL A 8 -1.05 2.97 -4.33
N LEU A 9 -2.36 2.73 -4.39
CA LEU A 9 -2.88 1.47 -4.94
C LEU A 9 -2.55 1.36 -6.42
N GLU A 10 -2.78 2.44 -7.17
CA GLU A 10 -2.52 2.46 -8.59
C GLU A 10 -1.04 2.30 -8.89
N VAL A 11 -0.21 2.84 -8.00
CA VAL A 11 1.23 2.79 -8.17
C VAL A 11 1.73 1.35 -8.24
N VAL A 12 1.39 0.57 -7.22
CA VAL A 12 1.80 -0.83 -7.16
C VAL A 12 1.07 -1.67 -8.20
N LYS A 13 -0.24 -1.46 -8.31
CA LYS A 13 -1.04 -2.21 -9.27
C LYS A 13 -0.56 -1.97 -10.70
N ASN A 14 -0.02 -0.78 -10.95
CA ASN A 14 0.48 -0.44 -12.27
C ASN A 14 2.00 -0.59 -12.33
N PHE A 15 2.60 -0.95 -11.21
CA PHE A 15 4.04 -1.14 -11.13
C PHE A 15 4.44 -2.47 -11.75
N GLU A 16 3.48 -3.37 -11.89
CA GLU A 16 3.72 -4.69 -12.48
C GLU A 16 3.40 -5.80 -11.49
N LYS A 17 2.96 -5.43 -10.29
CA LYS A 17 2.63 -6.42 -9.27
C LYS A 17 1.38 -7.22 -9.65
N VAL A 18 0.32 -6.51 -10.04
CA VAL A 18 -0.92 -7.16 -10.42
C VAL A 18 -2.01 -6.14 -10.73
N ASP A 19 -2.95 -6.52 -11.58
CA ASP A 19 -4.06 -5.64 -11.95
C ASP A 19 -4.98 -5.41 -10.77
N ALA A 20 -5.29 -4.14 -10.49
CA ALA A 20 -6.16 -3.79 -9.37
C ALA A 20 -7.52 -4.48 -9.51
N SER A 21 -7.80 -5.01 -10.69
CA SER A 21 -9.06 -5.69 -10.95
C SER A 21 -9.17 -6.98 -10.13
N LYS A 22 -8.03 -7.46 -9.66
CA LYS A 22 -7.99 -8.69 -8.87
C LYS A 22 -8.01 -8.38 -7.38
N VAL A 23 -7.80 -7.11 -7.04
CA VAL A 23 -7.80 -6.68 -5.64
C VAL A 23 -9.22 -6.50 -5.12
N THR A 24 -9.52 -7.19 -4.02
CA THR A 24 -10.82 -7.10 -3.40
C THR A 24 -10.73 -6.45 -2.02
N PRO A 25 -11.85 -5.92 -1.51
CA PRO A 25 -11.89 -5.26 -0.19
C PRO A 25 -11.38 -6.17 0.93
N GLU A 26 -11.66 -7.46 0.82
CA GLU A 26 -11.24 -8.42 1.82
C GLU A 26 -10.06 -9.25 1.32
N SER A 27 -9.48 -8.82 0.20
CA SER A 27 -8.35 -9.51 -0.39
C SER A 27 -7.04 -9.17 0.32
N HIS A 28 -6.24 -10.18 0.59
CA HIS A 28 -4.96 -9.99 1.26
C HIS A 28 -3.91 -9.50 0.27
N PHE A 29 -2.95 -8.72 0.77
CA PHE A 29 -1.89 -8.18 -0.07
C PHE A 29 -0.96 -9.28 -0.54
N VAL A 30 -0.01 -9.64 0.30
CA VAL A 30 0.95 -10.68 -0.02
C VAL A 30 0.31 -12.06 -0.01
N LYS A 31 -0.68 -12.22 0.84
CA LYS A 31 -1.37 -13.49 0.98
C LYS A 31 -2.29 -13.76 -0.20
N ASP A 32 -2.64 -12.72 -0.94
CA ASP A 32 -3.52 -12.85 -2.09
C ASP A 32 -2.78 -12.78 -3.42
N LEU A 33 -1.46 -12.61 -3.37
CA LEU A 33 -0.66 -12.53 -4.59
C LEU A 33 0.83 -12.38 -4.28
N GLY A 34 1.14 -11.75 -3.17
CA GLY A 34 2.52 -11.55 -2.78
C GLY A 34 3.28 -10.70 -3.78
N LEU A 35 3.46 -9.43 -3.43
CA LEU A 35 4.18 -8.50 -4.30
C LEU A 35 5.69 -8.72 -4.21
N ASN A 36 6.39 -8.39 -5.28
CA ASN A 36 7.84 -8.56 -5.33
C ASN A 36 8.52 -7.67 -4.29
N SER A 37 9.78 -7.96 -4.01
CA SER A 37 10.55 -7.19 -3.04
C SER A 37 10.73 -5.75 -3.51
N LEU A 38 11.40 -5.60 -4.63
CA LEU A 38 11.66 -4.28 -5.20
C LEU A 38 10.37 -3.50 -5.37
N ASP A 39 9.24 -4.19 -5.22
CA ASP A 39 7.94 -3.55 -5.35
C ASP A 39 7.57 -2.81 -4.07
N VAL A 40 6.79 -3.47 -3.22
CA VAL A 40 6.37 -2.87 -1.96
C VAL A 40 7.44 -1.93 -1.42
N VAL A 41 8.71 -2.25 -1.69
CA VAL A 41 9.83 -1.44 -1.23
C VAL A 41 9.84 -0.08 -1.91
N GLU A 42 9.77 -0.08 -3.24
CA GLU A 42 9.76 1.16 -4.01
C GLU A 42 8.49 1.95 -3.75
N VAL A 43 7.39 1.24 -3.62
CA VAL A 43 6.09 1.86 -3.38
C VAL A 43 6.04 2.47 -1.99
N VAL A 44 6.64 1.79 -1.03
CA VAL A 44 6.67 2.26 0.35
C VAL A 44 7.41 3.60 0.42
N PHE A 45 8.42 3.74 -0.41
CA PHE A 45 9.22 4.96 -0.45
C PHE A 45 8.40 6.09 -1.08
N ALA A 46 7.53 5.72 -2.00
CA ALA A 46 6.67 6.68 -2.69
C ALA A 46 5.74 7.39 -1.71
N ILE A 47 4.70 6.67 -1.30
CA ILE A 47 3.73 7.22 -0.36
C ILE A 47 4.42 7.89 0.82
N GLU A 48 5.48 7.28 1.33
CA GLU A 48 6.22 7.83 2.44
C GLU A 48 6.68 9.25 2.13
N GLN A 49 7.03 9.47 0.87
CA GLN A 49 7.48 10.78 0.42
C GLN A 49 6.36 11.81 0.55
N GLU A 50 5.19 11.49 0.00
CA GLU A 50 4.06 12.38 0.06
C GLU A 50 3.07 11.97 1.16
N PHE A 51 3.60 11.46 2.27
CA PHE A 51 2.78 11.03 3.37
C PHE A 51 3.33 11.53 4.71
N ILE A 52 4.63 11.84 4.74
CA ILE A 52 5.27 12.33 5.95
C ILE A 52 5.26 11.26 7.04
N LEU A 53 5.44 10.01 6.62
CA LEU A 53 5.47 8.88 7.54
C LEU A 53 5.96 7.62 6.83
N ASP A 54 6.79 6.85 7.52
CA ASP A 54 7.34 5.63 6.95
C ASP A 54 6.34 4.49 7.04
N ILE A 55 6.31 3.66 6.00
CA ILE A 55 5.40 2.52 5.95
C ILE A 55 6.14 1.20 6.17
N PRO A 56 7.33 1.06 5.57
CA PRO A 56 8.14 -0.16 5.69
C PRO A 56 8.34 -0.58 7.14
N ASP A 57 9.38 -1.36 7.38
CA ASP A 57 9.68 -1.84 8.73
C ASP A 57 8.61 -2.83 9.20
N HIS A 58 8.52 -2.99 10.51
CA HIS A 58 7.54 -3.91 11.09
C HIS A 58 6.12 -3.49 10.73
N ASP A 59 5.96 -2.22 10.36
CA ASP A 59 4.65 -1.69 9.99
C ASP A 59 4.18 -2.27 8.67
N ALA A 60 5.08 -2.30 7.69
CA ALA A 60 4.75 -2.84 6.38
C ALA A 60 4.66 -4.36 6.40
N GLU A 61 5.37 -4.97 7.35
CA GLU A 61 5.38 -6.41 7.49
C GLU A 61 4.14 -6.89 8.25
N LYS A 62 3.72 -6.11 9.24
CA LYS A 62 2.56 -6.45 10.04
C LYS A 62 1.27 -6.24 9.27
N ILE A 63 1.39 -6.01 7.96
CA ILE A 63 0.24 -5.80 7.10
C ILE A 63 -0.02 -7.01 6.22
N GLN A 64 -1.22 -7.57 6.33
CA GLN A 64 -1.60 -8.72 5.55
C GLN A 64 -2.79 -8.41 4.65
N SER A 65 -3.65 -7.51 5.10
CA SER A 65 -4.83 -7.12 4.35
C SER A 65 -4.56 -5.85 3.54
N ILE A 66 -5.14 -5.78 2.34
CA ILE A 66 -4.97 -4.61 1.48
C ILE A 66 -5.57 -3.36 2.10
N PRO A 67 -6.81 -3.47 2.61
CA PRO A 67 -7.51 -2.34 3.24
C PRO A 67 -6.86 -1.90 4.54
N ASP A 68 -6.29 -2.85 5.27
CA ASP A 68 -5.64 -2.55 6.54
C ASP A 68 -4.39 -1.71 6.31
N ALA A 69 -3.79 -1.86 5.14
CA ALA A 69 -2.58 -1.13 4.79
C ALA A 69 -2.90 0.32 4.47
N VAL A 70 -3.64 0.52 3.40
CA VAL A 70 -4.01 1.87 2.96
C VAL A 70 -4.94 2.53 3.98
N GLU A 71 -5.50 1.73 4.87
CA GLU A 71 -6.39 2.24 5.90
C GLU A 71 -5.62 3.04 6.94
N TYR A 72 -4.49 2.51 7.37
CA TYR A 72 -3.66 3.18 8.37
C TYR A 72 -3.04 4.45 7.80
N ILE A 73 -2.45 4.32 6.62
CA ILE A 73 -1.81 5.46 5.96
C ILE A 73 -2.85 6.47 5.50
N ALA A 74 -4.05 5.99 5.22
CA ALA A 74 -5.13 6.85 4.77
C ALA A 74 -5.54 7.85 5.86
N GLN A 75 -5.54 7.37 7.09
CA GLN A 75 -5.91 8.20 8.23
C GLN A 75 -4.76 9.11 8.64
N ASN A 76 -3.58 8.52 8.79
CA ASN A 76 -2.40 9.28 9.18
C ASN A 76 -2.38 10.60 8.41
N PRO A 77 -1.89 10.58 7.17
CA PRO A 77 -1.82 11.77 6.32
C PRO A 77 -3.17 12.47 6.19
N MET A 78 -4.26 11.69 6.16
CA MET A 78 -5.59 12.26 6.05
C MET A 78 -5.83 13.30 7.13
N ALA A 79 -5.02 13.26 8.19
CA ALA A 79 -5.14 14.19 9.28
C ALA A 79 -3.90 15.08 9.39
N LYS A 80 -2.75 14.44 9.44
CA LYS A 80 -1.48 15.15 9.55
C LYS A 80 -1.24 16.02 8.32
P24 PNS B . 13.90 -6.53 -3.52
O25 PNS B . 13.32 -7.08 -4.92
O26 PNS B . 14.09 -4.94 -3.59
O27 PNS B . 15.31 -7.24 -3.21
C28 PNS B . 16.03 -7.42 -4.43
C29 PNS B . 16.11 -8.89 -4.76
C30 PNS B . 14.77 -9.55 -4.49
C31 PNS B . 16.45 -9.07 -6.21
C32 PNS B . 17.18 -9.56 -3.90
O33 PNS B . 17.18 -9.13 -2.55
C34 PNS B . 17.67 -10.93 -4.26
O35 PNS B . 18.50 -11.50 -3.56
N36 PNS B . 16.72 -11.58 -4.93
C37 PNS B . 15.97 -12.70 -4.39
C38 PNS B . 16.67 -13.34 -3.21
C39 PNS B . 16.61 -12.48 -1.95
O40 PNS B . 17.59 -12.35 -1.23
N41 PNS B . 15.70 -11.52 -2.11
C42 PNS B . 14.62 -11.26 -1.16
C43 PNS B . 13.25 -11.56 -1.76
S44 PNS B . 12.97 -13.35 -1.88
H282 PNS B . 17.04 -7.03 -4.32
H281 PNS B . 15.51 -6.90 -5.23
H303 PNS B . 14.89 -10.61 -4.45
H302 PNS B . 14.08 -9.28 -5.27
H301 PNS B . 14.40 -9.19 -3.53
H313 PNS B . 15.83 -9.84 -6.65
H312 PNS B . 17.49 -9.36 -6.31
H311 PNS B . 16.30 -8.13 -6.73
H32 PNS B . 18.03 -8.99 -4.25
H33 PNS B . 17.91 -8.52 -2.40
H36 PNS B . 16.52 -11.30 -5.84
H372 PNS B . 15.84 -13.44 -5.16
H371 PNS B . 15.00 -12.34 -4.06
H382 PNS B . 16.20 -14.29 -2.99
H381 PNS B . 17.71 -13.50 -3.46
H41 PNS B . 15.75 -10.96 -2.91
H422 PNS B . 14.76 -11.89 -0.30
H421 PNS B . 14.65 -10.22 -0.88
H431 PNS B . 12.49 -11.13 -1.14
H432 PNS B . 13.20 -11.14 -2.75
H44 PNS B . 12.08 -13.48 -2.22
N MET A 1 -6.45 11.35 1.92
CA MET A 1 -7.63 10.46 1.80
C MET A 1 -7.57 9.63 0.52
N ASN A 2 -8.08 10.20 -0.57
CA ASN A 2 -8.08 9.53 -1.86
C ASN A 2 -6.68 9.46 -2.45
N ASP A 3 -5.88 10.47 -2.15
CA ASP A 3 -4.51 10.54 -2.65
C ASP A 3 -3.73 9.26 -2.37
N VAL A 4 -4.07 8.58 -1.29
CA VAL A 4 -3.38 7.35 -0.91
C VAL A 4 -3.71 6.18 -1.84
N LEU A 5 -4.99 5.87 -1.97
CA LEU A 5 -5.42 4.77 -2.83
C LEU A 5 -5.17 5.08 -4.30
N THR A 6 -5.33 6.34 -4.67
CA THR A 6 -5.14 6.77 -6.05
C THR A 6 -3.71 6.54 -6.53
N ARG A 7 -2.77 7.13 -5.82
CA ARG A 7 -1.36 7.01 -6.17
C ARG A 7 -0.80 5.66 -5.75
N VAL A 8 -1.14 5.24 -4.54
CA VAL A 8 -0.66 3.97 -4.01
C VAL A 8 -1.19 2.81 -4.83
N LEU A 9 -2.50 2.79 -5.08
CA LEU A 9 -3.11 1.73 -5.86
C LEU A 9 -2.51 1.66 -7.25
N GLU A 10 -2.37 2.83 -7.88
CA GLU A 10 -1.79 2.92 -9.21
C GLU A 10 -0.34 2.47 -9.21
N VAL A 11 0.34 2.76 -8.11
CA VAL A 11 1.74 2.40 -7.95
C VAL A 11 1.95 0.90 -8.08
N VAL A 12 1.23 0.14 -7.27
CA VAL A 12 1.32 -1.30 -7.27
C VAL A 12 0.76 -1.89 -8.57
N LYS A 13 -0.42 -1.42 -8.95
CA LYS A 13 -1.07 -1.90 -10.17
C LYS A 13 -0.13 -1.76 -11.36
N ASN A 14 0.47 -0.59 -11.52
CA ASN A 14 1.38 -0.33 -12.61
C ASN A 14 2.78 -0.81 -12.27
N PHE A 15 2.94 -1.32 -11.05
CA PHE A 15 4.24 -1.83 -10.60
C PHE A 15 4.61 -3.08 -11.38
N GLU A 16 3.60 -3.78 -11.88
CA GLU A 16 3.81 -4.99 -12.66
C GLU A 16 3.39 -6.23 -11.87
N LYS A 17 3.14 -6.04 -10.58
CA LYS A 17 2.73 -7.14 -9.71
C LYS A 17 1.35 -7.65 -10.10
N VAL A 18 0.40 -6.74 -10.25
CA VAL A 18 -0.96 -7.11 -10.63
C VAL A 18 -1.87 -5.89 -10.63
N ASP A 19 -3.04 -6.04 -11.24
CA ASP A 19 -4.01 -4.96 -11.31
C ASP A 19 -4.54 -4.61 -9.92
N ALA A 20 -4.09 -3.47 -9.39
CA ALA A 20 -4.52 -3.03 -8.06
C ALA A 20 -6.03 -2.87 -7.99
N SER A 21 -6.67 -2.77 -9.16
CA SER A 21 -8.10 -2.61 -9.24
C SER A 21 -8.82 -3.86 -8.73
N LYS A 22 -8.09 -4.98 -8.70
CA LYS A 22 -8.65 -6.24 -8.26
C LYS A 22 -8.63 -6.32 -6.73
N VAL A 23 -7.88 -5.44 -6.10
CA VAL A 23 -7.79 -5.41 -4.64
C VAL A 23 -9.16 -5.27 -4.00
N THR A 24 -9.48 -6.20 -3.12
CA THR A 24 -10.76 -6.20 -2.43
C THR A 24 -10.57 -5.96 -0.94
N PRO A 25 -11.65 -5.55 -0.24
CA PRO A 25 -11.61 -5.28 1.20
C PRO A 25 -11.10 -6.48 1.99
N GLU A 26 -11.44 -7.68 1.54
CA GLU A 26 -11.02 -8.90 2.19
C GLU A 26 -9.84 -9.55 1.47
N SER A 27 -9.47 -8.95 0.33
CA SER A 27 -8.36 -9.47 -0.47
C SER A 27 -7.07 -9.47 0.33
N HIS A 28 -6.31 -10.56 0.24
CA HIS A 28 -5.06 -10.69 0.95
C HIS A 28 -3.94 -9.97 0.21
N PHE A 29 -2.97 -9.45 0.96
CA PHE A 29 -1.84 -8.74 0.37
C PHE A 29 -0.96 -9.68 -0.44
N VAL A 30 0.34 -9.61 -0.21
CA VAL A 30 1.30 -10.46 -0.91
C VAL A 30 0.71 -11.84 -1.18
N LYS A 31 -0.15 -12.28 -0.28
CA LYS A 31 -0.79 -13.58 -0.40
C LYS A 31 -1.75 -13.60 -1.58
N ASP A 32 -2.61 -12.60 -1.66
CA ASP A 32 -3.59 -12.51 -2.73
C ASP A 32 -2.99 -11.81 -3.95
N LEU A 33 -1.67 -11.60 -3.93
CA LEU A 33 -0.98 -10.95 -5.03
C LEU A 33 -0.44 -9.59 -4.59
N GLY A 34 0.10 -9.54 -3.38
CA GLY A 34 0.64 -8.29 -2.88
C GLY A 34 1.99 -7.95 -3.49
N LEU A 35 2.48 -6.75 -3.19
CA LEU A 35 3.76 -6.30 -3.72
C LEU A 35 4.91 -7.14 -3.15
N ASN A 36 5.75 -7.64 -4.05
CA ASN A 36 6.88 -8.46 -3.65
C ASN A 36 7.87 -7.65 -2.82
N SER A 37 8.99 -8.27 -2.44
CA SER A 37 10.00 -7.59 -1.66
C SER A 37 10.43 -6.30 -2.33
N LEU A 38 10.99 -6.44 -3.53
CA LEU A 38 11.44 -5.30 -4.30
C LEU A 38 10.30 -4.31 -4.52
N ASP A 39 9.09 -4.85 -4.63
CA ASP A 39 7.91 -4.04 -4.83
C ASP A 39 7.53 -3.33 -3.55
N VAL A 40 6.85 -4.05 -2.66
CA VAL A 40 6.43 -3.49 -1.39
C VAL A 40 7.34 -2.34 -0.96
N VAL A 41 8.63 -2.49 -1.22
CA VAL A 41 9.61 -1.48 -0.87
C VAL A 41 9.46 -0.24 -1.74
N GLU A 42 9.29 -0.45 -3.04
CA GLU A 42 9.13 0.64 -3.98
C GLU A 42 7.83 1.37 -3.74
N VAL A 43 6.78 0.61 -3.50
CA VAL A 43 5.46 1.17 -3.24
C VAL A 43 5.44 1.89 -1.91
N VAL A 44 5.94 1.22 -0.88
CA VAL A 44 6.01 1.81 0.45
C VAL A 44 6.83 3.08 0.41
N PHE A 45 7.82 3.10 -0.47
CA PHE A 45 8.69 4.24 -0.63
C PHE A 45 7.94 5.36 -1.35
N ALA A 46 7.05 4.96 -2.25
CA ALA A 46 6.25 5.88 -3.02
C ALA A 46 5.28 6.63 -2.12
N ILE A 47 4.44 5.87 -1.43
CA ILE A 47 3.45 6.45 -0.52
C ILE A 47 4.13 7.35 0.51
N GLU A 48 5.30 6.93 0.98
CA GLU A 48 6.05 7.71 1.96
C GLU A 48 6.28 9.12 1.44
N GLN A 49 6.49 9.23 0.14
CA GLN A 49 6.72 10.52 -0.49
C GLN A 49 5.44 11.36 -0.44
N GLU A 50 4.30 10.71 -0.69
CA GLU A 50 3.03 11.40 -0.67
C GLU A 50 2.23 11.07 0.59
N PHE A 51 2.94 10.89 1.70
CA PHE A 51 2.30 10.57 2.96
C PHE A 51 2.90 11.39 4.11
N ILE A 52 4.14 11.82 3.96
CA ILE A 52 4.81 12.61 4.99
C ILE A 52 5.03 11.79 6.25
N LEU A 53 5.25 10.48 6.07
CA LEU A 53 5.46 9.58 7.18
C LEU A 53 6.06 8.27 6.70
N ASP A 54 6.72 7.55 7.61
CA ASP A 54 7.34 6.27 7.26
C ASP A 54 6.31 5.15 7.23
N ILE A 55 6.48 4.23 6.30
CA ILE A 55 5.58 3.11 6.16
C ILE A 55 6.30 1.78 6.26
N PRO A 56 7.41 1.62 5.50
CA PRO A 56 8.20 0.38 5.52
C PRO A 56 8.63 -0.02 6.93
N ASP A 57 9.66 -0.85 7.01
CA ASP A 57 10.17 -1.32 8.30
C ASP A 57 9.17 -2.25 8.97
N HIS A 58 9.21 -2.30 10.29
CA HIS A 58 8.30 -3.15 11.05
C HIS A 58 6.86 -2.74 10.83
N ASP A 59 6.66 -1.46 10.49
CA ASP A 59 5.31 -0.93 10.26
C ASP A 59 4.68 -1.58 9.02
N ALA A 60 5.46 -1.67 7.95
CA ALA A 60 4.98 -2.26 6.71
C ALA A 60 4.87 -3.77 6.83
N GLU A 61 5.65 -4.35 7.73
CA GLU A 61 5.66 -5.79 7.94
C GLU A 61 4.45 -6.21 8.78
N LYS A 62 4.00 -5.31 9.65
CA LYS A 62 2.86 -5.59 10.51
C LYS A 62 1.55 -5.55 9.72
N ILE A 63 1.66 -5.57 8.40
CA ILE A 63 0.49 -5.53 7.53
C ILE A 63 0.57 -6.60 6.45
N GLN A 64 -0.42 -7.48 6.41
CA GLN A 64 -0.47 -8.54 5.43
C GLN A 64 -1.71 -8.41 4.54
N SER A 65 -2.59 -7.49 4.91
CA SER A 65 -3.82 -7.26 4.15
C SER A 65 -3.79 -5.90 3.47
N ILE A 66 -4.52 -5.78 2.37
CA ILE A 66 -4.59 -4.54 1.61
C ILE A 66 -5.35 -3.47 2.39
N PRO A 67 -6.45 -3.85 3.04
CA PRO A 67 -7.27 -2.92 3.83
C PRO A 67 -6.45 -2.18 4.87
N ASP A 68 -6.01 -2.88 5.91
CA ASP A 68 -5.22 -2.28 6.96
C ASP A 68 -4.03 -1.53 6.36
N ALA A 69 -3.75 -1.79 5.09
CA ALA A 69 -2.65 -1.15 4.39
C ALA A 69 -2.95 0.31 4.11
N VAL A 70 -3.56 0.57 2.95
CA VAL A 70 -3.89 1.92 2.55
C VAL A 70 -4.95 2.55 3.46
N GLU A 71 -5.62 1.70 4.23
CA GLU A 71 -6.66 2.18 5.14
C GLU A 71 -6.06 2.92 6.33
N TYR A 72 -5.19 2.25 7.08
CA TYR A 72 -4.56 2.86 8.25
C TYR A 72 -3.75 4.08 7.86
N ILE A 73 -2.91 3.92 6.84
CA ILE A 73 -2.07 5.02 6.37
C ILE A 73 -2.92 6.19 5.89
N ALA A 74 -3.96 5.86 5.13
CA ALA A 74 -4.87 6.87 4.60
C ALA A 74 -5.42 7.76 5.71
N GLN A 75 -5.72 7.13 6.84
CA GLN A 75 -6.25 7.85 7.99
C GLN A 75 -5.14 8.57 8.74
N ASN A 76 -3.90 8.18 8.47
CA ASN A 76 -2.75 8.80 9.12
C ASN A 76 -2.64 10.27 8.71
N PRO A 77 -2.32 10.55 7.44
CA PRO A 77 -2.19 11.91 6.94
C PRO A 77 -3.53 12.64 6.96
N MET A 78 -4.61 11.91 6.70
CA MET A 78 -5.95 12.49 6.69
C MET A 78 -6.36 12.89 8.10
N ALA A 79 -5.68 12.32 9.09
CA ALA A 79 -5.97 12.60 10.48
C ALA A 79 -5.19 13.82 10.96
N LYS A 80 -3.95 13.58 11.33
CA LYS A 80 -3.07 14.65 11.81
C LYS A 80 -3.22 15.89 10.95
P24 PNS B . 13.27 -7.77 -0.28
O25 PNS B . 13.24 -6.32 -0.95
O26 PNS B . 13.94 -7.68 1.19
O27 PNS B . 14.14 -8.77 -1.20
C28 PNS B . 14.30 -8.19 -2.50
C29 PNS B . 14.33 -9.30 -3.54
C30 PNS B . 13.17 -10.23 -3.32
C31 PNS B . 14.23 -8.69 -4.92
C32 PNS B . 15.64 -10.07 -3.43
O33 PNS B . 15.62 -11.11 -2.45
C34 PNS B . 16.55 -10.18 -4.62
O35 PNS B . 17.15 -9.21 -5.05
N36 PNS B . 16.13 -11.18 -5.40
C37 PNS B . 16.54 -11.35 -6.78
C38 PNS B . 17.69 -12.35 -6.92
C39 PNS B . 19.04 -11.73 -6.66
O40 PNS B . 20.08 -12.28 -7.01
N41 PNS B . 18.97 -10.94 -5.58
C42 PNS B . 19.43 -11.35 -4.27
C43 PNS B . 18.79 -12.65 -3.81
S44 PNS B . 19.53 -13.24 -2.27
H282 PNS B . 15.23 -7.65 -2.54
H281 PNS B . 13.47 -7.54 -2.72
H303 PNS B . 13.53 -11.26 -3.31
H302 PNS B . 12.46 -10.11 -4.13
H301 PNS B . 12.70 -10.00 -2.39
H313 PNS B . 13.20 -8.64 -5.22
H312 PNS B . 14.78 -9.30 -5.63
H311 PNS B . 14.65 -7.70 -4.90
H32 PNS B . 16.21 -9.34 -2.88
H33 PNS B . 15.45 -11.95 -2.89
H36 PNS B . 15.50 -11.84 -5.03
H372 PNS B . 16.87 -10.39 -7.18
H371 PNS B . 15.70 -11.70 -7.37
H382 PNS B . 17.53 -13.14 -6.21
H381 PNS B . 17.68 -12.75 -7.92
H41 PNS B . 18.59 -10.05 -5.68
H422 PNS B . 20.51 -11.47 -4.28
H421 PNS B . 19.18 -10.57 -3.55
H431 PNS B . 17.74 -12.50 -3.66
H432 PNS B . 18.96 -13.40 -4.57
H44 PNS B . 19.41 -12.55 -1.60
N MET A 1 -7.29 9.99 2.63
CA MET A 1 -8.42 10.32 1.72
C MET A 1 -8.28 9.60 0.38
N ASN A 2 -8.90 10.14 -0.65
CA ASN A 2 -8.85 9.55 -1.98
C ASN A 2 -7.47 9.75 -2.60
N ASP A 3 -6.83 10.86 -2.27
CA ASP A 3 -5.51 11.17 -2.79
C ASP A 3 -4.53 10.03 -2.57
N VAL A 4 -4.65 9.35 -1.44
CA VAL A 4 -3.77 8.24 -1.12
C VAL A 4 -4.05 7.03 -2.01
N LEU A 5 -5.33 6.68 -2.14
CA LEU A 5 -5.72 5.55 -2.96
C LEU A 5 -5.44 5.80 -4.44
N THR A 6 -5.59 7.05 -4.84
CA THR A 6 -5.36 7.43 -6.23
C THR A 6 -3.95 7.10 -6.69
N ARG A 7 -2.98 7.65 -5.97
CA ARG A 7 -1.57 7.43 -6.29
C ARG A 7 -1.10 6.06 -5.83
N VAL A 8 -1.47 5.72 -4.59
CA VAL A 8 -1.07 4.45 -4.01
C VAL A 8 -1.61 3.27 -4.83
N LEU A 9 -2.90 3.30 -5.12
CA LEU A 9 -3.53 2.24 -5.90
C LEU A 9 -2.90 2.12 -7.28
N GLU A 10 -2.69 3.26 -7.94
CA GLU A 10 -2.10 3.29 -9.26
C GLU A 10 -0.65 2.80 -9.22
N VAL A 11 0.02 3.08 -8.12
CA VAL A 11 1.41 2.69 -7.94
C VAL A 11 1.59 1.18 -8.05
N VAL A 12 0.79 0.46 -7.26
CA VAL A 12 0.86 -1.00 -7.25
C VAL A 12 0.34 -1.60 -8.54
N LYS A 13 -0.87 -1.20 -8.92
CA LYS A 13 -1.50 -1.71 -10.14
C LYS A 13 -0.58 -1.51 -11.34
N ASN A 14 -0.06 -0.29 -11.50
CA ASN A 14 0.83 0.01 -12.61
C ASN A 14 2.26 -0.39 -12.28
N PHE A 15 2.48 -0.89 -11.07
CA PHE A 15 3.80 -1.32 -10.64
C PHE A 15 4.23 -2.56 -11.42
N GLU A 16 3.26 -3.32 -11.90
CA GLU A 16 3.52 -4.53 -12.65
C GLU A 16 3.18 -5.77 -11.83
N LYS A 17 2.88 -5.56 -10.55
CA LYS A 17 2.54 -6.66 -9.66
C LYS A 17 1.26 -7.36 -10.10
N VAL A 18 0.22 -6.56 -10.36
CA VAL A 18 -1.06 -7.11 -10.80
C VAL A 18 -2.11 -6.02 -10.93
N ASP A 19 -3.22 -6.35 -11.58
CA ASP A 19 -4.31 -5.40 -11.77
C ASP A 19 -4.94 -5.01 -10.44
N ALA A 20 -4.97 -3.72 -10.15
CA ALA A 20 -5.55 -3.23 -8.90
C ALA A 20 -7.00 -3.64 -8.76
N SER A 21 -7.61 -4.01 -9.89
CA SER A 21 -9.01 -4.43 -9.90
C SER A 21 -9.19 -5.75 -9.14
N LYS A 22 -8.09 -6.49 -9.00
CA LYS A 22 -8.13 -7.77 -8.30
C LYS A 22 -8.05 -7.57 -6.78
N VAL A 23 -7.65 -6.37 -6.37
CA VAL A 23 -7.53 -6.05 -4.95
C VAL A 23 -8.89 -5.67 -4.36
N THR A 24 -9.27 -6.38 -3.29
CA THR A 24 -10.54 -6.11 -2.63
C THR A 24 -10.30 -5.59 -1.22
N PRO A 25 -11.30 -4.89 -0.64
CA PRO A 25 -11.19 -4.32 0.71
C PRO A 25 -10.84 -5.37 1.77
N GLU A 26 -11.35 -6.58 1.60
CA GLU A 26 -11.09 -7.65 2.55
C GLU A 26 -9.99 -8.59 2.03
N SER A 27 -9.47 -8.28 0.85
CA SER A 27 -8.43 -9.10 0.24
C SER A 27 -7.13 -9.01 1.04
N HIS A 28 -6.41 -10.13 1.10
CA HIS A 28 -5.16 -10.18 1.82
C HIS A 28 -4.03 -9.59 0.98
N PHE A 29 -3.04 -9.01 1.66
CA PHE A 29 -1.91 -8.39 0.98
C PHE A 29 -1.06 -9.44 0.28
N VAL A 30 -0.13 -10.03 1.03
CA VAL A 30 0.76 -11.05 0.48
C VAL A 30 -0.02 -12.25 -0.02
N LYS A 31 -1.14 -12.53 0.62
CA LYS A 31 -1.99 -13.65 0.24
C LYS A 31 -2.67 -13.40 -1.10
N ASP A 32 -3.01 -12.14 -1.36
CA ASP A 32 -3.68 -11.77 -2.60
C ASP A 32 -2.66 -11.50 -3.70
N LEU A 33 -1.39 -11.83 -3.44
CA LEU A 33 -0.33 -11.61 -4.40
C LEU A 33 0.48 -10.37 -4.05
N GLY A 34 0.79 -10.22 -2.77
CA GLY A 34 1.55 -9.09 -2.31
C GLY A 34 2.81 -8.86 -3.14
N LEU A 35 3.27 -7.62 -3.17
CA LEU A 35 4.47 -7.27 -3.93
C LEU A 35 5.70 -7.95 -3.35
N ASN A 36 6.73 -8.12 -4.18
CA ASN A 36 7.97 -8.76 -3.74
C ASN A 36 8.67 -7.91 -2.69
N SER A 37 9.82 -8.39 -2.23
CA SER A 37 10.59 -7.67 -1.22
C SER A 37 11.05 -6.32 -1.76
N LEU A 38 11.85 -6.37 -2.81
CA LEU A 38 12.37 -5.16 -3.43
C LEU A 38 11.24 -4.22 -3.84
N ASP A 39 10.08 -4.81 -4.11
CA ASP A 39 8.91 -4.02 -4.51
C ASP A 39 8.29 -3.35 -3.31
N VAL A 40 7.45 -4.08 -2.59
CA VAL A 40 6.78 -3.55 -1.42
C VAL A 40 7.63 -2.49 -0.74
N VAL A 41 8.95 -2.66 -0.80
CA VAL A 41 9.87 -1.71 -0.18
C VAL A 41 9.92 -0.41 -0.97
N GLU A 42 10.02 -0.51 -2.29
CA GLU A 42 10.07 0.67 -3.14
C GLU A 42 8.74 1.40 -3.15
N VAL A 43 7.67 0.63 -3.26
CA VAL A 43 6.32 1.19 -3.27
C VAL A 43 5.96 1.77 -1.91
N VAL A 44 6.19 0.98 -0.88
CA VAL A 44 5.91 1.40 0.49
C VAL A 44 6.69 2.67 0.80
N PHE A 45 7.89 2.74 0.25
CA PHE A 45 8.76 3.89 0.46
C PHE A 45 8.29 5.09 -0.34
N ALA A 46 7.71 4.80 -1.48
CA ALA A 46 7.19 5.82 -2.37
C ALA A 46 6.09 6.63 -1.71
N ILE A 47 5.11 5.93 -1.14
CA ILE A 47 3.99 6.57 -0.47
C ILE A 47 4.47 7.40 0.72
N GLU A 48 5.43 6.86 1.47
CA GLU A 48 5.96 7.56 2.62
C GLU A 48 6.45 8.95 2.23
N GLN A 49 7.02 9.03 1.03
CA GLN A 49 7.52 10.29 0.51
C GLN A 49 6.36 11.27 0.28
N GLU A 50 5.28 10.76 -0.32
CA GLU A 50 4.12 11.58 -0.59
C GLU A 50 3.04 11.33 0.45
N PHE A 51 3.46 11.07 1.69
CA PHE A 51 2.54 10.82 2.78
C PHE A 51 2.98 11.54 4.06
N ILE A 52 4.23 11.98 4.10
CA ILE A 52 4.76 12.68 5.27
C ILE A 52 4.81 11.76 6.49
N LEU A 53 5.10 10.49 6.24
CA LEU A 53 5.18 9.51 7.31
C LEU A 53 5.87 8.24 6.82
N ASP A 54 6.47 7.50 7.75
CA ASP A 54 7.17 6.27 7.40
C ASP A 54 6.19 5.12 7.22
N ILE A 55 6.47 4.26 6.25
CA ILE A 55 5.61 3.12 5.97
C ILE A 55 6.37 1.80 6.11
N PRO A 56 7.37 1.57 5.24
CA PRO A 56 8.17 0.35 5.26
C PRO A 56 8.64 -0.02 6.68
N ASP A 57 9.58 -0.94 6.76
CA ASP A 57 10.11 -1.37 8.05
C ASP A 57 9.08 -2.22 8.79
N HIS A 58 9.17 -2.21 10.12
CA HIS A 58 8.25 -2.97 10.95
C HIS A 58 6.82 -2.47 10.79
N ASP A 59 6.68 -1.19 10.48
CA ASP A 59 5.37 -0.57 10.30
C ASP A 59 4.66 -1.16 9.08
N ALA A 60 5.39 -1.28 7.98
CA ALA A 60 4.82 -1.82 6.74
C ALA A 60 4.79 -3.35 6.78
N GLU A 61 5.68 -3.93 7.57
CA GLU A 61 5.75 -5.38 7.70
C GLU A 61 4.70 -5.90 8.67
N LYS A 62 4.23 -5.03 9.56
CA LYS A 62 3.23 -5.41 10.54
C LYS A 62 1.86 -5.58 9.88
N ILE A 63 1.81 -5.46 8.56
CA ILE A 63 0.57 -5.60 7.83
C ILE A 63 0.53 -6.91 7.05
N GLN A 64 -0.57 -7.64 7.18
CA GLN A 64 -0.74 -8.90 6.50
C GLN A 64 -1.92 -8.85 5.54
N SER A 65 -2.74 -7.82 5.66
CA SER A 65 -3.91 -7.67 4.80
C SER A 65 -3.87 -6.33 4.05
N ILE A 66 -4.58 -6.27 2.93
CA ILE A 66 -4.63 -5.06 2.12
C ILE A 66 -5.30 -3.93 2.88
N PRO A 67 -6.40 -4.21 3.60
CA PRO A 67 -7.12 -3.21 4.37
C PRO A 67 -6.21 -2.38 5.26
N ASP A 68 -5.73 -2.98 6.34
CA ASP A 68 -4.84 -2.28 7.25
C ASP A 68 -3.75 -1.54 6.50
N ALA A 69 -3.55 -1.91 5.23
CA ALA A 69 -2.54 -1.29 4.39
C ALA A 69 -2.93 0.13 4.00
N VAL A 70 -3.67 0.25 2.91
CA VAL A 70 -4.10 1.55 2.40
C VAL A 70 -5.06 2.22 3.37
N GLU A 71 -5.68 1.43 4.23
CA GLU A 71 -6.62 1.95 5.22
C GLU A 71 -5.90 2.81 6.24
N TYR A 72 -4.73 2.34 6.68
CA TYR A 72 -3.94 3.06 7.67
C TYR A 72 -3.38 4.35 7.07
N ILE A 73 -2.91 4.26 5.84
CA ILE A 73 -2.35 5.42 5.15
C ILE A 73 -3.45 6.43 4.83
N ALA A 74 -4.65 5.92 4.60
CA ALA A 74 -5.79 6.78 4.29
C ALA A 74 -6.14 7.66 5.48
N GLN A 75 -6.24 7.03 6.64
CA GLN A 75 -6.59 7.74 7.87
C GLN A 75 -5.36 8.44 8.43
N ASN A 76 -4.52 7.69 9.11
CA ASN A 76 -3.31 8.26 9.69
C ASN A 76 -2.87 9.47 8.88
N PRO A 77 -2.33 9.25 7.67
CA PRO A 77 -1.88 10.35 6.81
C PRO A 77 -2.98 11.36 6.55
N MET A 78 -4.22 10.90 6.45
CA MET A 78 -5.35 11.79 6.21
C MET A 78 -5.38 12.91 7.25
N ALA A 79 -4.70 12.67 8.36
CA ALA A 79 -4.64 13.65 9.44
C ALA A 79 -3.29 14.36 9.45
N LYS A 80 -2.28 13.70 8.89
CA LYS A 80 -0.94 14.26 8.82
C LYS A 80 -0.92 15.72 9.30
P24 PNS B . 11.45 -10.93 -0.46
O25 PNS B . 12.17 -10.69 0.96
O26 PNS B . 9.84 -10.94 -0.25
O27 PNS B . 11.91 -12.33 -1.08
C28 PNS B . 13.33 -12.47 -0.93
C29 PNS B . 14.01 -12.27 -2.28
C30 PNS B . 13.13 -12.83 -3.37
C31 PNS B . 14.24 -10.80 -2.52
C32 PNS B . 15.34 -13.01 -2.29
O33 PNS B . 15.46 -14.01 -3.29
C34 PNS B . 16.57 -12.31 -1.79
O35 PNS B . 17.38 -12.88 -1.05
N36 PNS B . 16.94 -11.38 -2.67
C37 PNS B . 17.94 -10.35 -2.40
C38 PNS B . 19.29 -10.70 -3.02
C39 PNS B . 19.14 -11.50 -4.31
O40 PNS B . 19.95 -11.36 -5.23
N41 PNS B . 18.53 -12.65 -4.05
C42 PNS B . 18.17 -13.61 -5.08
C43 PNS B . 16.86 -13.25 -5.78
S44 PNS B . 16.96 -11.59 -6.49
H282 PNS B . 13.57 -13.45 -0.57
H281 PNS B . 13.70 -11.72 -0.25
H303 PNS B . 12.91 -13.87 -3.16
H302 PNS B . 13.63 -12.75 -4.32
H301 PNS B . 12.20 -12.28 -3.40
H313 PNS B . 14.85 -10.68 -3.40
H312 PNS B . 14.74 -10.37 -1.67
H311 PNS B . 13.29 -10.31 -2.67
H32 PNS B . 15.18 -13.65 -1.43
H33 PNS B . 14.62 -14.45 -3.40
H36 PNS B . 16.50 -11.37 -3.55
H372 PNS B . 18.07 -10.27 -1.33
H371 PNS B . 17.61 -9.41 -2.80
H382 PNS B . 19.81 -9.79 -3.24
H381 PNS B . 19.85 -11.29 -2.32
H41 PNS B . 18.29 -12.85 -3.12
H422 PNS B . 18.96 -13.65 -5.82
H421 PNS B . 18.05 -14.59 -4.62
H431 PNS B . 16.67 -13.96 -6.57
H432 PNS B . 16.05 -13.27 -5.07
H44 PNS B . 17.01 -11.68 -7.45
N MET A 1 -7.58 12.63 0.95
CA MET A 1 -8.38 11.37 1.06
C MET A 1 -8.20 10.49 -0.17
N ASN A 2 -8.89 10.84 -1.24
CA ASN A 2 -8.82 10.08 -2.48
C ASN A 2 -7.40 10.09 -3.04
N ASP A 3 -6.68 11.18 -2.79
CA ASP A 3 -5.32 11.32 -3.27
C ASP A 3 -4.46 10.11 -2.87
N VAL A 4 -4.81 9.50 -1.75
CA VAL A 4 -4.09 8.34 -1.25
C VAL A 4 -4.32 7.09 -2.11
N LEU A 5 -5.58 6.73 -2.29
CA LEU A 5 -5.93 5.56 -3.09
C LEU A 5 -5.61 5.75 -4.57
N THR A 6 -5.77 6.98 -5.03
CA THR A 6 -5.50 7.29 -6.44
C THR A 6 -4.04 7.05 -6.82
N ARG A 7 -3.15 7.70 -6.11
CA ARG A 7 -1.72 7.58 -6.36
C ARG A 7 -1.18 6.26 -5.81
N VAL A 8 -1.60 5.93 -4.60
CA VAL A 8 -1.15 4.71 -3.95
C VAL A 8 -1.62 3.47 -4.70
N LEU A 9 -2.92 3.42 -5.00
CA LEU A 9 -3.49 2.29 -5.73
C LEU A 9 -2.88 2.17 -7.11
N GLU A 10 -2.74 3.30 -7.80
CA GLU A 10 -2.17 3.32 -9.14
C GLU A 10 -0.71 2.89 -9.12
N VAL A 11 -0.03 3.22 -8.04
CA VAL A 11 1.37 2.89 -7.88
C VAL A 11 1.60 1.38 -7.96
N VAL A 12 0.89 0.66 -7.12
CA VAL A 12 1.00 -0.80 -7.09
C VAL A 12 0.43 -1.42 -8.35
N LYS A 13 -0.76 -0.95 -8.74
CA LYS A 13 -1.42 -1.45 -9.94
C LYS A 13 -0.49 -1.37 -11.14
N ASN A 14 0.12 -0.20 -11.34
CA ASN A 14 1.03 0.01 -12.45
C ASN A 14 2.43 -0.48 -12.10
N PHE A 15 2.59 -0.95 -10.86
CA PHE A 15 3.88 -1.45 -10.40
C PHE A 15 4.26 -2.71 -11.17
N GLU A 16 3.24 -3.43 -11.64
CA GLU A 16 3.44 -4.66 -12.40
C GLU A 16 3.07 -5.88 -11.57
N LYS A 17 2.65 -5.64 -10.33
CA LYS A 17 2.26 -6.73 -9.44
C LYS A 17 0.95 -7.36 -9.89
N VAL A 18 -0.05 -6.52 -10.14
CA VAL A 18 -1.35 -7.00 -10.58
C VAL A 18 -2.35 -5.86 -10.70
N ASP A 19 -3.41 -6.08 -11.49
CA ASP A 19 -4.44 -5.07 -11.68
C ASP A 19 -5.25 -4.87 -10.40
N ALA A 20 -5.69 -3.64 -10.18
CA ALA A 20 -6.47 -3.32 -8.99
C ALA A 20 -7.82 -4.02 -9.01
N SER A 21 -8.24 -4.46 -10.18
CA SER A 21 -9.53 -5.15 -10.33
C SER A 21 -9.53 -6.48 -9.61
N LYS A 22 -8.35 -7.03 -9.34
CA LYS A 22 -8.23 -8.30 -8.65
C LYS A 22 -8.04 -8.07 -7.16
N VAL A 23 -8.20 -6.82 -6.75
CA VAL A 23 -8.05 -6.45 -5.35
C VAL A 23 -9.38 -6.50 -4.62
N THR A 24 -9.41 -7.27 -3.53
CA THR A 24 -10.61 -7.40 -2.72
C THR A 24 -10.41 -6.79 -1.33
N PRO A 25 -11.49 -6.64 -0.56
CA PRO A 25 -11.43 -6.07 0.78
C PRO A 25 -10.67 -6.97 1.75
N GLU A 26 -10.80 -8.29 1.57
CA GLU A 26 -10.12 -9.25 2.41
C GLU A 26 -8.92 -9.86 1.69
N SER A 27 -8.46 -9.18 0.64
CA SER A 27 -7.33 -9.67 -0.14
C SER A 27 -6.06 -9.74 0.72
N HIS A 28 -5.38 -10.87 0.64
CA HIS A 28 -4.15 -11.08 1.40
C HIS A 28 -2.96 -10.45 0.69
N PHE A 29 -1.98 -10.00 1.46
CA PHE A 29 -0.79 -9.37 0.90
C PHE A 29 0.05 -10.40 0.15
N VAL A 30 1.37 -10.30 0.29
CA VAL A 30 2.28 -11.22 -0.38
C VAL A 30 1.67 -12.61 -0.51
N LYS A 31 0.84 -12.96 0.46
CA LYS A 31 0.18 -14.25 0.48
C LYS A 31 -0.81 -14.38 -0.68
N ASP A 32 -1.60 -13.33 -0.88
CA ASP A 32 -2.59 -13.31 -1.95
C ASP A 32 -1.97 -12.83 -3.25
N LEU A 33 -0.64 -12.72 -3.28
CA LEU A 33 0.07 -12.27 -4.47
C LEU A 33 0.62 -10.86 -4.27
N GLY A 34 1.10 -10.58 -3.06
CA GLY A 34 1.65 -9.27 -2.76
C GLY A 34 2.88 -8.96 -3.59
N LEU A 35 3.27 -7.69 -3.62
CA LEU A 35 4.43 -7.26 -4.38
C LEU A 35 5.71 -7.84 -3.79
N ASN A 36 6.63 -8.23 -4.67
CA ASN A 36 7.90 -8.80 -4.25
C ASN A 36 8.50 -8.00 -3.09
N SER A 37 9.67 -8.42 -2.62
CA SER A 37 10.34 -7.74 -1.53
C SER A 37 10.74 -6.33 -1.96
N LEU A 38 11.58 -6.26 -2.97
CA LEU A 38 12.05 -4.99 -3.50
C LEU A 38 10.88 -4.14 -3.97
N ASP A 39 9.72 -4.78 -4.11
CA ASP A 39 8.52 -4.10 -4.55
C ASP A 39 7.93 -3.27 -3.42
N VAL A 40 7.13 -3.91 -2.59
CA VAL A 40 6.51 -3.25 -1.45
C VAL A 40 7.48 -2.25 -0.83
N VAL A 41 8.76 -2.55 -0.89
CA VAL A 41 9.79 -1.68 -0.34
C VAL A 41 9.87 -0.36 -1.11
N GLU A 42 9.86 -0.45 -2.43
CA GLU A 42 9.92 0.74 -3.27
C GLU A 42 8.63 1.54 -3.19
N VAL A 43 7.52 0.83 -3.20
CA VAL A 43 6.21 1.45 -3.13
C VAL A 43 6.00 2.13 -1.79
N VAL A 44 6.50 1.50 -0.74
CA VAL A 44 6.39 2.05 0.61
C VAL A 44 7.09 3.40 0.70
N PHE A 45 8.27 3.49 0.07
CA PHE A 45 9.04 4.71 0.06
C PHE A 45 8.31 5.78 -0.74
N ALA A 46 7.49 5.33 -1.68
CA ALA A 46 6.73 6.24 -2.53
C ALA A 46 5.67 6.97 -1.72
N ILE A 47 4.54 6.30 -1.52
CA ILE A 47 3.44 6.88 -0.75
C ILE A 47 3.94 7.51 0.54
N GLU A 48 4.93 6.87 1.17
CA GLU A 48 5.49 7.38 2.41
C GLU A 48 5.96 8.81 2.19
N GLN A 49 6.48 9.07 1.01
CA GLN A 49 6.95 10.41 0.65
C GLN A 49 5.76 11.36 0.57
N GLU A 50 4.65 10.87 0.03
CA GLU A 50 3.46 11.66 -0.09
C GLU A 50 2.44 11.30 0.98
N PHE A 51 2.95 10.94 2.16
CA PHE A 51 2.09 10.57 3.28
C PHE A 51 2.64 11.09 4.62
N ILE A 52 3.90 11.53 4.64
CA ILE A 52 4.51 12.05 5.85
C ILE A 52 4.64 10.97 6.92
N LEU A 53 4.89 9.74 6.47
CA LEU A 53 5.05 8.62 7.39
C LEU A 53 5.63 7.41 6.67
N ASP A 54 6.60 6.75 7.29
CA ASP A 54 7.25 5.58 6.71
C ASP A 54 6.41 4.34 6.94
N ILE A 55 6.39 3.46 5.95
CA ILE A 55 5.63 2.22 6.03
C ILE A 55 6.53 1.04 6.38
N PRO A 56 7.76 1.02 5.85
CA PRO A 56 8.72 -0.06 6.12
C PRO A 56 8.85 -0.37 7.59
N ASP A 57 9.90 -1.10 7.95
CA ASP A 57 10.14 -1.49 9.33
C ASP A 57 8.99 -2.34 9.87
N HIS A 58 9.13 -2.79 11.12
CA HIS A 58 8.11 -3.61 11.75
C HIS A 58 6.71 -3.14 11.37
N ASP A 59 6.61 -1.85 11.02
CA ASP A 59 5.33 -1.27 10.64
C ASP A 59 4.78 -1.93 9.38
N ALA A 60 5.64 -2.13 8.39
CA ALA A 60 5.24 -2.76 7.14
C ALA A 60 5.05 -4.26 7.32
N GLU A 61 5.74 -4.82 8.30
CA GLU A 61 5.66 -6.25 8.58
C GLU A 61 4.39 -6.57 9.37
N LYS A 62 3.90 -5.59 10.11
CA LYS A 62 2.70 -5.77 10.92
C LYS A 62 1.46 -5.82 10.03
N ILE A 63 1.65 -5.58 8.74
CA ILE A 63 0.54 -5.60 7.79
C ILE A 63 0.58 -6.84 6.91
N GLN A 64 -0.49 -7.61 6.95
CA GLN A 64 -0.58 -8.83 6.16
C GLN A 64 -1.74 -8.76 5.17
N SER A 65 -2.61 -7.77 5.35
CA SER A 65 -3.75 -7.58 4.46
C SER A 65 -3.64 -6.28 3.68
N ILE A 66 -4.19 -6.29 2.47
CA ILE A 66 -4.16 -5.10 1.62
C ILE A 66 -4.90 -3.94 2.25
N PRO A 67 -6.10 -4.19 2.80
CA PRO A 67 -6.91 -3.16 3.45
C PRO A 67 -6.14 -2.40 4.51
N ASP A 68 -5.98 -3.00 5.68
CA ASP A 68 -5.26 -2.37 6.79
C ASP A 68 -4.01 -1.67 6.27
N ALA A 69 -3.55 -2.08 5.10
CA ALA A 69 -2.35 -1.50 4.49
C ALA A 69 -2.58 -0.04 4.13
N VAL A 70 -3.20 0.18 2.98
CA VAL A 70 -3.48 1.53 2.50
C VAL A 70 -4.48 2.23 3.40
N GLU A 71 -5.17 1.46 4.24
CA GLU A 71 -6.15 2.03 5.16
C GLU A 71 -5.47 2.88 6.22
N TYR A 72 -4.47 2.30 6.88
CA TYR A 72 -3.73 3.01 7.92
C TYR A 72 -2.96 4.18 7.34
N ILE A 73 -2.40 3.98 6.15
CA ILE A 73 -1.63 5.01 5.49
C ILE A 73 -2.51 6.18 5.08
N ALA A 74 -3.63 5.86 4.43
CA ALA A 74 -4.56 6.89 3.99
C ALA A 74 -5.00 7.76 5.15
N GLN A 75 -5.19 7.13 6.30
CA GLN A 75 -5.61 7.83 7.50
C GLN A 75 -4.42 8.53 8.14
N ASN A 76 -3.22 8.12 7.76
CA ASN A 76 -2.00 8.72 8.30
C ASN A 76 -1.94 10.20 7.94
N PRO A 77 -1.75 10.51 6.64
CA PRO A 77 -1.67 11.90 6.17
C PRO A 77 -3.00 12.62 6.32
N MET A 78 -4.10 11.88 6.14
CA MET A 78 -5.43 12.46 6.26
C MET A 78 -5.70 12.89 7.70
N ALA A 79 -4.92 12.36 8.62
CA ALA A 79 -5.07 12.69 10.03
C ALA A 79 -4.24 13.91 10.40
N LYS A 80 -3.07 14.02 9.78
CA LYS A 80 -2.17 15.14 10.04
C LYS A 80 -2.73 16.43 9.45
P24 PNS B . 12.35 -10.69 -0.18
O25 PNS B . 12.18 -10.10 1.31
O26 PNS B . 12.00 -12.26 -0.17
O27 PNS B . 13.87 -10.48 -0.66
C28 PNS B . 14.33 -11.68 -1.30
C29 PNS B . 15.32 -11.31 -2.40
C30 PNS B . 15.04 -12.17 -3.61
C31 PNS B . 15.18 -9.86 -2.74
C32 PNS B . 16.73 -11.59 -1.91
O33 PNS B . 17.53 -12.34 -2.82
C34 PNS B . 17.40 -10.63 -0.96
O35 PNS B . 17.10 -10.61 0.23
N36 PNS B . 17.78 -9.54 -1.63
C37 PNS B . 18.77 -8.60 -1.13
C38 PNS B . 19.97 -8.49 -2.06
C39 PNS B . 20.74 -9.79 -2.18
O40 PNS B . 21.97 -9.81 -2.14
N41 PNS B . 20.02 -10.65 -2.90
C42 PNS B . 20.57 -11.89 -3.46
C43 PNS B . 19.99 -12.19 -4.83
S44 PNS B . 20.94 -11.36 -6.13
H282 PNS B . 13.50 -12.21 -1.73
H281 PNS B . 14.84 -12.30 -0.57
H303 PNS B . 14.40 -11.61 -4.28
H302 PNS B . 14.56 -13.08 -3.31
H301 PNS B . 15.97 -12.39 -4.11
H313 PNS B . 15.90 -9.60 -3.51
H312 PNS B . 15.36 -9.26 -1.87
H311 PNS B . 14.18 -9.67 -3.11
H32 PNS B . 16.52 -12.37 -1.19
H33 PNS B . 17.58 -11.88 -3.65
H36 PNS B . 17.38 -9.37 -2.51
H372 PNS B . 19.11 -8.92 -0.16
H371 PNS B . 18.30 -7.62 -1.05
H382 PNS B . 19.63 -8.19 -3.04
H381 PNS B . 20.64 -7.73 -1.68
H41 PNS B . 19.07 -10.46 -3.05
H422 PNS B . 21.64 -11.78 -3.55
H421 PNS B . 20.34 -12.71 -2.80
H431 PNS B . 20.03 -13.25 -5.01
H432 PNS B . 18.97 -11.84 -4.88
H44 PNS B . 20.92 -10.42 -5.95
N MET A 1 -8.35 12.86 0.24
CA MET A 1 -8.24 11.48 0.79
C MET A 1 -8.06 10.46 -0.32
N ASN A 2 -8.76 10.67 -1.44
CA ASN A 2 -8.68 9.76 -2.57
C ASN A 2 -7.25 9.69 -3.12
N ASP A 3 -6.53 10.80 -3.01
CA ASP A 3 -5.16 10.87 -3.49
C ASP A 3 -4.33 9.71 -2.94
N VAL A 4 -4.73 9.19 -1.79
CA VAL A 4 -4.03 8.08 -1.17
C VAL A 4 -4.21 6.79 -1.97
N LEU A 5 -5.46 6.42 -2.21
CA LEU A 5 -5.78 5.23 -2.97
C LEU A 5 -5.36 5.36 -4.42
N THR A 6 -5.47 6.57 -4.95
CA THR A 6 -5.11 6.85 -6.34
C THR A 6 -3.65 6.59 -6.62
N ARG A 7 -2.80 7.25 -5.85
CA ARG A 7 -1.37 7.12 -6.03
C ARG A 7 -0.86 5.82 -5.44
N VAL A 8 -1.35 5.47 -4.26
CA VAL A 8 -0.95 4.26 -3.59
C VAL A 8 -1.40 3.03 -4.36
N LEU A 9 -2.69 3.00 -4.70
CA LEU A 9 -3.26 1.88 -5.44
C LEU A 9 -2.70 1.82 -6.86
N GLU A 10 -2.57 2.99 -7.49
CA GLU A 10 -2.04 3.07 -8.85
C GLU A 10 -0.58 2.65 -8.87
N VAL A 11 0.11 2.96 -7.79
CA VAL A 11 1.52 2.64 -7.65
C VAL A 11 1.77 1.14 -7.78
N VAL A 12 1.08 0.37 -6.96
CA VAL A 12 1.22 -1.08 -6.98
C VAL A 12 0.68 -1.68 -8.27
N LYS A 13 -0.55 -1.28 -8.63
CA LYS A 13 -1.19 -1.78 -9.84
C LYS A 13 -0.29 -1.57 -11.06
N ASN A 14 0.23 -0.36 -11.20
CA ASN A 14 1.09 -0.03 -12.32
C ASN A 14 2.53 -0.44 -12.05
N PHE A 15 2.77 -0.96 -10.84
CA PHE A 15 4.10 -1.39 -10.45
C PHE A 15 4.49 -2.66 -11.19
N GLU A 16 3.49 -3.38 -11.67
CA GLU A 16 3.71 -4.62 -12.41
C GLU A 16 3.40 -5.83 -11.55
N LYS A 17 3.15 -5.60 -10.27
CA LYS A 17 2.83 -6.67 -9.34
C LYS A 17 1.52 -7.34 -9.72
N VAL A 18 0.49 -6.54 -9.95
CA VAL A 18 -0.82 -7.06 -10.32
C VAL A 18 -1.85 -5.94 -10.42
N ASP A 19 -2.87 -6.16 -11.26
CA ASP A 19 -3.92 -5.17 -11.44
C ASP A 19 -4.72 -4.98 -10.16
N ALA A 20 -4.68 -3.76 -9.62
CA ALA A 20 -5.41 -3.44 -8.40
C ALA A 20 -6.89 -3.76 -8.54
N SER A 21 -7.34 -3.98 -9.77
CA SER A 21 -8.74 -4.28 -10.04
C SER A 21 -9.15 -5.63 -9.44
N LYS A 22 -8.15 -6.48 -9.16
CA LYS A 22 -8.42 -7.78 -8.58
C LYS A 22 -8.38 -7.71 -7.06
N VAL A 23 -8.28 -6.49 -6.54
CA VAL A 23 -8.22 -6.27 -5.11
C VAL A 23 -9.62 -6.09 -4.52
N THR A 24 -9.94 -6.90 -3.52
CA THR A 24 -11.23 -6.83 -2.86
C THR A 24 -11.10 -6.25 -1.46
N PRO A 25 -12.24 -5.92 -0.83
CA PRO A 25 -12.25 -5.35 0.52
C PRO A 25 -11.58 -6.26 1.54
N GLU A 26 -11.75 -7.57 1.36
CA GLU A 26 -11.16 -8.55 2.25
C GLU A 26 -9.94 -9.20 1.61
N SER A 27 -9.47 -8.62 0.52
CA SER A 27 -8.31 -9.13 -0.19
C SER A 27 -7.07 -9.10 0.68
N HIS A 28 -6.33 -10.21 0.70
CA HIS A 28 -5.12 -10.31 1.50
C HIS A 28 -3.95 -9.64 0.78
N PHE A 29 -3.02 -9.09 1.56
CA PHE A 29 -1.85 -8.43 1.00
C PHE A 29 -0.94 -9.42 0.29
N VAL A 30 0.36 -9.28 0.50
CA VAL A 30 1.34 -10.16 -0.12
C VAL A 30 0.81 -11.58 -0.22
N LYS A 31 -0.01 -11.95 0.76
CA LYS A 31 -0.60 -13.29 0.80
C LYS A 31 -1.49 -13.54 -0.41
N ASP A 32 -2.34 -12.56 -0.72
CA ASP A 32 -3.24 -12.66 -1.85
C ASP A 32 -2.57 -12.21 -3.13
N LEU A 33 -1.26 -12.01 -3.07
CA LEU A 33 -0.49 -11.57 -4.22
C LEU A 33 -0.15 -10.08 -4.11
N GLY A 34 0.22 -9.67 -2.90
CA GLY A 34 0.57 -8.29 -2.66
C GLY A 34 1.86 -7.88 -3.34
N LEU A 35 2.36 -6.69 -3.00
CA LEU A 35 3.60 -6.19 -3.58
C LEU A 35 4.79 -7.05 -3.16
N ASN A 36 5.60 -7.44 -4.13
CA ASN A 36 6.77 -8.26 -3.85
C ASN A 36 7.76 -7.52 -2.96
N SER A 37 8.93 -8.11 -2.74
CA SER A 37 9.96 -7.50 -1.92
C SER A 37 10.46 -6.22 -2.55
N LEU A 38 11.03 -6.35 -3.74
CA LEU A 38 11.55 -5.21 -4.48
C LEU A 38 10.46 -4.18 -4.73
N ASP A 39 9.23 -4.66 -4.88
CA ASP A 39 8.09 -3.79 -5.13
C ASP A 39 7.73 -3.02 -3.86
N VAL A 40 7.04 -3.69 -2.95
CA VAL A 40 6.62 -3.07 -1.70
C VAL A 40 7.62 -2.02 -1.24
N VAL A 41 8.91 -2.30 -1.42
CA VAL A 41 9.96 -1.38 -1.04
C VAL A 41 9.90 -0.10 -1.87
N GLU A 42 9.74 -0.25 -3.18
CA GLU A 42 9.67 0.90 -4.07
C GLU A 42 8.41 1.71 -3.79
N VAL A 43 7.33 1.01 -3.51
CA VAL A 43 6.06 1.65 -3.21
C VAL A 43 6.12 2.38 -1.89
N VAL A 44 6.82 1.80 -0.92
CA VAL A 44 6.97 2.41 0.38
C VAL A 44 7.63 3.77 0.25
N PHE A 45 8.56 3.88 -0.69
CA PHE A 45 9.26 5.12 -0.95
C PHE A 45 8.31 6.13 -1.59
N ALA A 46 7.46 5.63 -2.47
CA ALA A 46 6.49 6.47 -3.16
C ALA A 46 5.50 7.07 -2.18
N ILE A 47 4.77 6.21 -1.49
CA ILE A 47 3.80 6.65 -0.51
C ILE A 47 4.47 7.46 0.59
N GLU A 48 5.73 7.14 0.87
CA GLU A 48 6.48 7.84 1.91
C GLU A 48 6.47 9.34 1.62
N GLN A 49 6.51 9.68 0.34
CA GLN A 49 6.50 11.07 -0.07
C GLN A 49 5.09 11.64 0.03
N GLU A 50 4.10 10.84 -0.33
CA GLU A 50 2.71 11.27 -0.27
C GLU A 50 2.02 10.73 0.98
N PHE A 51 2.76 10.66 2.08
CA PHE A 51 2.21 10.16 3.33
C PHE A 51 2.98 10.73 4.53
N ILE A 52 4.28 10.95 4.35
CA ILE A 52 5.11 11.48 5.42
C ILE A 52 5.23 10.49 6.57
N LEU A 53 5.42 9.22 6.22
CA LEU A 53 5.56 8.16 7.20
C LEU A 53 6.10 6.89 6.56
N ASP A 54 7.00 6.21 7.27
CA ASP A 54 7.60 4.99 6.77
C ASP A 54 6.67 3.79 6.93
N ILE A 55 6.68 2.90 5.94
CA ILE A 55 5.84 1.72 5.97
C ILE A 55 6.66 0.46 6.26
N PRO A 56 7.86 0.35 5.68
CA PRO A 56 8.73 -0.81 5.87
C PRO A 56 8.93 -1.15 7.34
N ASP A 57 9.92 -1.99 7.62
CA ASP A 57 10.21 -2.40 8.99
C ASP A 57 9.01 -3.10 9.61
N HIS A 58 9.13 -3.45 10.88
CA HIS A 58 8.05 -4.14 11.59
C HIS A 58 6.69 -3.53 11.22
N ASP A 59 6.71 -2.30 10.73
CA ASP A 59 5.49 -1.61 10.34
C ASP A 59 4.88 -2.26 9.10
N ALA A 60 5.71 -2.56 8.12
CA ALA A 60 5.25 -3.18 6.89
C ALA A 60 4.89 -4.64 7.11
N GLU A 61 5.44 -5.22 8.16
CA GLU A 61 5.18 -6.62 8.49
C GLU A 61 3.84 -6.76 9.21
N LYS A 62 3.43 -5.70 9.91
CA LYS A 62 2.18 -5.71 10.65
C LYS A 62 0.98 -5.63 9.69
N ILE A 63 1.25 -5.79 8.40
CA ILE A 63 0.21 -5.74 7.40
C ILE A 63 -0.11 -7.12 6.85
N GLN A 64 -1.37 -7.53 6.98
CA GLN A 64 -1.80 -8.83 6.51
C GLN A 64 -2.76 -8.69 5.32
N SER A 65 -3.68 -7.74 5.42
CA SER A 65 -4.65 -7.50 4.36
C SER A 65 -4.44 -6.13 3.72
N ILE A 66 -5.01 -5.95 2.53
CA ILE A 66 -4.88 -4.69 1.80
C ILE A 66 -5.56 -3.56 2.58
N PRO A 67 -6.70 -3.85 3.21
CA PRO A 67 -7.46 -2.86 3.98
C PRO A 67 -6.58 -2.09 4.95
N ASP A 68 -6.10 -2.76 6.00
CA ASP A 68 -5.24 -2.13 6.99
C ASP A 68 -4.05 -1.46 6.32
N ALA A 69 -3.78 -1.84 5.07
CA ALA A 69 -2.68 -1.28 4.32
C ALA A 69 -2.91 0.19 4.00
N VAL A 70 -3.58 0.43 2.88
CA VAL A 70 -3.88 1.79 2.44
C VAL A 70 -4.82 2.50 3.42
N GLU A 71 -5.50 1.72 4.24
CA GLU A 71 -6.43 2.26 5.22
C GLU A 71 -5.67 2.98 6.34
N TYR A 72 -4.58 2.39 6.80
CA TYR A 72 -3.78 2.97 7.86
C TYR A 72 -3.08 4.24 7.38
N ILE A 73 -2.42 4.12 6.24
CA ILE A 73 -1.71 5.25 5.65
C ILE A 73 -2.67 6.33 5.19
N ALA A 74 -3.88 5.91 4.81
CA ALA A 74 -4.90 6.84 4.35
C ALA A 74 -5.34 7.78 5.45
N GLN A 75 -5.45 7.26 6.66
CA GLN A 75 -5.87 8.04 7.81
C GLN A 75 -4.71 8.84 8.38
N ASN A 76 -3.52 8.27 8.31
CA ASN A 76 -2.32 8.92 8.82
C ASN A 76 -2.12 10.28 8.17
N PRO A 77 -2.61 10.44 6.93
CA PRO A 77 -2.50 11.69 6.18
C PRO A 77 -3.73 12.58 6.36
N MET A 78 -4.90 11.95 6.47
CA MET A 78 -6.14 12.69 6.64
C MET A 78 -6.12 13.49 7.94
N ALA A 79 -5.24 13.12 8.85
CA ALA A 79 -5.12 13.81 10.13
C ALA A 79 -4.00 13.22 10.98
N LYS A 80 -2.85 12.98 10.35
CA LYS A 80 -1.69 12.43 11.04
C LYS A 80 -1.88 12.50 12.55
P24 PNS B . 11.16 -10.28 0.00
O25 PNS B . 11.78 -10.60 1.44
O26 PNS B . 9.60 -10.63 -0.01
O27 PNS B . 11.92 -11.15 -1.12
C28 PNS B . 13.24 -11.46 -0.68
C29 PNS B . 14.26 -10.92 -1.66
C30 PNS B . 14.76 -12.06 -2.52
C31 PNS B . 13.62 -9.88 -2.54
C32 PNS B . 15.43 -10.32 -0.90
O33 PNS B . 16.14 -11.23 -0.09
C34 PNS B . 16.13 -9.12 -1.47
O35 PNS B . 15.97 -7.99 -0.99
N36 PNS B . 16.38 -9.32 -2.77
C37 PNS B . 17.27 -10.35 -3.28
C38 PNS B . 18.73 -9.93 -3.16
C39 PNS B . 19.46 -10.64 -2.03
O40 PNS B . 20.01 -10.00 -1.14
N41 PNS B . 18.90 -11.84 -1.83
C42 PNS B . 19.12 -12.98 -2.71
C43 PNS B . 17.88 -13.31 -3.52
S44 PNS B . 17.88 -15.05 -4.03
H282 PNS B . 13.36 -12.52 -0.59
H281 PNS B . 13.41 -10.99 0.29
H303 PNS B . 15.48 -11.68 -3.24
H302 PNS B . 13.93 -12.52 -3.04
H301 PNS B . 15.24 -12.80 -1.89
H313 PNS B . 14.12 -9.86 -3.49
H312 PNS B . 13.71 -8.91 -2.06
H311 PNS B . 12.57 -10.12 -2.68
H32 PNS B . 14.88 -9.80 -0.13
H33 PNS B . 15.58 -11.99 0.12
H36 PNS B . 15.93 -8.74 -3.42
H372 PNS B . 17.04 -10.54 -4.32
H371 PNS B . 17.12 -11.25 -2.70
H382 PNS B . 19.23 -10.17 -4.08
H381 PNS B . 18.78 -8.87 -2.99
H41 PNS B . 18.31 -11.96 -1.05
H422 PNS B . 19.93 -12.76 -3.38
H421 PNS B . 19.38 -13.84 -2.10
H431 PNS B . 16.99 -13.12 -2.93
H432 PNS B . 17.86 -12.70 -4.41
H44 PNS B . 16.99 -15.27 -4.33
#